data_7BIT
# 
_entry.id   7BIT 
# 
_audit_conform.dict_name       mmcif_pdbx.dic 
_audit_conform.dict_version    5.392 
_audit_conform.dict_location   http://mmcif.pdb.org/dictionaries/ascii/mmcif_pdbx.dic 
# 
loop_
_database_2.database_id 
_database_2.database_code 
_database_2.pdbx_database_accession 
_database_2.pdbx_DOI 
PDB   7BIT         pdb_00007bit 10.2210/pdb7bit/pdb 
WWPDB D_1292113452 ?            ?                   
# 
loop_
_pdbx_audit_revision_history.ordinal 
_pdbx_audit_revision_history.data_content_type 
_pdbx_audit_revision_history.major_revision 
_pdbx_audit_revision_history.minor_revision 
_pdbx_audit_revision_history.revision_date 
1 'Structure model' 1 0 2021-04-07 
2 'Structure model' 2 0 2021-04-21 
3 'Structure model' 2 1 2024-05-15 
# 
_pdbx_audit_revision_details.ordinal             1 
_pdbx_audit_revision_details.revision_ordinal    1 
_pdbx_audit_revision_details.data_content_type   'Structure model' 
_pdbx_audit_revision_details.provider            repository 
_pdbx_audit_revision_details.type                'Initial release' 
_pdbx_audit_revision_details.description         ? 
_pdbx_audit_revision_details.details             ? 
# 
loop_
_pdbx_audit_revision_group.ordinal 
_pdbx_audit_revision_group.revision_ordinal 
_pdbx_audit_revision_group.data_content_type 
_pdbx_audit_revision_group.group 
1  2 'Structure model' Advisory                   
2  2 'Structure model' 'Atomic model'             
3  2 'Structure model' 'Database references'      
4  2 'Structure model' 'Derived calculations'     
5  2 'Structure model' 'Experimental preparation' 
6  2 'Structure model' 'Non-polymer description'  
7  2 'Structure model' 'Polymer sequence'         
8  2 'Structure model' 'Source and taxonomy'      
9  2 'Structure model' 'Structure summary'        
10 3 'Structure model' 'Data collection'          
11 3 'Structure model' 'Database references'      
# 
loop_
_pdbx_audit_revision_category.ordinal 
_pdbx_audit_revision_category.revision_ordinal 
_pdbx_audit_revision_category.data_content_type 
_pdbx_audit_revision_category.category 
1  2 'Structure model' atom_site                       
2  2 'Structure model' atom_site_anisotrop             
3  2 'Structure model' chem_comp                       
4  2 'Structure model' citation                        
5  2 'Structure model' citation_author                 
6  2 'Structure model' entity                          
7  2 'Structure model' entity_poly                     
8  2 'Structure model' entity_poly_seq                 
9  2 'Structure model' entity_src_gen                  
10 2 'Structure model' exptl_crystal                   
11 2 'Structure model' pdbx_poly_seq_scheme            
12 2 'Structure model' pdbx_struct_sheet_hbond         
13 2 'Structure model' pdbx_unobs_or_zero_occ_residues 
14 2 'Structure model' struct_conf                     
15 2 'Structure model' struct_ref                      
16 2 'Structure model' struct_ref_seq                  
17 2 'Structure model' struct_ref_seq_dif              
18 2 'Structure model' struct_sheet_range              
19 2 'Structure model' struct_site_gen                 
20 3 'Structure model' chem_comp_atom                  
21 3 'Structure model' chem_comp_bond                  
22 3 'Structure model' database_2                      
# 
loop_
_pdbx_audit_revision_item.ordinal 
_pdbx_audit_revision_item.revision_ordinal 
_pdbx_audit_revision_item.data_content_type 
_pdbx_audit_revision_item.item 
1  2 'Structure model' '_atom_site.label_seq_id'                       
2  2 'Structure model' '_atom_site_anisotrop.pdbx_label_seq_id'        
3  2 'Structure model' '_chem_comp.formula'                            
4  2 'Structure model' '_chem_comp.formula_weight'                     
5  2 'Structure model' '_chem_comp.id'                                 
6  2 'Structure model' '_chem_comp.mon_nstd_flag'                      
7  2 'Structure model' '_chem_comp.name'                               
8  2 'Structure model' '_chem_comp.type'                               
9  2 'Structure model' '_citation.journal_volume'                      
10 2 'Structure model' '_citation.page_first'                          
11 2 'Structure model' '_citation.page_last'                           
12 2 'Structure model' '_citation_author.identifier_ORCID'             
13 2 'Structure model' '_entity.formula_weight'                        
14 2 'Structure model' '_entity.pdbx_description'                      
15 2 'Structure model' '_entity.pdbx_ec'                               
16 2 'Structure model' '_entity_poly.pdbx_seq_one_letter_code'         
17 2 'Structure model' '_entity_poly.pdbx_seq_one_letter_code_can'     
18 2 'Structure model' '_exptl_crystal.density_Matthews'               
19 2 'Structure model' '_exptl_crystal.density_percent_sol'            
20 2 'Structure model' '_pdbx_struct_sheet_hbond.range_1_label_seq_id' 
21 2 'Structure model' '_pdbx_struct_sheet_hbond.range_2_label_seq_id' 
22 2 'Structure model' '_struct_conf.beg_label_seq_id'                 
23 2 'Structure model' '_struct_conf.end_label_seq_id'                 
24 2 'Structure model' '_struct_sheet_range.beg_label_seq_id'          
25 2 'Structure model' '_struct_sheet_range.end_label_seq_id'          
26 2 'Structure model' '_struct_site_gen.label_seq_id'                 
27 3 'Structure model' '_database_2.pdbx_DOI'                          
28 3 'Structure model' '_database_2.pdbx_database_accession'           
# 
_pdbx_database_status.status_code                     REL 
_pdbx_database_status.status_code_sf                  REL 
_pdbx_database_status.status_code_mr                  ? 
_pdbx_database_status.entry_id                        7BIT 
_pdbx_database_status.recvd_initial_deposition_date   2021-01-13 
_pdbx_database_status.SG_entry                        N 
_pdbx_database_status.deposit_site                    PDBE 
_pdbx_database_status.process_site                    PDBE 
_pdbx_database_status.status_code_cs                  ? 
_pdbx_database_status.status_code_nmr_data            ? 
_pdbx_database_status.methods_development_category    ? 
_pdbx_database_status.pdb_format_compatible           Y 
# 
_audit_author.name               'Williams, P.A.' 
_audit_author.pdbx_ordinal       1 
_audit_author.identifier_ORCID   0000-0002-1257-2351 
# 
_citation.abstract                  ? 
_citation.abstract_id_CAS           ? 
_citation.book_id_ISBN              ? 
_citation.book_publisher            ? 
_citation.book_publisher_city       ? 
_citation.book_title                ? 
_citation.coordinate_linkage        ? 
_citation.country                   US 
_citation.database_id_Medline       ? 
_citation.details                   ? 
_citation.id                        primary 
_citation.journal_abbrev            J.Med.Chem. 
_citation.journal_id_ASTM           JMCMAR 
_citation.journal_id_CSD            0151 
_citation.journal_id_ISSN           0022-2623 
_citation.journal_full              ? 
_citation.journal_issue             ? 
_citation.journal_volume            64 
_citation.language                  ? 
_citation.page_first                4071 
_citation.page_last                 4088 
_citation.title                     
'Structure-Based Design of Potent and Orally Active Isoindolinone Inhibitors of MDM2-p53 Protein-Protein Interaction.' 
_citation.year                      2021 
_citation.database_id_CSD           ? 
_citation.pdbx_database_id_DOI      10.1021/acs.jmedchem.0c02188 
_citation.pdbx_database_id_PubMed   33761253 
_citation.unpublished_flag          ? 
# 
loop_
_citation_author.citation_id 
_citation_author.name 
_citation_author.ordinal 
_citation_author.identifier_ORCID 
primary 'Chessari, G.'     1  ? 
primary 'Hardcastle, I.R.' 2  ? 
primary 'Ahn, J.S.'        3  ? 
primary 'Anil, B.'         4  ? 
primary 'Anscombe, E.'     5  ? 
primary 'Bawn, R.H.'       6  ? 
primary 'Bevan, L.D.'      7  ? 
primary 'Blackburn, T.J.'  8  ? 
primary 'Buck, I.'         9  ? 
primary 'Cano, C.'         10 ? 
primary 'Carbain, B.'      11 ? 
primary 'Castro, J.'       12 ? 
primary 'Cons, B.'         13 ? 
primary 'Cully, S.J.'      14 ? 
primary 'Endicott, J.A.'   15 ? 
primary 'Fazal, L.'        16 ? 
primary 'Golding, B.T.'    17 ? 
primary 'Griffin, R.J.'    18 ? 
primary 'Haggerty, K.'     19 ? 
primary 'Harnor, S.J.'     20 ? 
primary 'Hearn, K.'        21 ? 
primary 'Hobson, S.'       22 ? 
primary 'Holvey, R.S.'     23 ? 
primary 'Howard, S.'       24 ? 
primary 'Jennings, C.E.'   25 ? 
primary 'Johnson, C.N.'    26 ? 
primary 'Lunec, J.'        27 ? 
primary 'Miller, D.C.'     28 ? 
primary 'Newell, D.R.'     29 ? 
primary 'Noble, M.E.M.'    30 ? 
primary 'Reeks, J.'        31 ? 
primary 'Revill, C.H.'     32 ? 
primary 'Riedinger, C.'    33 ? 
primary 'St Denis, J.D.'   34 ? 
primary 'Tamanini, E.'     35 ? 
primary 'Thomas, H.'       36 ? 
primary 'Thompson, N.T.'   37 ? 
primary 'Vinkovic, M.'     38 ? 
primary 'Wedge, S.R.'      39 ? 
primary 'Williams, P.A.'   40 ? 
primary 'Wilsher, N.E.'    41 ? 
primary 'Zhang, B.'        42 ? 
primary 'Zhao, Y.'         43 ? 
# 
loop_
_entity.id 
_entity.type 
_entity.src_method 
_entity.pdbx_description 
_entity.formula_weight 
_entity.pdbx_number_of_molecules 
_entity.pdbx_ec 
_entity.pdbx_mutation 
_entity.pdbx_fragment 
_entity.details 
1 polymer     man 'E3 ubiquitin-protein ligase Mdm2' 12830.667 1  2.3.2.27 ? ? ? 
2 non-polymer syn 'SULFATE ION' 96.063    1  ?        ? ? ? 
3 non-polymer syn 
;(3~{R})-2-[(5-chloranylpyridin-2-yl)methyl]-3-(4-chlorophenyl)-4-fluoranyl-3-[(1-oxidanylcyclopropyl)methoxy]-6-(2-oxidanylpropan-2-yl)isoindol-1-one
;
531.403   1  ?        ? ? ? 
4 water       nat water 18.015    58 ?        ? ? ? 
# 
_entity_name_com.entity_id   1 
_entity_name_com.name        
'Double minute 2 protein,Hdm2,Oncoprotein Mdm2,RING-type E3 ubiquitin transferase Mdm2,p53-binding protein Mdm2' 
# 
_entity_poly.entity_id                      1 
_entity_poly.type                           'polypeptide(L)' 
_entity_poly.nstd_linkage                   no 
_entity_poly.nstd_monomer                   no 
_entity_poly.pdbx_seq_one_letter_code       
;GPLGSSQIPASEQETLVRPKPLLLKLLKSVGAQKDTYTMKEVLFYLGQYIMTKRLYDAAQQHIVYCSNDLLGDLFGVPSF
SVKEHRKIYTMIYRNLVVVNQQESSDSGTSVSEN
;
_entity_poly.pdbx_seq_one_letter_code_can   
;GPLGSSQIPASEQETLVRPKPLLLKLLKSVGAQKDTYTMKEVLFYLGQYIMTKRLYDAAQQHIVYCSNDLLGDLFGVPSF
SVKEHRKIYTMIYRNLVVVNQQESSDSGTSVSEN
;
_entity_poly.pdbx_strand_id                 A 
_entity_poly.pdbx_target_identifier         ? 
# 
loop_
_pdbx_entity_nonpoly.entity_id 
_pdbx_entity_nonpoly.name 
_pdbx_entity_nonpoly.comp_id 
2 'SULFATE ION' SO4 
3 
;(3~{R})-2-[(5-chloranylpyridin-2-yl)methyl]-3-(4-chlorophenyl)-4-fluoranyl-3-[(1-oxidanylcyclopropyl)methoxy]-6-(2-oxidanylpropan-2-yl)isoindol-1-one
;
TV5 
4 water HOH 
# 
loop_
_entity_poly_seq.entity_id 
_entity_poly_seq.num 
_entity_poly_seq.mon_id 
_entity_poly_seq.hetero 
1 1   GLY n 
1 2   PRO n 
1 3   LEU n 
1 4   GLY n 
1 5   SER n 
1 6   SER n 
1 7   GLN n 
1 8   ILE n 
1 9   PRO n 
1 10  ALA n 
1 11  SER n 
1 12  GLU n 
1 13  GLN n 
1 14  GLU n 
1 15  THR n 
1 16  LEU n 
1 17  VAL n 
1 18  ARG n 
1 19  PRO n 
1 20  LYS n 
1 21  PRO n 
1 22  LEU n 
1 23  LEU n 
1 24  LEU n 
1 25  LYS n 
1 26  LEU n 
1 27  LEU n 
1 28  LYS n 
1 29  SER n 
1 30  VAL n 
1 31  GLY n 
1 32  ALA n 
1 33  GLN n 
1 34  LYS n 
1 35  ASP n 
1 36  THR n 
1 37  TYR n 
1 38  THR n 
1 39  MET n 
1 40  LYS n 
1 41  GLU n 
1 42  VAL n 
1 43  LEU n 
1 44  PHE n 
1 45  TYR n 
1 46  LEU n 
1 47  GLY n 
1 48  GLN n 
1 49  TYR n 
1 50  ILE n 
1 51  MET n 
1 52  THR n 
1 53  LYS n 
1 54  ARG n 
1 55  LEU n 
1 56  TYR n 
1 57  ASP n 
1 58  ALA n 
1 59  ALA n 
1 60  GLN n 
1 61  GLN n 
1 62  HIS n 
1 63  ILE n 
1 64  VAL n 
1 65  TYR n 
1 66  CYS n 
1 67  SER n 
1 68  ASN n 
1 69  ASP n 
1 70  LEU n 
1 71  LEU n 
1 72  GLY n 
1 73  ASP n 
1 74  LEU n 
1 75  PHE n 
1 76  GLY n 
1 77  VAL n 
1 78  PRO n 
1 79  SER n 
1 80  PHE n 
1 81  SER n 
1 82  VAL n 
1 83  LYS n 
1 84  GLU n 
1 85  HIS n 
1 86  ARG n 
1 87  LYS n 
1 88  ILE n 
1 89  TYR n 
1 90  THR n 
1 91  MET n 
1 92  ILE n 
1 93  TYR n 
1 94  ARG n 
1 95  ASN n 
1 96  LEU n 
1 97  VAL n 
1 98  VAL n 
1 99  VAL n 
1 100 ASN n 
1 101 GLN n 
1 102 GLN n 
1 103 GLU n 
1 104 SER n 
1 105 SER n 
1 106 ASP n 
1 107 SER n 
1 108 GLY n 
1 109 THR n 
1 110 SER n 
1 111 VAL n 
1 112 SER n 
1 113 GLU n 
1 114 ASN n 
# 
_entity_src_gen.entity_id                          1 
_entity_src_gen.pdbx_src_id                        1 
_entity_src_gen.pdbx_alt_source_flag               sample 
_entity_src_gen.pdbx_seq_type                      'Biological sequence' 
_entity_src_gen.pdbx_beg_seq_num                   1 
_entity_src_gen.pdbx_end_seq_num                   114 
_entity_src_gen.gene_src_common_name               Human 
_entity_src_gen.gene_src_genus                     ? 
_entity_src_gen.pdbx_gene_src_gene                 MDM2 
_entity_src_gen.gene_src_species                   ? 
_entity_src_gen.gene_src_strain                    ? 
_entity_src_gen.gene_src_tissue                    ? 
_entity_src_gen.gene_src_tissue_fraction           ? 
_entity_src_gen.gene_src_details                   ? 
_entity_src_gen.pdbx_gene_src_fragment             ? 
_entity_src_gen.pdbx_gene_src_scientific_name      'Homo sapiens' 
_entity_src_gen.pdbx_gene_src_ncbi_taxonomy_id     9606 
_entity_src_gen.pdbx_gene_src_variant              ? 
_entity_src_gen.pdbx_gene_src_cell_line            ? 
_entity_src_gen.pdbx_gene_src_atcc                 ? 
_entity_src_gen.pdbx_gene_src_organ                ? 
_entity_src_gen.pdbx_gene_src_organelle            ? 
_entity_src_gen.pdbx_gene_src_cell                 ? 
_entity_src_gen.pdbx_gene_src_cellular_location    ? 
_entity_src_gen.host_org_common_name               ? 
_entity_src_gen.pdbx_host_org_scientific_name      'Escherichia coli BL21(DE3)' 
_entity_src_gen.pdbx_host_org_ncbi_taxonomy_id     469008 
_entity_src_gen.host_org_genus                     ? 
_entity_src_gen.pdbx_host_org_gene                 ? 
_entity_src_gen.pdbx_host_org_organ                ? 
_entity_src_gen.host_org_species                   ? 
_entity_src_gen.pdbx_host_org_tissue               ? 
_entity_src_gen.pdbx_host_org_tissue_fraction      ? 
_entity_src_gen.pdbx_host_org_strain               ? 
_entity_src_gen.pdbx_host_org_variant              pLysS 
_entity_src_gen.pdbx_host_org_cell_line            ? 
_entity_src_gen.pdbx_host_org_atcc                 ? 
_entity_src_gen.pdbx_host_org_culture_collection   ? 
_entity_src_gen.pdbx_host_org_cell                 ? 
_entity_src_gen.pdbx_host_org_organelle            ? 
_entity_src_gen.pdbx_host_org_cellular_location    ? 
_entity_src_gen.pdbx_host_org_vector_type          ? 
_entity_src_gen.pdbx_host_org_vector               ? 
_entity_src_gen.host_org_details                   ? 
_entity_src_gen.expression_system_id               ? 
_entity_src_gen.plasmid_name                       ? 
_entity_src_gen.plasmid_details                    ? 
_entity_src_gen.pdbx_description                   ? 
# 
loop_
_chem_comp.id 
_chem_comp.type 
_chem_comp.mon_nstd_flag 
_chem_comp.name 
_chem_comp.pdbx_synonyms 
_chem_comp.formula 
_chem_comp.formula_weight 
ALA 'L-peptide linking' y ALANINE ? 'C3 H7 N O2'          89.093  
ARG 'L-peptide linking' y ARGININE ? 'C6 H15 N4 O2 1'      175.209 
ASN 'L-peptide linking' y ASPARAGINE ? 'C4 H8 N2 O3'         132.118 
ASP 'L-peptide linking' y 'ASPARTIC ACID' ? 'C4 H7 N O4'          133.103 
CYS 'L-peptide linking' y CYSTEINE ? 'C3 H7 N O2 S'        121.158 
GLN 'L-peptide linking' y GLUTAMINE ? 'C5 H10 N2 O3'        146.144 
GLU 'L-peptide linking' y 'GLUTAMIC ACID' ? 'C5 H9 N O4'          147.129 
GLY 'peptide linking'   y GLYCINE ? 'C2 H5 N O2'          75.067  
HIS 'L-peptide linking' y HISTIDINE ? 'C6 H10 N3 O2 1'      156.162 
HOH non-polymer         . WATER ? 'H2 O'                18.015  
ILE 'L-peptide linking' y ISOLEUCINE ? 'C6 H13 N O2'         131.173 
LEU 'L-peptide linking' y LEUCINE ? 'C6 H13 N O2'         131.173 
LYS 'L-peptide linking' y LYSINE ? 'C6 H15 N2 O2 1'      147.195 
MET 'L-peptide linking' y METHIONINE ? 'C5 H11 N O2 S'       149.211 
PHE 'L-peptide linking' y PHENYLALANINE ? 'C9 H11 N O2'         165.189 
PRO 'L-peptide linking' y PROLINE ? 'C5 H9 N O2'          115.130 
SER 'L-peptide linking' y SERINE ? 'C3 H7 N O3'          105.093 
SO4 non-polymer         . 'SULFATE ION' ? 'O4 S -2'             96.063  
THR 'L-peptide linking' y THREONINE ? 'C4 H9 N O3'          119.119 
TV5 non-polymer         . 
;(3~{R})-2-[(5-chloranylpyridin-2-yl)methyl]-3-(4-chlorophenyl)-4-fluoranyl-3-[(1-oxidanylcyclopropyl)methoxy]-6-(2-oxidanylpropan-2-yl)isoindol-1-one
;
? 'C27 H25 Cl2 F N2 O4' 531.403 
TYR 'L-peptide linking' y TYROSINE ? 'C9 H11 N O3'         181.189 
VAL 'L-peptide linking' y VALINE ? 'C5 H11 N O2'         117.146 
# 
loop_
_pdbx_poly_seq_scheme.asym_id 
_pdbx_poly_seq_scheme.entity_id 
_pdbx_poly_seq_scheme.seq_id 
_pdbx_poly_seq_scheme.mon_id 
_pdbx_poly_seq_scheme.ndb_seq_num 
_pdbx_poly_seq_scheme.pdb_seq_num 
_pdbx_poly_seq_scheme.auth_seq_num 
_pdbx_poly_seq_scheme.pdb_mon_id 
_pdbx_poly_seq_scheme.auth_mon_id 
_pdbx_poly_seq_scheme.pdb_strand_id 
_pdbx_poly_seq_scheme.pdb_ins_code 
_pdbx_poly_seq_scheme.hetero 
A 1 1   GLY 1   12  ?   ?   ?   A . n 
A 1 2   PRO 2   13  ?   ?   ?   A . n 
A 1 3   LEU 3   14  ?   ?   ?   A . n 
A 1 4   GLY 4   15  ?   ?   ?   A . n 
A 1 5   SER 5   16  ?   ?   ?   A . n 
A 1 6   SER 6   17  17  SER SER A . n 
A 1 7   GLN 7   18  18  GLN GLN A . n 
A 1 8   ILE 8   19  19  ILE ILE A . n 
A 1 9   PRO 9   20  20  PRO PRO A . n 
A 1 10  ALA 10  21  21  ALA ALA A . n 
A 1 11  SER 11  22  22  SER SER A . n 
A 1 12  GLU 12  23  23  GLU GLU A . n 
A 1 13  GLN 13  24  24  GLN GLN A . n 
A 1 14  GLU 14  25  25  GLU GLU A . n 
A 1 15  THR 15  26  26  THR THR A . n 
A 1 16  LEU 16  27  27  LEU LEU A . n 
A 1 17  VAL 17  28  28  VAL VAL A . n 
A 1 18  ARG 18  29  29  ARG ARG A . n 
A 1 19  PRO 19  30  30  PRO PRO A . n 
A 1 20  LYS 20  31  31  LYS LYS A . n 
A 1 21  PRO 21  32  32  PRO PRO A . n 
A 1 22  LEU 22  33  33  LEU LEU A . n 
A 1 23  LEU 23  34  34  LEU LEU A . n 
A 1 24  LEU 24  35  35  LEU LEU A . n 
A 1 25  LYS 25  36  36  LYS LYS A . n 
A 1 26  LEU 26  37  37  LEU LEU A . n 
A 1 27  LEU 27  38  38  LEU LEU A . n 
A 1 28  LYS 28  39  39  LYS LYS A . n 
A 1 29  SER 29  40  40  SER SER A . n 
A 1 30  VAL 30  41  41  VAL VAL A . n 
A 1 31  GLY 31  42  42  GLY GLY A . n 
A 1 32  ALA 32  43  43  ALA ALA A . n 
A 1 33  GLN 33  44  44  GLN GLN A . n 
A 1 34  LYS 34  45  45  LYS LYS A . n 
A 1 35  ASP 35  46  46  ASP ASP A . n 
A 1 36  THR 36  47  47  THR THR A . n 
A 1 37  TYR 37  48  48  TYR TYR A . n 
A 1 38  THR 38  49  49  THR THR A . n 
A 1 39  MET 39  50  50  MET MET A . n 
A 1 40  LYS 40  51  51  LYS LYS A . n 
A 1 41  GLU 41  52  52  GLU GLU A . n 
A 1 42  VAL 42  53  53  VAL VAL A . n 
A 1 43  LEU 43  54  54  LEU LEU A . n 
A 1 44  PHE 44  55  55  PHE PHE A . n 
A 1 45  TYR 45  56  56  TYR TYR A . n 
A 1 46  LEU 46  57  57  LEU LEU A . n 
A 1 47  GLY 47  58  58  GLY GLY A . n 
A 1 48  GLN 48  59  59  GLN GLN A . n 
A 1 49  TYR 49  60  60  TYR TYR A . n 
A 1 50  ILE 50  61  61  ILE ILE A . n 
A 1 51  MET 51  62  62  MET MET A . n 
A 1 52  THR 52  63  63  THR THR A . n 
A 1 53  LYS 53  64  64  LYS LYS A . n 
A 1 54  ARG 54  65  65  ARG ARG A . n 
A 1 55  LEU 55  66  66  LEU LEU A . n 
A 1 56  TYR 56  67  67  TYR TYR A . n 
A 1 57  ASP 57  68  68  ASP ASP A . n 
A 1 58  ALA 58  69  69  ALA ALA A . n 
A 1 59  ALA 59  70  70  ALA ALA A . n 
A 1 60  GLN 60  71  71  GLN GLN A . n 
A 1 61  GLN 61  72  72  GLN GLN A . n 
A 1 62  HIS 62  73  73  HIS HIS A . n 
A 1 63  ILE 63  74  74  ILE ILE A . n 
A 1 64  VAL 64  75  75  VAL VAL A . n 
A 1 65  TYR 65  76  76  TYR TYR A . n 
A 1 66  CYS 66  77  77  CYS CYS A . n 
A 1 67  SER 67  78  78  SER SER A . n 
A 1 68  ASN 68  79  79  ASN ASN A . n 
A 1 69  ASP 69  80  80  ASP ASP A . n 
A 1 70  LEU 70  81  81  LEU LEU A . n 
A 1 71  LEU 71  82  82  LEU LEU A . n 
A 1 72  GLY 72  83  83  GLY GLY A . n 
A 1 73  ASP 73  84  84  ASP ASP A . n 
A 1 74  LEU 74  85  85  LEU LEU A . n 
A 1 75  PHE 75  86  86  PHE PHE A . n 
A 1 76  GLY 76  87  87  GLY GLY A . n 
A 1 77  VAL 77  88  88  VAL VAL A . n 
A 1 78  PRO 78  89  89  PRO PRO A . n 
A 1 79  SER 79  90  90  SER SER A . n 
A 1 80  PHE 80  91  91  PHE PHE A . n 
A 1 81  SER 81  92  92  SER SER A . n 
A 1 82  VAL 82  93  93  VAL VAL A . n 
A 1 83  LYS 83  94  94  LYS LYS A . n 
A 1 84  GLU 84  95  95  GLU GLU A . n 
A 1 85  HIS 85  96  96  HIS HIS A . n 
A 1 86  ARG 86  97  97  ARG ARG A . n 
A 1 87  LYS 87  98  98  LYS LYS A . n 
A 1 88  ILE 88  99  99  ILE ILE A . n 
A 1 89  TYR 89  100 100 TYR TYR A . n 
A 1 90  THR 90  101 101 THR THR A . n 
A 1 91  MET 91  102 102 MET MET A . n 
A 1 92  ILE 92  103 103 ILE ILE A . n 
A 1 93  TYR 93  104 104 TYR TYR A . n 
A 1 94  ARG 94  105 105 ARG ARG A . n 
A 1 95  ASN 95  106 106 ASN ASN A . n 
A 1 96  LEU 96  107 107 LEU LEU A . n 
A 1 97  VAL 97  108 108 VAL VAL A . n 
A 1 98  VAL 98  109 ?   ?   ?   A . n 
A 1 99  VAL 99  110 ?   ?   ?   A . n 
A 1 100 ASN 100 111 ?   ?   ?   A . n 
A 1 101 GLN 101 112 ?   ?   ?   A . n 
A 1 102 GLN 102 113 ?   ?   ?   A . n 
A 1 103 GLU 103 114 ?   ?   ?   A . n 
A 1 104 SER 104 115 ?   ?   ?   A . n 
A 1 105 SER 105 116 ?   ?   ?   A . n 
A 1 106 ASP 106 117 ?   ?   ?   A . n 
A 1 107 SER 107 118 ?   ?   ?   A . n 
A 1 108 GLY 108 119 ?   ?   ?   A . n 
A 1 109 THR 109 120 ?   ?   ?   A . n 
A 1 110 SER 110 121 ?   ?   ?   A . n 
A 1 111 VAL 111 122 ?   ?   ?   A . n 
A 1 112 SER 112 123 ?   ?   ?   A . n 
A 1 113 GLU 113 124 ?   ?   ?   A . n 
A 1 114 ASN 114 125 ?   ?   ?   A . n 
# 
loop_
_pdbx_nonpoly_scheme.asym_id 
_pdbx_nonpoly_scheme.entity_id 
_pdbx_nonpoly_scheme.mon_id 
_pdbx_nonpoly_scheme.ndb_seq_num 
_pdbx_nonpoly_scheme.pdb_seq_num 
_pdbx_nonpoly_scheme.auth_seq_num 
_pdbx_nonpoly_scheme.pdb_mon_id 
_pdbx_nonpoly_scheme.auth_mon_id 
_pdbx_nonpoly_scheme.pdb_strand_id 
_pdbx_nonpoly_scheme.pdb_ins_code 
B 2 SO4 1  201 1  SO4 SO4 A . 
C 3 TV5 1  202 1  TV5 L01 A . 
D 4 HOH 1  301 8  HOH HOH A . 
D 4 HOH 2  302 66 HOH HOH A . 
D 4 HOH 3  303 59 HOH HOH A . 
D 4 HOH 4  304 64 HOH HOH A . 
D 4 HOH 5  305 46 HOH HOH A . 
D 4 HOH 6  306 39 HOH HOH A . 
D 4 HOH 7  307 48 HOH HOH A . 
D 4 HOH 8  308 6  HOH HOH A . 
D 4 HOH 9  309 44 HOH HOH A . 
D 4 HOH 10 310 34 HOH HOH A . 
D 4 HOH 11 311 19 HOH HOH A . 
D 4 HOH 12 312 42 HOH HOH A . 
D 4 HOH 13 313 30 HOH HOH A . 
D 4 HOH 14 314 25 HOH HOH A . 
D 4 HOH 15 315 17 HOH HOH A . 
D 4 HOH 16 316 47 HOH HOH A . 
D 4 HOH 17 317 52 HOH HOH A . 
D 4 HOH 18 318 27 HOH HOH A . 
D 4 HOH 19 319 56 HOH HOH A . 
D 4 HOH 20 320 5  HOH HOH A . 
D 4 HOH 21 321 22 HOH HOH A . 
D 4 HOH 22 322 31 HOH HOH A . 
D 4 HOH 23 323 16 HOH HOH A . 
D 4 HOH 24 324 20 HOH HOH A . 
D 4 HOH 25 325 11 HOH HOH A . 
D 4 HOH 26 326 67 HOH HOH A . 
D 4 HOH 27 327 29 HOH HOH A . 
D 4 HOH 28 328 4  HOH HOH A . 
D 4 HOH 29 329 18 HOH HOH A . 
D 4 HOH 30 330 3  HOH HOH A . 
D 4 HOH 31 331 21 HOH HOH A . 
D 4 HOH 32 332 2  HOH HOH A . 
D 4 HOH 33 333 41 HOH HOH A . 
D 4 HOH 34 334 36 HOH HOH A . 
D 4 HOH 35 335 58 HOH HOH A . 
D 4 HOH 36 336 62 HOH HOH A . 
D 4 HOH 37 337 9  HOH HOH A . 
D 4 HOH 38 338 55 HOH HOH A . 
D 4 HOH 39 339 37 HOH HOH A . 
D 4 HOH 40 340 51 HOH HOH A . 
D 4 HOH 41 341 28 HOH HOH A . 
D 4 HOH 42 342 1  HOH HOH A . 
D 4 HOH 43 343 7  HOH HOH A . 
D 4 HOH 44 344 40 HOH HOH A . 
D 4 HOH 45 345 65 HOH HOH A . 
D 4 HOH 46 346 49 HOH HOH A . 
D 4 HOH 47 347 38 HOH HOH A . 
D 4 HOH 48 348 32 HOH HOH A . 
D 4 HOH 49 349 61 HOH HOH A . 
D 4 HOH 50 350 15 HOH HOH A . 
D 4 HOH 51 351 43 HOH HOH A . 
D 4 HOH 52 352 57 HOH HOH A . 
D 4 HOH 53 353 23 HOH HOH A . 
D 4 HOH 54 354 24 HOH HOH A . 
D 4 HOH 55 355 68 HOH HOH A . 
D 4 HOH 56 356 60 HOH HOH A . 
D 4 HOH 57 357 12 HOH HOH A . 
D 4 HOH 58 358 54 HOH HOH A . 
# 
loop_
_software.citation_id 
_software.classification 
_software.compiler_name 
_software.compiler_version 
_software.contact_author 
_software.contact_author_email 
_software.date 
_software.description 
_software.dependencies 
_software.hardware 
_software.language 
_software.location 
_software.mods 
_software.name 
_software.os 
_software.os_version 
_software.type 
_software.version 
_software.pdbx_ordinal 
? refinement        ? ? ? ? ? ? ? ? ? ? ? BUSTER      ? ? ? 2.11.7 1 
? 'data extraction' ? ? ? ? ? ? ? ? ? ? ? PDB_EXTRACT ? ? ? 3.25   2 
? 'data reduction'  ? ? ? ? ? ? ? ? ? ? ? XDS         ? ? ? .      3 
? 'data scaling'    ? ? ? ? ? ? ? ? ? ? ? Aimless     ? ? ? .      4 
? phasing           ? ? ? ? ? ? ? ? ? ? ? BUSTER      ? ? ? .      5 
# 
_cell.angle_alpha                  90.000 
_cell.angle_alpha_esd              ? 
_cell.angle_beta                   90.000 
_cell.angle_beta_esd               ? 
_cell.angle_gamma                  120.000 
_cell.angle_gamma_esd              ? 
_cell.entry_id                     7BIT 
_cell.details                      ? 
_cell.formula_units_Z              ? 
_cell.length_a                     71.022 
_cell.length_a_esd                 ? 
_cell.length_b                     71.022 
_cell.length_b_esd                 ? 
_cell.length_c                     101.194 
_cell.length_c_esd                 ? 
_cell.volume                       ? 
_cell.volume_esd                   ? 
_cell.Z_PDB                        12 
_cell.reciprocal_angle_alpha       ? 
_cell.reciprocal_angle_beta        ? 
_cell.reciprocal_angle_gamma       ? 
_cell.reciprocal_angle_alpha_esd   ? 
_cell.reciprocal_angle_beta_esd    ? 
_cell.reciprocal_angle_gamma_esd   ? 
_cell.reciprocal_length_a          ? 
_cell.reciprocal_length_b          ? 
_cell.reciprocal_length_c          ? 
_cell.reciprocal_length_a_esd      ? 
_cell.reciprocal_length_b_esd      ? 
_cell.reciprocal_length_c_esd      ? 
_cell.pdbx_unique_axis             ? 
# 
_symmetry.entry_id                         7BIT 
_symmetry.cell_setting                     ? 
_symmetry.Int_Tables_number                179 
_symmetry.space_group_name_Hall            ? 
_symmetry.space_group_name_H-M             'P 65 2 2' 
_symmetry.pdbx_full_space_group_name_H-M   ? 
# 
_exptl.absorpt_coefficient_mu     ? 
_exptl.absorpt_correction_T_max   ? 
_exptl.absorpt_correction_T_min   ? 
_exptl.absorpt_correction_type    ? 
_exptl.absorpt_process_details    ? 
_exptl.entry_id                   7BIT 
_exptl.crystals_number            1 
_exptl.details                    ? 
_exptl.method                     'X-RAY DIFFRACTION' 
_exptl.method_details             ? 
# 
_exptl_crystal.colour                      ? 
_exptl_crystal.density_diffrn              ? 
_exptl_crystal.density_Matthews            2.87 
_exptl_crystal.density_method              ? 
_exptl_crystal.density_percent_sol         57.16 
_exptl_crystal.description                 ? 
_exptl_crystal.F_000                       ? 
_exptl_crystal.id                          1 
_exptl_crystal.preparation                 ? 
_exptl_crystal.size_max                    ? 
_exptl_crystal.size_mid                    ? 
_exptl_crystal.size_min                    ? 
_exptl_crystal.size_rad                    ? 
_exptl_crystal.colour_lustre               ? 
_exptl_crystal.colour_modifier             ? 
_exptl_crystal.colour_primary              ? 
_exptl_crystal.density_meas                ? 
_exptl_crystal.density_meas_esd            ? 
_exptl_crystal.density_meas_gt             ? 
_exptl_crystal.density_meas_lt             ? 
_exptl_crystal.density_meas_temp           ? 
_exptl_crystal.density_meas_temp_esd       ? 
_exptl_crystal.density_meas_temp_gt        ? 
_exptl_crystal.density_meas_temp_lt        ? 
_exptl_crystal.pdbx_crystal_image_url      ? 
_exptl_crystal.pdbx_crystal_image_format   ? 
_exptl_crystal.pdbx_mosaicity              ? 
_exptl_crystal.pdbx_mosaicity_esd          ? 
# 
_exptl_crystal_grow.apparatus       ? 
_exptl_crystal_grow.atmosphere      ? 
_exptl_crystal_grow.crystal_id      1 
_exptl_crystal_grow.details         ? 
_exptl_crystal_grow.method          'VAPOR DIFFUSION, SITTING DROP' 
_exptl_crystal_grow.method_ref      ? 
_exptl_crystal_grow.pH              8.5 
_exptl_crystal_grow.pressure        ? 
_exptl_crystal_grow.pressure_esd    ? 
_exptl_crystal_grow.seeding         ? 
_exptl_crystal_grow.seeding_ref     ? 
_exptl_crystal_grow.temp            277 
_exptl_crystal_grow.temp_details    ? 
_exptl_crystal_grow.temp_esd        ? 
_exptl_crystal_grow.time            ? 
_exptl_crystal_grow.pdbx_details    
;1.5M (NH4)2SO4
15% Glycerol
.1M pH=8.5 Tris Cl/NaOH
;
_exptl_crystal_grow.pdbx_pH_range   ? 
# 
_diffrn.ambient_environment              ? 
_diffrn.ambient_temp                     100 
_diffrn.ambient_temp_details             ? 
_diffrn.ambient_temp_esd                 ? 
_diffrn.crystal_id                       1 
_diffrn.crystal_support                  ? 
_diffrn.crystal_treatment                ? 
_diffrn.details                          ? 
_diffrn.id                               1 
_diffrn.ambient_pressure                 ? 
_diffrn.ambient_pressure_esd             ? 
_diffrn.ambient_pressure_gt              ? 
_diffrn.ambient_pressure_lt              ? 
_diffrn.ambient_temp_gt                  ? 
_diffrn.ambient_temp_lt                  ? 
_diffrn.pdbx_serial_crystal_experiment   N 
# 
_diffrn_detector.details                      ? 
_diffrn_detector.detector                     CCD 
_diffrn_detector.diffrn_id                    1 
_diffrn_detector.type                         'RIGAKU SATURN 944' 
_diffrn_detector.area_resol_mean              ? 
_diffrn_detector.dtime                        ? 
_diffrn_detector.pdbx_frames_total            ? 
_diffrn_detector.pdbx_collection_time_total   ? 
_diffrn_detector.pdbx_collection_date         2014-04-14 
_diffrn_detector.pdbx_frequency               ? 
# 
_diffrn_radiation.collimation                      ? 
_diffrn_radiation.diffrn_id                        1 
_diffrn_radiation.filter_edge                      ? 
_diffrn_radiation.inhomogeneity                    ? 
_diffrn_radiation.monochromator                    ? 
_diffrn_radiation.polarisn_norm                    ? 
_diffrn_radiation.polarisn_ratio                   ? 
_diffrn_radiation.probe                            ? 
_diffrn_radiation.type                             ? 
_diffrn_radiation.xray_symbol                      ? 
_diffrn_radiation.wavelength_id                    1 
_diffrn_radiation.pdbx_monochromatic_or_laue_m_l   M 
_diffrn_radiation.pdbx_wavelength_list             ? 
_diffrn_radiation.pdbx_wavelength                  ? 
_diffrn_radiation.pdbx_diffrn_protocol             'SINGLE WAVELENGTH' 
_diffrn_radiation.pdbx_analyzer                    ? 
_diffrn_radiation.pdbx_scattering_type             x-ray 
# 
_diffrn_radiation_wavelength.id           1 
_diffrn_radiation_wavelength.wavelength   1.54187 
_diffrn_radiation_wavelength.wt           1.0 
# 
_diffrn_source.current                     ? 
_diffrn_source.details                     ? 
_diffrn_source.diffrn_id                   1 
_diffrn_source.power                       ? 
_diffrn_source.size                        ? 
_diffrn_source.source                      'ROTATING ANODE' 
_diffrn_source.target                      ? 
_diffrn_source.type                        'RIGAKU FR-E' 
_diffrn_source.voltage                     ? 
_diffrn_source.take-off_angle              ? 
_diffrn_source.pdbx_wavelength_list        1.54187 
_diffrn_source.pdbx_wavelength             ? 
_diffrn_source.pdbx_synchrotron_beamline   ? 
_diffrn_source.pdbx_synchrotron_site       ? 
# 
_reflns.B_iso_Wilson_estimate            ? 
_reflns.entry_id                         7BIT 
_reflns.data_reduction_details           ? 
_reflns.data_reduction_method            ? 
_reflns.d_resolution_high                2.13 
_reflns.d_resolution_low                 35.51 
_reflns.details                          ? 
_reflns.limit_h_max                      ? 
_reflns.limit_h_min                      ? 
_reflns.limit_k_max                      ? 
_reflns.limit_k_min                      ? 
_reflns.limit_l_max                      ? 
_reflns.limit_l_min                      ? 
_reflns.number_all                       ? 
_reflns.number_obs                       7991 
_reflns.observed_criterion               ? 
_reflns.observed_criterion_F_max         ? 
_reflns.observed_criterion_F_min         ? 
_reflns.observed_criterion_I_max         ? 
_reflns.observed_criterion_I_min         ? 
_reflns.observed_criterion_sigma_F       ? 
_reflns.observed_criterion_sigma_I       ? 
_reflns.percent_possible_obs             89.4 
_reflns.R_free_details                   ? 
_reflns.Rmerge_F_all                     ? 
_reflns.Rmerge_F_obs                     ? 
_reflns.Friedel_coverage                 ? 
_reflns.number_gt                        ? 
_reflns.threshold_expression             ? 
_reflns.pdbx_redundancy                  2.7 
_reflns.pdbx_Rmerge_I_obs                0.03 
_reflns.pdbx_Rmerge_I_all                ? 
_reflns.pdbx_Rsym_value                  ? 
_reflns.pdbx_netI_over_av_sigmaI         ? 
_reflns.pdbx_netI_over_sigmaI            20.2 
_reflns.pdbx_res_netI_over_av_sigmaI_2   ? 
_reflns.pdbx_res_netI_over_sigmaI_2      ? 
_reflns.pdbx_chi_squared                 ? 
_reflns.pdbx_scaling_rejects             ? 
_reflns.pdbx_d_res_high_opt              ? 
_reflns.pdbx_d_res_low_opt               ? 
_reflns.pdbx_d_res_opt_method            ? 
_reflns.phase_calculation_details        ? 
_reflns.pdbx_Rrim_I_all                  ? 
_reflns.pdbx_Rpim_I_all                  ? 
_reflns.pdbx_d_opt                       ? 
_reflns.pdbx_number_measured_all         ? 
_reflns.pdbx_diffrn_id                   1 
_reflns.pdbx_ordinal                     1 
_reflns.pdbx_CC_half                     ? 
_reflns.pdbx_CC_star                     ? 
_reflns.pdbx_R_split                     ? 
# 
_reflns_shell.d_res_high                  2.13 
_reflns_shell.d_res_low                   2.15 
_reflns_shell.meanI_over_sigI_all         ? 
_reflns_shell.meanI_over_sigI_obs         ? 
_reflns_shell.number_measured_all         ? 
_reflns_shell.number_measured_obs         ? 
_reflns_shell.number_possible             ? 
_reflns_shell.number_unique_all           ? 
_reflns_shell.number_unique_obs           118 
_reflns_shell.percent_possible_all        ? 
_reflns_shell.percent_possible_obs        ? 
_reflns_shell.Rmerge_F_all                ? 
_reflns_shell.Rmerge_F_obs                ? 
_reflns_shell.Rmerge_I_all                ? 
_reflns_shell.Rmerge_I_obs                0.31 
_reflns_shell.meanI_over_sigI_gt          ? 
_reflns_shell.meanI_over_uI_all           ? 
_reflns_shell.meanI_over_uI_gt            ? 
_reflns_shell.number_measured_gt          ? 
_reflns_shell.number_unique_gt            ? 
_reflns_shell.percent_possible_gt         ? 
_reflns_shell.Rmerge_F_gt                 ? 
_reflns_shell.Rmerge_I_gt                 ? 
_reflns_shell.pdbx_redundancy             ? 
_reflns_shell.pdbx_Rsym_value             ? 
_reflns_shell.pdbx_chi_squared            ? 
_reflns_shell.pdbx_netI_over_sigmaI_all   ? 
_reflns_shell.pdbx_netI_over_sigmaI_obs   ? 
_reflns_shell.pdbx_Rrim_I_all             ? 
_reflns_shell.pdbx_Rpim_I_all             ? 
_reflns_shell.pdbx_rejects                ? 
_reflns_shell.pdbx_ordinal                1 
_reflns_shell.pdbx_diffrn_id              1 
_reflns_shell.pdbx_CC_half                ? 
_reflns_shell.pdbx_CC_star                ? 
_reflns_shell.pdbx_R_split                ? 
# 
_refine.aniso_B[1][1]                            2.8622 
_refine.aniso_B[1][2]                            0.0000 
_refine.aniso_B[1][3]                            0.0000 
_refine.aniso_B[2][2]                            2.8622 
_refine.aniso_B[2][3]                            0.0000 
_refine.aniso_B[3][3]                            -5.7245 
_refine.B_iso_max                                134.220 
_refine.B_iso_mean                               53.6730 
_refine.B_iso_min                                33.380 
_refine.correlation_coeff_Fo_to_Fc               0.9130 
_refine.correlation_coeff_Fo_to_Fc_free          0.8700 
_refine.details                                  ? 
_refine.diff_density_max                         ? 
_refine.diff_density_max_esd                     ? 
_refine.diff_density_min                         ? 
_refine.diff_density_min_esd                     ? 
_refine.diff_density_rms                         ? 
_refine.diff_density_rms_esd                     ? 
_refine.entry_id                                 7BIT 
_refine.pdbx_refine_id                           'X-RAY DIFFRACTION' 
_refine.ls_abs_structure_details                 ? 
_refine.ls_abs_structure_Flack                   ? 
_refine.ls_abs_structure_Flack_esd               ? 
_refine.ls_abs_structure_Rogers                  ? 
_refine.ls_abs_structure_Rogers_esd              ? 
_refine.ls_d_res_high                            2.1300 
_refine.ls_d_res_low                             35.5100 
_refine.ls_extinction_coef                       ? 
_refine.ls_extinction_coef_esd                   ? 
_refine.ls_extinction_expression                 ? 
_refine.ls_extinction_method                     ? 
_refine.ls_goodness_of_fit_all                   ? 
_refine.ls_goodness_of_fit_all_esd               ? 
_refine.ls_goodness_of_fit_obs                   ? 
_refine.ls_goodness_of_fit_obs_esd               ? 
_refine.ls_hydrogen_treatment                    ? 
_refine.ls_matrix_type                           ? 
_refine.ls_number_constraints                    ? 
_refine.ls_number_parameters                     ? 
_refine.ls_number_reflns_all                     ? 
_refine.ls_number_reflns_obs                     7971 
_refine.ls_number_reflns_R_free                  397 
_refine.ls_number_reflns_R_work                  ? 
_refine.ls_number_restraints                     ? 
_refine.ls_percent_reflns_obs                    88.8000 
_refine.ls_percent_reflns_R_free                 4.9800 
_refine.ls_R_factor_all                          ? 
_refine.ls_R_factor_obs                          0.2580 
_refine.ls_R_factor_R_free                       0.3070 
_refine.ls_R_factor_R_free_error                 ? 
_refine.ls_R_factor_R_free_error_details         ? 
_refine.ls_R_factor_R_work                       0.2550 
_refine.ls_R_Fsqd_factor_obs                     ? 
_refine.ls_R_I_factor_obs                        ? 
_refine.ls_redundancy_reflns_all                 ? 
_refine.ls_redundancy_reflns_obs                 ? 
_refine.ls_restrained_S_all                      ? 
_refine.ls_restrained_S_obs                      ? 
_refine.ls_shift_over_esd_max                    ? 
_refine.ls_shift_over_esd_mean                   ? 
_refine.ls_structure_factor_coef                 ? 
_refine.ls_weighting_details                     ? 
_refine.ls_weighting_scheme                      ? 
_refine.ls_wR_factor_all                         ? 
_refine.ls_wR_factor_obs                         ? 
_refine.ls_wR_factor_R_free                      ? 
_refine.ls_wR_factor_R_work                      ? 
_refine.occupancy_max                            ? 
_refine.occupancy_min                            ? 
_refine.solvent_model_details                    ? 
_refine.solvent_model_param_bsol                 ? 
_refine.solvent_model_param_ksol                 ? 
_refine.pdbx_R_complete                          ? 
_refine.ls_R_factor_gt                           ? 
_refine.ls_goodness_of_fit_gt                    ? 
_refine.ls_goodness_of_fit_ref                   ? 
_refine.ls_shift_over_su_max                     ? 
_refine.ls_shift_over_su_max_lt                  ? 
_refine.ls_shift_over_su_mean                    ? 
_refine.ls_shift_over_su_mean_lt                 ? 
_refine.pdbx_ls_sigma_I                          ? 
_refine.pdbx_ls_sigma_F                          0.000 
_refine.pdbx_ls_sigma_Fsqd                       ? 
_refine.pdbx_data_cutoff_high_absF               ? 
_refine.pdbx_data_cutoff_high_rms_absF           ? 
_refine.pdbx_data_cutoff_low_absF                ? 
_refine.pdbx_isotropic_thermal_model             ? 
_refine.pdbx_ls_cross_valid_method               THROUGHOUT 
_refine.pdbx_method_to_determine_struct          'FOURIER SYNTHESIS' 
_refine.pdbx_starting_model                      ? 
_refine.pdbx_stereochemistry_target_values       ? 
_refine.pdbx_R_Free_selection_details            RANDOM 
_refine.pdbx_stereochem_target_val_spec_case     ? 
_refine.pdbx_overall_ESU_R                       ? 
_refine.pdbx_overall_ESU_R_Free                  ? 
_refine.pdbx_solvent_vdw_probe_radii             ? 
_refine.pdbx_solvent_ion_probe_radii             ? 
_refine.pdbx_solvent_shrinkage_radii             ? 
_refine.pdbx_real_space_R                        ? 
_refine.pdbx_density_correlation                 ? 
_refine.pdbx_pd_number_of_powder_patterns        ? 
_refine.pdbx_pd_number_of_points                 ? 
_refine.pdbx_pd_meas_number_of_points            ? 
_refine.pdbx_pd_proc_ls_prof_R_factor            ? 
_refine.pdbx_pd_proc_ls_prof_wR_factor           ? 
_refine.pdbx_pd_Marquardt_correlation_coeff      ? 
_refine.pdbx_pd_Fsqrd_R_factor                   ? 
_refine.pdbx_pd_ls_matrix_band_width             ? 
_refine.pdbx_overall_phase_error                 ? 
_refine.pdbx_overall_SU_R_free_Cruickshank_DPI   0.2250 
_refine.pdbx_overall_SU_R_free_Blow_DPI          0.2360 
_refine.pdbx_overall_SU_R_Blow_DPI               0.2770 
_refine.pdbx_TLS_residual_ADP_flag               ? 
_refine.pdbx_diffrn_id                           1 
_refine.overall_SU_B                             ? 
_refine.overall_SU_ML                            ? 
_refine.overall_SU_R_Cruickshank_DPI             0.5050 
_refine.overall_SU_R_free                        ? 
_refine.overall_FOM_free_R_set                   ? 
_refine.overall_FOM_work_R_set                   ? 
_refine.pdbx_average_fsc_overall                 ? 
_refine.pdbx_average_fsc_work                    ? 
_refine.pdbx_average_fsc_free                    ? 
# 
_refine_analyze.entry_id                        7BIT 
_refine_analyze.pdbx_refine_id                  'X-RAY DIFFRACTION' 
_refine_analyze.Luzzati_coordinate_error_free   ? 
_refine_analyze.Luzzati_coordinate_error_obs    0.400 
_refine_analyze.Luzzati_d_res_low_free          ? 
_refine_analyze.Luzzati_d_res_low_obs           ? 
_refine_analyze.Luzzati_sigma_a_free            ? 
_refine_analyze.Luzzati_sigma_a_free_details    ? 
_refine_analyze.Luzzati_sigma_a_obs             ? 
_refine_analyze.Luzzati_sigma_a_obs_details     ? 
_refine_analyze.number_disordered_residues      ? 
_refine_analyze.occupancy_sum_hydrogen          ? 
_refine_analyze.occupancy_sum_non_hydrogen      ? 
_refine_analyze.RG_d_res_high                   ? 
_refine_analyze.RG_d_res_low                    ? 
_refine_analyze.RG_free                         ? 
_refine_analyze.RG_work                         ? 
_refine_analyze.RG_free_work_ratio              ? 
_refine_analyze.pdbx_Luzzati_d_res_high_obs     ? 
# 
_refine_hist.pdbx_refine_id                   'X-RAY DIFFRACTION' 
_refine_hist.cycle_id                         final 
_refine_hist.details                          ? 
_refine_hist.d_res_high                       2.1300 
_refine_hist.d_res_low                        35.5100 
_refine_hist.number_atoms_solvent             58 
_refine_hist.number_atoms_total               873 
_refine_hist.number_reflns_all                ? 
_refine_hist.number_reflns_obs                ? 
_refine_hist.number_reflns_R_free             ? 
_refine_hist.number_reflns_R_work             ? 
_refine_hist.R_factor_all                     ? 
_refine_hist.R_factor_obs                     ? 
_refine_hist.R_factor_R_free                  ? 
_refine_hist.R_factor_R_work                  ? 
_refine_hist.pdbx_number_residues_total       92 
_refine_hist.pdbx_B_iso_mean_ligand           48.89 
_refine_hist.pdbx_B_iso_mean_solvent          52.79 
_refine_hist.pdbx_number_atoms_protein        749 
_refine_hist.pdbx_number_atoms_nucleic_acid   0 
_refine_hist.pdbx_number_atoms_ligand         66 
_refine_hist.pdbx_number_atoms_lipid          ? 
_refine_hist.pdbx_number_atoms_carb           ? 
_refine_hist.pdbx_pseudo_atom_details         ? 
# 
loop_
_refine_ls_restr.pdbx_refine_id 
_refine_ls_restr.criterion 
_refine_ls_restr.dev_ideal 
_refine_ls_restr.dev_ideal_target 
_refine_ls_restr.number 
_refine_ls_restr.rejects 
_refine_ls_restr.type 
_refine_ls_restr.weight 
_refine_ls_restr.pdbx_restraint_function 
'X-RAY DIFFRACTION' ? ?      ? 381  ? t_dihedral_angle_d        2.000  SINUSOIDAL   
'X-RAY DIFFRACTION' ? ?      ? ?    ? t_trig_c_planes           ?      ?            
'X-RAY DIFFRACTION' ? ?      ? 256  ? t_gen_planes              16.000 HARMONIC     
'X-RAY DIFFRACTION' ? ?      ? 1685 ? t_it                      20.000 HARMONIC     
'X-RAY DIFFRACTION' ? ?      ? ?    ? t_nbd                     ?      ?            
'X-RAY DIFFRACTION' ? ?      ? ?    ? t_improper_torsion        ?      ?            
'X-RAY DIFFRACTION' ? ?      ? ?    ? t_pseud_angle             ?      ?            
'X-RAY DIFFRACTION' ? ?      ? 104  ? t_chiral_improper_torsion 5.000  SEMIHARMONIC 
'X-RAY DIFFRACTION' ? ?      ? ?    ? t_sum_occupancies         ?      ?            
'X-RAY DIFFRACTION' ? ?      ? ?    ? t_utility_distance        ?      ?            
'X-RAY DIFFRACTION' ? ?      ? ?    ? t_utility_angle           ?      ?            
'X-RAY DIFFRACTION' ? ?      ? ?    ? t_utility_torsion         ?      ?            
'X-RAY DIFFRACTION' ? ?      ? 1880 ? t_ideal_dist_contact      4.000  SEMIHARMONIC 
'X-RAY DIFFRACTION' ? 0.012  ? 1685 ? t_bond_d                  2.000  HARMONIC     
'X-RAY DIFFRACTION' ? 1.050  ? 3061 ? t_angle_deg               2.000  HARMONIC     
'X-RAY DIFFRACTION' ? 7.410  ? ?    ? t_omega_torsion           ?      ?            
'X-RAY DIFFRACTION' ? 18.790 ? ?    ? t_other_torsion           ?      ?            
# 
_refine_ls_shell.pdbx_refine_id                   'X-RAY DIFFRACTION' 
_refine_ls_shell.d_res_high                       2.1300 
_refine_ls_shell.d_res_low                        2.1900 
_refine_ls_shell.number_reflns_all                420 
_refine_ls_shell.number_reflns_obs                ? 
_refine_ls_shell.number_reflns_R_free             20 
_refine_ls_shell.number_reflns_R_work             400 
_refine_ls_shell.percent_reflns_obs               54.2400 
_refine_ls_shell.percent_reflns_R_free            4.7600 
_refine_ls_shell.R_factor_all                     0.3115 
_refine_ls_shell.R_factor_obs                     ? 
_refine_ls_shell.R_factor_R_free                  0.3361 
_refine_ls_shell.R_factor_R_free_error            0.0000 
_refine_ls_shell.R_factor_R_work                  0.3102 
_refine_ls_shell.redundancy_reflns_all            ? 
_refine_ls_shell.redundancy_reflns_obs            ? 
_refine_ls_shell.wR_factor_all                    ? 
_refine_ls_shell.wR_factor_obs                    ? 
_refine_ls_shell.wR_factor_R_free                 ? 
_refine_ls_shell.wR_factor_R_work                 ? 
_refine_ls_shell.pdbx_R_complete                  ? 
_refine_ls_shell.pdbx_total_number_of_bins_used   19 
_refine_ls_shell.pdbx_phase_error                 ? 
_refine_ls_shell.pdbx_fsc_work                    ? 
_refine_ls_shell.pdbx_fsc_free                    ? 
# 
_struct.entry_id                     7BIT 
_struct.title                        'Inhibitor of MDM2-p53 Interaction' 
_struct.pdbx_model_details           ? 
_struct.pdbx_formula_weight          ? 
_struct.pdbx_formula_weight_method   ? 
_struct.pdbx_model_type_details      ? 
_struct.pdbx_CASP_flag               N 
# 
_struct_keywords.entry_id        7BIT 
_struct_keywords.text            'ligase, cell cycle, apoptosis, protein binding' 
_struct_keywords.pdbx_keywords   APOPTOSIS 
# 
loop_
_struct_asym.id 
_struct_asym.pdbx_blank_PDB_chainid_flag 
_struct_asym.pdbx_modified 
_struct_asym.entity_id 
_struct_asym.details 
A N N 1 ? 
B N N 2 ? 
C N N 3 ? 
D N N 4 ? 
# 
_struct_ref.id                         1 
_struct_ref.db_name                    UNP 
_struct_ref.db_code                    MDM2_HUMAN 
_struct_ref.pdbx_db_accession          Q00987 
_struct_ref.pdbx_db_isoform            ? 
_struct_ref.entity_id                  1 
_struct_ref.pdbx_seq_one_letter_code   
;SQIPASEQETLVRPKPLLLKLLKSVGAQKDTYTMKEVLFYLGQYIMTKRLYDEKQQHIVYCSNDLLGDLFGVPSFSVKEH
RKIYTMIYRNLVVVNQQESSDSGTSVSEN
;
_struct_ref.pdbx_align_begin           17 
# 
_struct_ref_seq.align_id                      1 
_struct_ref_seq.ref_id                        1 
_struct_ref_seq.pdbx_PDB_id_code              7BIT 
_struct_ref_seq.pdbx_strand_id                A 
_struct_ref_seq.seq_align_beg                 6 
_struct_ref_seq.pdbx_seq_align_beg_ins_code   ? 
_struct_ref_seq.seq_align_end                 114 
_struct_ref_seq.pdbx_seq_align_end_ins_code   ? 
_struct_ref_seq.pdbx_db_accession             Q00987 
_struct_ref_seq.db_align_beg                  17 
_struct_ref_seq.pdbx_db_align_beg_ins_code    ? 
_struct_ref_seq.db_align_end                  125 
_struct_ref_seq.pdbx_db_align_end_ins_code    ? 
_struct_ref_seq.pdbx_auth_seq_align_beg       17 
_struct_ref_seq.pdbx_auth_seq_align_end       125 
# 
loop_
_struct_ref_seq_dif.align_id 
_struct_ref_seq_dif.pdbx_pdb_id_code 
_struct_ref_seq_dif.mon_id 
_struct_ref_seq_dif.pdbx_pdb_strand_id 
_struct_ref_seq_dif.seq_num 
_struct_ref_seq_dif.pdbx_pdb_ins_code 
_struct_ref_seq_dif.pdbx_seq_db_name 
_struct_ref_seq_dif.pdbx_seq_db_accession_code 
_struct_ref_seq_dif.db_mon_id 
_struct_ref_seq_dif.pdbx_seq_db_seq_num 
_struct_ref_seq_dif.details 
_struct_ref_seq_dif.pdbx_auth_seq_num 
_struct_ref_seq_dif.pdbx_ordinal 
1 7BIT GLY A 1  ? UNP Q00987 ?   ?  'expression tag'      12 1 
1 7BIT PRO A 2  ? UNP Q00987 ?   ?  'expression tag'      13 2 
1 7BIT LEU A 3  ? UNP Q00987 ?   ?  'expression tag'      14 3 
1 7BIT GLY A 4  ? UNP Q00987 ?   ?  'expression tag'      15 4 
1 7BIT SER A 5  ? UNP Q00987 ?   ?  'expression tag'      16 5 
1 7BIT ALA A 58 ? UNP Q00987 GLU 69 'engineered mutation' 69 6 
1 7BIT ALA A 59 ? UNP Q00987 LYS 70 'engineered mutation' 70 7 
# 
_pdbx_struct_assembly.id                   1 
_pdbx_struct_assembly.details              author_and_software_defined_assembly 
_pdbx_struct_assembly.method_details       PISA 
_pdbx_struct_assembly.oligomeric_details   monomeric 
_pdbx_struct_assembly.oligomeric_count     1 
# 
loop_
_pdbx_struct_assembly_prop.biol_id 
_pdbx_struct_assembly_prop.type 
_pdbx_struct_assembly_prop.value 
_pdbx_struct_assembly_prop.details 
1 'ABSA (A^2)' 90   ? 
1 MORE         -6   ? 
1 'SSA (A^2)'  5730 ? 
# 
_pdbx_struct_assembly_gen.assembly_id       1 
_pdbx_struct_assembly_gen.oper_expression   1 
_pdbx_struct_assembly_gen.asym_id_list      A,B,C,D 
# 
_pdbx_struct_assembly_auth_evidence.id                     1 
_pdbx_struct_assembly_auth_evidence.assembly_id            1 
_pdbx_struct_assembly_auth_evidence.experimental_support   'gel filtration' 
_pdbx_struct_assembly_auth_evidence.details                ? 
# 
_pdbx_struct_oper_list.id                   1 
_pdbx_struct_oper_list.type                 'identity operation' 
_pdbx_struct_oper_list.name                 1_555 
_pdbx_struct_oper_list.symmetry_operation   x,y,z 
_pdbx_struct_oper_list.matrix[1][1]         1.0000000000 
_pdbx_struct_oper_list.matrix[1][2]         0.0000000000 
_pdbx_struct_oper_list.matrix[1][3]         0.0000000000 
_pdbx_struct_oper_list.vector[1]            0.0000000000 
_pdbx_struct_oper_list.matrix[2][1]         0.0000000000 
_pdbx_struct_oper_list.matrix[2][2]         1.0000000000 
_pdbx_struct_oper_list.matrix[2][3]         0.0000000000 
_pdbx_struct_oper_list.vector[2]            0.0000000000 
_pdbx_struct_oper_list.matrix[3][1]         0.0000000000 
_pdbx_struct_oper_list.matrix[3][2]         0.0000000000 
_pdbx_struct_oper_list.matrix[3][3]         1.0000000000 
_pdbx_struct_oper_list.vector[3]            0.0000000000 
# 
loop_
_struct_conf.conf_type_id 
_struct_conf.id 
_struct_conf.pdbx_PDB_helix_id 
_struct_conf.beg_label_comp_id 
_struct_conf.beg_label_asym_id 
_struct_conf.beg_label_seq_id 
_struct_conf.pdbx_beg_PDB_ins_code 
_struct_conf.end_label_comp_id 
_struct_conf.end_label_asym_id 
_struct_conf.end_label_seq_id 
_struct_conf.pdbx_end_PDB_ins_code 
_struct_conf.beg_auth_comp_id 
_struct_conf.beg_auth_asym_id 
_struct_conf.beg_auth_seq_id 
_struct_conf.end_auth_comp_id 
_struct_conf.end_auth_asym_id 
_struct_conf.end_auth_seq_id 
_struct_conf.pdbx_PDB_helix_class 
_struct_conf.details 
_struct_conf.pdbx_PDB_helix_length 
HELX_P HELX_P1 AA1 PRO A 9  ? THR A 15 ? PRO A 20 THR A 26  1 ? 7  
HELX_P HELX_P2 AA2 LYS A 20 ? SER A 29 ? LYS A 31 SER A 40  1 ? 10 
HELX_P HELX_P3 AA3 MET A 39 ? ARG A 54 ? MET A 50 ARG A 65  1 ? 16 
HELX_P HELX_P4 AA4 ASP A 69 ? GLY A 76 ? ASP A 80 GLY A 87  1 ? 8  
HELX_P HELX_P5 AA5 GLU A 84 ? ARG A 94 ? GLU A 95 ARG A 105 1 ? 11 
# 
_struct_conf_type.id          HELX_P 
_struct_conf_type.criteria    ? 
_struct_conf_type.reference   ? 
# 
loop_
_struct_sheet.id 
_struct_sheet.type 
_struct_sheet.number_strands 
_struct_sheet.details 
AA1 ? 2 ? 
AA2 ? 2 ? 
# 
loop_
_struct_sheet_order.sheet_id 
_struct_sheet_order.range_id_1 
_struct_sheet_order.range_id_2 
_struct_sheet_order.offset 
_struct_sheet_order.sense 
AA1 1 2 ? anti-parallel 
AA2 1 2 ? anti-parallel 
# 
loop_
_struct_sheet_range.sheet_id 
_struct_sheet_range.id 
_struct_sheet_range.beg_label_comp_id 
_struct_sheet_range.beg_label_asym_id 
_struct_sheet_range.beg_label_seq_id 
_struct_sheet_range.pdbx_beg_PDB_ins_code 
_struct_sheet_range.end_label_comp_id 
_struct_sheet_range.end_label_asym_id 
_struct_sheet_range.end_label_seq_id 
_struct_sheet_range.pdbx_end_PDB_ins_code 
_struct_sheet_range.beg_auth_comp_id 
_struct_sheet_range.beg_auth_asym_id 
_struct_sheet_range.beg_auth_seq_id 
_struct_sheet_range.end_auth_comp_id 
_struct_sheet_range.end_auth_asym_id 
_struct_sheet_range.end_auth_seq_id 
AA1 1 LEU A 16 ? VAL A 17 ? LEU A 27 VAL A 28 
AA1 2 TYR A 37 ? THR A 38 ? TYR A 48 THR A 49 
AA2 1 ILE A 63 ? TYR A 65 ? ILE A 74 TYR A 76 
AA2 2 SER A 79 ? SER A 81 ? SER A 90 SER A 92 
# 
loop_
_pdbx_struct_sheet_hbond.sheet_id 
_pdbx_struct_sheet_hbond.range_id_1 
_pdbx_struct_sheet_hbond.range_id_2 
_pdbx_struct_sheet_hbond.range_1_label_atom_id 
_pdbx_struct_sheet_hbond.range_1_label_comp_id 
_pdbx_struct_sheet_hbond.range_1_label_asym_id 
_pdbx_struct_sheet_hbond.range_1_label_seq_id 
_pdbx_struct_sheet_hbond.range_1_PDB_ins_code 
_pdbx_struct_sheet_hbond.range_1_auth_atom_id 
_pdbx_struct_sheet_hbond.range_1_auth_comp_id 
_pdbx_struct_sheet_hbond.range_1_auth_asym_id 
_pdbx_struct_sheet_hbond.range_1_auth_seq_id 
_pdbx_struct_sheet_hbond.range_2_label_atom_id 
_pdbx_struct_sheet_hbond.range_2_label_comp_id 
_pdbx_struct_sheet_hbond.range_2_label_asym_id 
_pdbx_struct_sheet_hbond.range_2_label_seq_id 
_pdbx_struct_sheet_hbond.range_2_PDB_ins_code 
_pdbx_struct_sheet_hbond.range_2_auth_atom_id 
_pdbx_struct_sheet_hbond.range_2_auth_comp_id 
_pdbx_struct_sheet_hbond.range_2_auth_asym_id 
_pdbx_struct_sheet_hbond.range_2_auth_seq_id 
AA1 1 2 N VAL A 17 ? N VAL A 28 O TYR A 37 ? O TYR A 48 
AA2 1 2 N VAL A 64 ? N VAL A 75 O PHE A 80 ? O PHE A 91 
# 
loop_
_struct_site.id 
_struct_site.pdbx_evidence_code 
_struct_site.pdbx_auth_asym_id 
_struct_site.pdbx_auth_comp_id 
_struct_site.pdbx_auth_seq_id 
_struct_site.pdbx_auth_ins_code 
_struct_site.pdbx_num_residues 
_struct_site.details 
AC1 Software A SO4 201 ? 4  'binding site for residue SO4 A 201' 
AC2 Software A TV5 202 ? 10 'binding site for residue TV5 A 202' 
# 
loop_
_struct_site_gen.id 
_struct_site_gen.site_id 
_struct_site_gen.pdbx_num_res 
_struct_site_gen.label_comp_id 
_struct_site_gen.label_asym_id 
_struct_site_gen.label_seq_id 
_struct_site_gen.pdbx_auth_ins_code 
_struct_site_gen.auth_comp_id 
_struct_site_gen.auth_asym_id 
_struct_site_gen.auth_seq_id 
_struct_site_gen.label_atom_id 
_struct_site_gen.label_alt_id 
_struct_site_gen.symmetry 
_struct_site_gen.details 
1  AC1 4  ARG A 86 ? ARG A 97  . ? 10_665 ? 
2  AC1 4  ARG A 86 ? ARG A 97  . ? 1_555  ? 
3  AC1 4  HOH D .  ? HOH A 302 . ? 10_665 ? 
4  AC1 4  HOH D .  ? HOH A 302 . ? 1_555  ? 
5  AC2 10 PRO A 21 ? PRO A 32  . ? 5_555  ? 
6  AC2 10 LEU A 22 ? LEU A 33  . ? 5_555  ? 
7  AC2 10 LEU A 43 ? LEU A 54  . ? 1_555  ? 
8  AC2 10 GLY A 47 ? GLY A 58  . ? 1_555  ? 
9  AC2 10 ILE A 50 ? ILE A 61  . ? 1_555  ? 
10 AC2 10 MET A 51 ? MET A 62  . ? 1_555  ? 
11 AC2 10 GLN A 61 ? GLN A 72  . ? 1_555  ? 
12 AC2 10 VAL A 82 ? VAL A 93  . ? 1_555  ? 
13 AC2 10 HIS A 85 ? HIS A 96  . ? 1_555  ? 
14 AC2 10 ILE A 88 ? ILE A 99  . ? 1_555  ? 
# 
_pdbx_refine_tls.id               1 
_pdbx_refine_tls.pdbx_refine_id   'X-RAY DIFFRACTION' 
_pdbx_refine_tls.details          ? 
_pdbx_refine_tls.method           refined 
_pdbx_refine_tls.origin_x         0.0146 
_pdbx_refine_tls.origin_y         -0.1981 
_pdbx_refine_tls.origin_z         -0.2364 
_pdbx_refine_tls.T[1][1]          0.0357 
_pdbx_refine_tls.T[1][1]_esd      ? 
_pdbx_refine_tls.T[1][2]          -0.1830 
_pdbx_refine_tls.T[1][2]_esd      ? 
_pdbx_refine_tls.T[1][3]          -0.0387 
_pdbx_refine_tls.T[1][3]_esd      ? 
_pdbx_refine_tls.T[2][2]          -0.1299 
_pdbx_refine_tls.T[2][2]_esd      ? 
_pdbx_refine_tls.T[2][3]          0.0469 
_pdbx_refine_tls.T[2][3]_esd      ? 
_pdbx_refine_tls.T[3][3]          0.0626 
_pdbx_refine_tls.T[3][3]_esd      ? 
_pdbx_refine_tls.L[1][1]          1.2387 
_pdbx_refine_tls.L[1][1]_esd      ? 
_pdbx_refine_tls.L[1][2]          -0.1062 
_pdbx_refine_tls.L[1][2]_esd      ? 
_pdbx_refine_tls.L[1][3]          0.8161 
_pdbx_refine_tls.L[1][3]_esd      ? 
_pdbx_refine_tls.L[2][2]          4.0273 
_pdbx_refine_tls.L[2][2]_esd      ? 
_pdbx_refine_tls.L[2][3]          3.2951 
_pdbx_refine_tls.L[2][3]_esd      ? 
_pdbx_refine_tls.L[3][3]          4.3233 
_pdbx_refine_tls.L[3][3]_esd      ? 
_pdbx_refine_tls.S[1][1]          0.1607 
_pdbx_refine_tls.S[1][1]_esd      ? 
_pdbx_refine_tls.S[1][2]          -0.3266 
_pdbx_refine_tls.S[1][2]_esd      ? 
_pdbx_refine_tls.S[1][3]          -0.2374 
_pdbx_refine_tls.S[1][3]_esd      ? 
_pdbx_refine_tls.S[2][1]          -0.2727 
_pdbx_refine_tls.S[2][1]_esd      ? 
_pdbx_refine_tls.S[2][2]          0.4387 
_pdbx_refine_tls.S[2][2]_esd      ? 
_pdbx_refine_tls.S[2][3]          -0.3929 
_pdbx_refine_tls.S[2][3]_esd      ? 
_pdbx_refine_tls.S[3][1]          0.0122 
_pdbx_refine_tls.S[3][1]_esd      ? 
_pdbx_refine_tls.S[3][2]          0.0058 
_pdbx_refine_tls.S[3][2]_esd      ? 
_pdbx_refine_tls.S[3][3]          -0.5995 
_pdbx_refine_tls.S[3][3]_esd      ? 
# 
_pdbx_refine_tls_group.id                  1 
_pdbx_refine_tls_group.pdbx_refine_id      'X-RAY DIFFRACTION' 
_pdbx_refine_tls_group.refine_tls_id       1 
_pdbx_refine_tls_group.beg_label_asym_id   ? 
_pdbx_refine_tls_group.beg_label_seq_id    ? 
_pdbx_refine_tls_group.beg_auth_asym_id    A 
_pdbx_refine_tls_group.beg_auth_seq_id     17 
_pdbx_refine_tls_group.beg_PDB_ins_code    ? 
_pdbx_refine_tls_group.end_label_asym_id   ? 
_pdbx_refine_tls_group.end_label_seq_id    ? 
_pdbx_refine_tls_group.end_auth_asym_id    A 
_pdbx_refine_tls_group.end_auth_seq_id     108 
_pdbx_refine_tls_group.end_PDB_ins_code    ? 
_pdbx_refine_tls_group.selection           ? 
_pdbx_refine_tls_group.selection_details   '{ A|17 - A|108 }' 
# 
_pdbx_entry_details.entry_id                 7BIT 
_pdbx_entry_details.has_ligand_of_interest   Y 
_pdbx_entry_details.compound_details         ? 
_pdbx_entry_details.source_details           ? 
_pdbx_entry_details.nonpolymer_details       ? 
_pdbx_entry_details.sequence_details         ? 
# 
loop_
_pdbx_unobs_or_zero_occ_residues.id 
_pdbx_unobs_or_zero_occ_residues.PDB_model_num 
_pdbx_unobs_or_zero_occ_residues.polymer_flag 
_pdbx_unobs_or_zero_occ_residues.occupancy_flag 
_pdbx_unobs_or_zero_occ_residues.auth_asym_id 
_pdbx_unobs_or_zero_occ_residues.auth_comp_id 
_pdbx_unobs_or_zero_occ_residues.auth_seq_id 
_pdbx_unobs_or_zero_occ_residues.PDB_ins_code 
_pdbx_unobs_or_zero_occ_residues.label_asym_id 
_pdbx_unobs_or_zero_occ_residues.label_comp_id 
_pdbx_unobs_or_zero_occ_residues.label_seq_id 
1  1 Y 1 A GLY 12  ? A GLY 1   
2  1 Y 1 A PRO 13  ? A PRO 2   
3  1 Y 1 A LEU 14  ? A LEU 3   
4  1 Y 1 A GLY 15  ? A GLY 4   
5  1 Y 1 A SER 16  ? A SER 5   
6  1 Y 1 A VAL 109 ? A VAL 98  
7  1 Y 1 A VAL 110 ? A VAL 99  
8  1 Y 1 A ASN 111 ? A ASN 100 
9  1 Y 1 A GLN 112 ? A GLN 101 
10 1 Y 1 A GLN 113 ? A GLN 102 
11 1 Y 1 A GLU 114 ? A GLU 103 
12 1 Y 1 A SER 115 ? A SER 104 
13 1 Y 1 A SER 116 ? A SER 105 
14 1 Y 1 A ASP 117 ? A ASP 106 
15 1 Y 1 A SER 118 ? A SER 107 
16 1 Y 1 A GLY 119 ? A GLY 108 
17 1 Y 1 A THR 120 ? A THR 109 
18 1 Y 1 A SER 121 ? A SER 110 
19 1 Y 1 A VAL 122 ? A VAL 111 
20 1 Y 1 A SER 123 ? A SER 112 
21 1 Y 1 A GLU 124 ? A GLU 113 
22 1 Y 1 A ASN 125 ? A ASN 114 
# 
loop_
_chem_comp_atom.comp_id 
_chem_comp_atom.atom_id 
_chem_comp_atom.type_symbol 
_chem_comp_atom.pdbx_aromatic_flag 
_chem_comp_atom.pdbx_stereo_config 
_chem_comp_atom.pdbx_ordinal 
ALA N    N  N N 1   
ALA CA   C  N S 2   
ALA C    C  N N 3   
ALA O    O  N N 4   
ALA CB   C  N N 5   
ALA OXT  O  N N 6   
ALA H    H  N N 7   
ALA H2   H  N N 8   
ALA HA   H  N N 9   
ALA HB1  H  N N 10  
ALA HB2  H  N N 11  
ALA HB3  H  N N 12  
ALA HXT  H  N N 13  
ARG N    N  N N 14  
ARG CA   C  N S 15  
ARG C    C  N N 16  
ARG O    O  N N 17  
ARG CB   C  N N 18  
ARG CG   C  N N 19  
ARG CD   C  N N 20  
ARG NE   N  N N 21  
ARG CZ   C  N N 22  
ARG NH1  N  N N 23  
ARG NH2  N  N N 24  
ARG OXT  O  N N 25  
ARG H    H  N N 26  
ARG H2   H  N N 27  
ARG HA   H  N N 28  
ARG HB2  H  N N 29  
ARG HB3  H  N N 30  
ARG HG2  H  N N 31  
ARG HG3  H  N N 32  
ARG HD2  H  N N 33  
ARG HD3  H  N N 34  
ARG HE   H  N N 35  
ARG HH11 H  N N 36  
ARG HH12 H  N N 37  
ARG HH21 H  N N 38  
ARG HH22 H  N N 39  
ARG HXT  H  N N 40  
ASN N    N  N N 41  
ASN CA   C  N S 42  
ASN C    C  N N 43  
ASN O    O  N N 44  
ASN CB   C  N N 45  
ASN CG   C  N N 46  
ASN OD1  O  N N 47  
ASN ND2  N  N N 48  
ASN OXT  O  N N 49  
ASN H    H  N N 50  
ASN H2   H  N N 51  
ASN HA   H  N N 52  
ASN HB2  H  N N 53  
ASN HB3  H  N N 54  
ASN HD21 H  N N 55  
ASN HD22 H  N N 56  
ASN HXT  H  N N 57  
ASP N    N  N N 58  
ASP CA   C  N S 59  
ASP C    C  N N 60  
ASP O    O  N N 61  
ASP CB   C  N N 62  
ASP CG   C  N N 63  
ASP OD1  O  N N 64  
ASP OD2  O  N N 65  
ASP OXT  O  N N 66  
ASP H    H  N N 67  
ASP H2   H  N N 68  
ASP HA   H  N N 69  
ASP HB2  H  N N 70  
ASP HB3  H  N N 71  
ASP HD2  H  N N 72  
ASP HXT  H  N N 73  
CYS N    N  N N 74  
CYS CA   C  N R 75  
CYS C    C  N N 76  
CYS O    O  N N 77  
CYS CB   C  N N 78  
CYS SG   S  N N 79  
CYS OXT  O  N N 80  
CYS H    H  N N 81  
CYS H2   H  N N 82  
CYS HA   H  N N 83  
CYS HB2  H  N N 84  
CYS HB3  H  N N 85  
CYS HG   H  N N 86  
CYS HXT  H  N N 87  
GLN N    N  N N 88  
GLN CA   C  N S 89  
GLN C    C  N N 90  
GLN O    O  N N 91  
GLN CB   C  N N 92  
GLN CG   C  N N 93  
GLN CD   C  N N 94  
GLN OE1  O  N N 95  
GLN NE2  N  N N 96  
GLN OXT  O  N N 97  
GLN H    H  N N 98  
GLN H2   H  N N 99  
GLN HA   H  N N 100 
GLN HB2  H  N N 101 
GLN HB3  H  N N 102 
GLN HG2  H  N N 103 
GLN HG3  H  N N 104 
GLN HE21 H  N N 105 
GLN HE22 H  N N 106 
GLN HXT  H  N N 107 
GLU N    N  N N 108 
GLU CA   C  N S 109 
GLU C    C  N N 110 
GLU O    O  N N 111 
GLU CB   C  N N 112 
GLU CG   C  N N 113 
GLU CD   C  N N 114 
GLU OE1  O  N N 115 
GLU OE2  O  N N 116 
GLU OXT  O  N N 117 
GLU H    H  N N 118 
GLU H2   H  N N 119 
GLU HA   H  N N 120 
GLU HB2  H  N N 121 
GLU HB3  H  N N 122 
GLU HG2  H  N N 123 
GLU HG3  H  N N 124 
GLU HE2  H  N N 125 
GLU HXT  H  N N 126 
GLY N    N  N N 127 
GLY CA   C  N N 128 
GLY C    C  N N 129 
GLY O    O  N N 130 
GLY OXT  O  N N 131 
GLY H    H  N N 132 
GLY H2   H  N N 133 
GLY HA2  H  N N 134 
GLY HA3  H  N N 135 
GLY HXT  H  N N 136 
HIS N    N  N N 137 
HIS CA   C  N S 138 
HIS C    C  N N 139 
HIS O    O  N N 140 
HIS CB   C  N N 141 
HIS CG   C  Y N 142 
HIS ND1  N  Y N 143 
HIS CD2  C  Y N 144 
HIS CE1  C  Y N 145 
HIS NE2  N  Y N 146 
HIS OXT  O  N N 147 
HIS H    H  N N 148 
HIS H2   H  N N 149 
HIS HA   H  N N 150 
HIS HB2  H  N N 151 
HIS HB3  H  N N 152 
HIS HD1  H  N N 153 
HIS HD2  H  N N 154 
HIS HE1  H  N N 155 
HIS HE2  H  N N 156 
HIS HXT  H  N N 157 
HOH O    O  N N 158 
HOH H1   H  N N 159 
HOH H2   H  N N 160 
ILE N    N  N N 161 
ILE CA   C  N S 162 
ILE C    C  N N 163 
ILE O    O  N N 164 
ILE CB   C  N S 165 
ILE CG1  C  N N 166 
ILE CG2  C  N N 167 
ILE CD1  C  N N 168 
ILE OXT  O  N N 169 
ILE H    H  N N 170 
ILE H2   H  N N 171 
ILE HA   H  N N 172 
ILE HB   H  N N 173 
ILE HG12 H  N N 174 
ILE HG13 H  N N 175 
ILE HG21 H  N N 176 
ILE HG22 H  N N 177 
ILE HG23 H  N N 178 
ILE HD11 H  N N 179 
ILE HD12 H  N N 180 
ILE HD13 H  N N 181 
ILE HXT  H  N N 182 
LEU N    N  N N 183 
LEU CA   C  N S 184 
LEU C    C  N N 185 
LEU O    O  N N 186 
LEU CB   C  N N 187 
LEU CG   C  N N 188 
LEU CD1  C  N N 189 
LEU CD2  C  N N 190 
LEU OXT  O  N N 191 
LEU H    H  N N 192 
LEU H2   H  N N 193 
LEU HA   H  N N 194 
LEU HB2  H  N N 195 
LEU HB3  H  N N 196 
LEU HG   H  N N 197 
LEU HD11 H  N N 198 
LEU HD12 H  N N 199 
LEU HD13 H  N N 200 
LEU HD21 H  N N 201 
LEU HD22 H  N N 202 
LEU HD23 H  N N 203 
LEU HXT  H  N N 204 
LYS N    N  N N 205 
LYS CA   C  N S 206 
LYS C    C  N N 207 
LYS O    O  N N 208 
LYS CB   C  N N 209 
LYS CG   C  N N 210 
LYS CD   C  N N 211 
LYS CE   C  N N 212 
LYS NZ   N  N N 213 
LYS OXT  O  N N 214 
LYS H    H  N N 215 
LYS H2   H  N N 216 
LYS HA   H  N N 217 
LYS HB2  H  N N 218 
LYS HB3  H  N N 219 
LYS HG2  H  N N 220 
LYS HG3  H  N N 221 
LYS HD2  H  N N 222 
LYS HD3  H  N N 223 
LYS HE2  H  N N 224 
LYS HE3  H  N N 225 
LYS HZ1  H  N N 226 
LYS HZ2  H  N N 227 
LYS HZ3  H  N N 228 
LYS HXT  H  N N 229 
MET N    N  N N 230 
MET CA   C  N S 231 
MET C    C  N N 232 
MET O    O  N N 233 
MET CB   C  N N 234 
MET CG   C  N N 235 
MET SD   S  N N 236 
MET CE   C  N N 237 
MET OXT  O  N N 238 
MET H    H  N N 239 
MET H2   H  N N 240 
MET HA   H  N N 241 
MET HB2  H  N N 242 
MET HB3  H  N N 243 
MET HG2  H  N N 244 
MET HG3  H  N N 245 
MET HE1  H  N N 246 
MET HE2  H  N N 247 
MET HE3  H  N N 248 
MET HXT  H  N N 249 
PHE N    N  N N 250 
PHE CA   C  N S 251 
PHE C    C  N N 252 
PHE O    O  N N 253 
PHE CB   C  N N 254 
PHE CG   C  Y N 255 
PHE CD1  C  Y N 256 
PHE CD2  C  Y N 257 
PHE CE1  C  Y N 258 
PHE CE2  C  Y N 259 
PHE CZ   C  Y N 260 
PHE OXT  O  N N 261 
PHE H    H  N N 262 
PHE H2   H  N N 263 
PHE HA   H  N N 264 
PHE HB2  H  N N 265 
PHE HB3  H  N N 266 
PHE HD1  H  N N 267 
PHE HD2  H  N N 268 
PHE HE1  H  N N 269 
PHE HE2  H  N N 270 
PHE HZ   H  N N 271 
PHE HXT  H  N N 272 
PRO N    N  N N 273 
PRO CA   C  N S 274 
PRO C    C  N N 275 
PRO O    O  N N 276 
PRO CB   C  N N 277 
PRO CG   C  N N 278 
PRO CD   C  N N 279 
PRO OXT  O  N N 280 
PRO H    H  N N 281 
PRO HA   H  N N 282 
PRO HB2  H  N N 283 
PRO HB3  H  N N 284 
PRO HG2  H  N N 285 
PRO HG3  H  N N 286 
PRO HD2  H  N N 287 
PRO HD3  H  N N 288 
PRO HXT  H  N N 289 
SER N    N  N N 290 
SER CA   C  N S 291 
SER C    C  N N 292 
SER O    O  N N 293 
SER CB   C  N N 294 
SER OG   O  N N 295 
SER OXT  O  N N 296 
SER H    H  N N 297 
SER H2   H  N N 298 
SER HA   H  N N 299 
SER HB2  H  N N 300 
SER HB3  H  N N 301 
SER HG   H  N N 302 
SER HXT  H  N N 303 
SO4 S    S  N N 304 
SO4 O1   O  N N 305 
SO4 O2   O  N N 306 
SO4 O3   O  N N 307 
SO4 O4   O  N N 308 
THR N    N  N N 309 
THR CA   C  N S 310 
THR C    C  N N 311 
THR O    O  N N 312 
THR CB   C  N R 313 
THR OG1  O  N N 314 
THR CG2  C  N N 315 
THR OXT  O  N N 316 
THR H    H  N N 317 
THR H2   H  N N 318 
THR HA   H  N N 319 
THR HB   H  N N 320 
THR HG1  H  N N 321 
THR HG21 H  N N 322 
THR HG22 H  N N 323 
THR HG23 H  N N 324 
THR HXT  H  N N 325 
TV5 C1   C  N N 326 
TV5 C2   C  N N 327 
TV5 C3   C  N N 328 
TV5 C5   C  Y N 329 
TV5 C6   C  Y N 330 
TV5 C7   C  Y N 331 
TV5 C8   C  N N 332 
TV5 O9   O  N N 333 
TV5 C11  C  N N 334 
TV5 C12  C  Y N 335 
TV5 C13  C  Y N 336 
TV5 C14  C  Y N 337 
TV5 C15  C  Y N 338 
TV5 N18  N  Y N 339 
TV5 C19  C  N R 340 
TV5 C21  C  N N 341 
TV5 C22  C  N N 342 
TV5 C24  C  N N 343 
TV5 C25  C  N N 344 
TV5 C26  C  Y N 345 
TV5 C27  C  Y N 346 
TV5 C31  C  Y N 347 
TV5 C35  C  Y N 348 
TV5 C36  C  Y N 349 
TV5 O4   O  N N 350 
TV5 N10  N  N N 351 
TV5 CL1  CL N N 352 
TV5 C17  C  Y N 353 
TV5 O20  O  N N 354 
TV5 O23  O  N N 355 
TV5 F28  F  N N 356 
TV5 C29  C  Y N 357 
TV5 C30  C  Y N 358 
TV5 C32  C  Y N 359 
TV5 C33  C  Y N 360 
TV5 CL2  CL N N 361 
TV5 H38  H  N N 362 
TV5 H37  H  N N 363 
TV5 H39  H  N N 364 
TV5 H42  H  N N 365 
TV5 H41  H  N N 366 
TV5 H40  H  N N 367 
TV5 H44  H  N N 368 
TV5 H45  H  N N 369 
TV5 H46  H  N N 370 
TV5 H47  H  N N 371 
TV5 H48  H  N N 372 
TV5 H51  H  N N 373 
TV5 H50  H  N N 374 
TV5 H54  H  N N 375 
TV5 H53  H  N N 376 
TV5 H55  H  N N 377 
TV5 H56  H  N N 378 
TV5 H58  H  N N 379 
TV5 H60  H  N N 380 
TV5 H61  H  N N 381 
TV5 H43  H  N N 382 
TV5 H49  H  N N 383 
TV5 H52  H  N N 384 
TV5 H57  H  N N 385 
TV5 H59  H  N N 386 
TYR N    N  N N 387 
TYR CA   C  N S 388 
TYR C    C  N N 389 
TYR O    O  N N 390 
TYR CB   C  N N 391 
TYR CG   C  Y N 392 
TYR CD1  C  Y N 393 
TYR CD2  C  Y N 394 
TYR CE1  C  Y N 395 
TYR CE2  C  Y N 396 
TYR CZ   C  Y N 397 
TYR OH   O  N N 398 
TYR OXT  O  N N 399 
TYR H    H  N N 400 
TYR H2   H  N N 401 
TYR HA   H  N N 402 
TYR HB2  H  N N 403 
TYR HB3  H  N N 404 
TYR HD1  H  N N 405 
TYR HD2  H  N N 406 
TYR HE1  H  N N 407 
TYR HE2  H  N N 408 
TYR HH   H  N N 409 
TYR HXT  H  N N 410 
VAL N    N  N N 411 
VAL CA   C  N S 412 
VAL C    C  N N 413 
VAL O    O  N N 414 
VAL CB   C  N N 415 
VAL CG1  C  N N 416 
VAL CG2  C  N N 417 
VAL OXT  O  N N 418 
VAL H    H  N N 419 
VAL H2   H  N N 420 
VAL HA   H  N N 421 
VAL HB   H  N N 422 
VAL HG11 H  N N 423 
VAL HG12 H  N N 424 
VAL HG13 H  N N 425 
VAL HG21 H  N N 426 
VAL HG22 H  N N 427 
VAL HG23 H  N N 428 
VAL HXT  H  N N 429 
# 
loop_
_chem_comp_bond.comp_id 
_chem_comp_bond.atom_id_1 
_chem_comp_bond.atom_id_2 
_chem_comp_bond.value_order 
_chem_comp_bond.pdbx_aromatic_flag 
_chem_comp_bond.pdbx_stereo_config 
_chem_comp_bond.pdbx_ordinal 
ALA N   CA   sing N N 1   
ALA N   H    sing N N 2   
ALA N   H2   sing N N 3   
ALA CA  C    sing N N 4   
ALA CA  CB   sing N N 5   
ALA CA  HA   sing N N 6   
ALA C   O    doub N N 7   
ALA C   OXT  sing N N 8   
ALA CB  HB1  sing N N 9   
ALA CB  HB2  sing N N 10  
ALA CB  HB3  sing N N 11  
ALA OXT HXT  sing N N 12  
ARG N   CA   sing N N 13  
ARG N   H    sing N N 14  
ARG N   H2   sing N N 15  
ARG CA  C    sing N N 16  
ARG CA  CB   sing N N 17  
ARG CA  HA   sing N N 18  
ARG C   O    doub N N 19  
ARG C   OXT  sing N N 20  
ARG CB  CG   sing N N 21  
ARG CB  HB2  sing N N 22  
ARG CB  HB3  sing N N 23  
ARG CG  CD   sing N N 24  
ARG CG  HG2  sing N N 25  
ARG CG  HG3  sing N N 26  
ARG CD  NE   sing N N 27  
ARG CD  HD2  sing N N 28  
ARG CD  HD3  sing N N 29  
ARG NE  CZ   sing N N 30  
ARG NE  HE   sing N N 31  
ARG CZ  NH1  sing N N 32  
ARG CZ  NH2  doub N N 33  
ARG NH1 HH11 sing N N 34  
ARG NH1 HH12 sing N N 35  
ARG NH2 HH21 sing N N 36  
ARG NH2 HH22 sing N N 37  
ARG OXT HXT  sing N N 38  
ASN N   CA   sing N N 39  
ASN N   H    sing N N 40  
ASN N   H2   sing N N 41  
ASN CA  C    sing N N 42  
ASN CA  CB   sing N N 43  
ASN CA  HA   sing N N 44  
ASN C   O    doub N N 45  
ASN C   OXT  sing N N 46  
ASN CB  CG   sing N N 47  
ASN CB  HB2  sing N N 48  
ASN CB  HB3  sing N N 49  
ASN CG  OD1  doub N N 50  
ASN CG  ND2  sing N N 51  
ASN ND2 HD21 sing N N 52  
ASN ND2 HD22 sing N N 53  
ASN OXT HXT  sing N N 54  
ASP N   CA   sing N N 55  
ASP N   H    sing N N 56  
ASP N   H2   sing N N 57  
ASP CA  C    sing N N 58  
ASP CA  CB   sing N N 59  
ASP CA  HA   sing N N 60  
ASP C   O    doub N N 61  
ASP C   OXT  sing N N 62  
ASP CB  CG   sing N N 63  
ASP CB  HB2  sing N N 64  
ASP CB  HB3  sing N N 65  
ASP CG  OD1  doub N N 66  
ASP CG  OD2  sing N N 67  
ASP OD2 HD2  sing N N 68  
ASP OXT HXT  sing N N 69  
CYS N   CA   sing N N 70  
CYS N   H    sing N N 71  
CYS N   H2   sing N N 72  
CYS CA  C    sing N N 73  
CYS CA  CB   sing N N 74  
CYS CA  HA   sing N N 75  
CYS C   O    doub N N 76  
CYS C   OXT  sing N N 77  
CYS CB  SG   sing N N 78  
CYS CB  HB2  sing N N 79  
CYS CB  HB3  sing N N 80  
CYS SG  HG   sing N N 81  
CYS OXT HXT  sing N N 82  
GLN N   CA   sing N N 83  
GLN N   H    sing N N 84  
GLN N   H2   sing N N 85  
GLN CA  C    sing N N 86  
GLN CA  CB   sing N N 87  
GLN CA  HA   sing N N 88  
GLN C   O    doub N N 89  
GLN C   OXT  sing N N 90  
GLN CB  CG   sing N N 91  
GLN CB  HB2  sing N N 92  
GLN CB  HB3  sing N N 93  
GLN CG  CD   sing N N 94  
GLN CG  HG2  sing N N 95  
GLN CG  HG3  sing N N 96  
GLN CD  OE1  doub N N 97  
GLN CD  NE2  sing N N 98  
GLN NE2 HE21 sing N N 99  
GLN NE2 HE22 sing N N 100 
GLN OXT HXT  sing N N 101 
GLU N   CA   sing N N 102 
GLU N   H    sing N N 103 
GLU N   H2   sing N N 104 
GLU CA  C    sing N N 105 
GLU CA  CB   sing N N 106 
GLU CA  HA   sing N N 107 
GLU C   O    doub N N 108 
GLU C   OXT  sing N N 109 
GLU CB  CG   sing N N 110 
GLU CB  HB2  sing N N 111 
GLU CB  HB3  sing N N 112 
GLU CG  CD   sing N N 113 
GLU CG  HG2  sing N N 114 
GLU CG  HG3  sing N N 115 
GLU CD  OE1  doub N N 116 
GLU CD  OE2  sing N N 117 
GLU OE2 HE2  sing N N 118 
GLU OXT HXT  sing N N 119 
GLY N   CA   sing N N 120 
GLY N   H    sing N N 121 
GLY N   H2   sing N N 122 
GLY CA  C    sing N N 123 
GLY CA  HA2  sing N N 124 
GLY CA  HA3  sing N N 125 
GLY C   O    doub N N 126 
GLY C   OXT  sing N N 127 
GLY OXT HXT  sing N N 128 
HIS N   CA   sing N N 129 
HIS N   H    sing N N 130 
HIS N   H2   sing N N 131 
HIS CA  C    sing N N 132 
HIS CA  CB   sing N N 133 
HIS CA  HA   sing N N 134 
HIS C   O    doub N N 135 
HIS C   OXT  sing N N 136 
HIS CB  CG   sing N N 137 
HIS CB  HB2  sing N N 138 
HIS CB  HB3  sing N N 139 
HIS CG  ND1  sing Y N 140 
HIS CG  CD2  doub Y N 141 
HIS ND1 CE1  doub Y N 142 
HIS ND1 HD1  sing N N 143 
HIS CD2 NE2  sing Y N 144 
HIS CD2 HD2  sing N N 145 
HIS CE1 NE2  sing Y N 146 
HIS CE1 HE1  sing N N 147 
HIS NE2 HE2  sing N N 148 
HIS OXT HXT  sing N N 149 
HOH O   H1   sing N N 150 
HOH O   H2   sing N N 151 
ILE N   CA   sing N N 152 
ILE N   H    sing N N 153 
ILE N   H2   sing N N 154 
ILE CA  C    sing N N 155 
ILE CA  CB   sing N N 156 
ILE CA  HA   sing N N 157 
ILE C   O    doub N N 158 
ILE C   OXT  sing N N 159 
ILE CB  CG1  sing N N 160 
ILE CB  CG2  sing N N 161 
ILE CB  HB   sing N N 162 
ILE CG1 CD1  sing N N 163 
ILE CG1 HG12 sing N N 164 
ILE CG1 HG13 sing N N 165 
ILE CG2 HG21 sing N N 166 
ILE CG2 HG22 sing N N 167 
ILE CG2 HG23 sing N N 168 
ILE CD1 HD11 sing N N 169 
ILE CD1 HD12 sing N N 170 
ILE CD1 HD13 sing N N 171 
ILE OXT HXT  sing N N 172 
LEU N   CA   sing N N 173 
LEU N   H    sing N N 174 
LEU N   H2   sing N N 175 
LEU CA  C    sing N N 176 
LEU CA  CB   sing N N 177 
LEU CA  HA   sing N N 178 
LEU C   O    doub N N 179 
LEU C   OXT  sing N N 180 
LEU CB  CG   sing N N 181 
LEU CB  HB2  sing N N 182 
LEU CB  HB3  sing N N 183 
LEU CG  CD1  sing N N 184 
LEU CG  CD2  sing N N 185 
LEU CG  HG   sing N N 186 
LEU CD1 HD11 sing N N 187 
LEU CD1 HD12 sing N N 188 
LEU CD1 HD13 sing N N 189 
LEU CD2 HD21 sing N N 190 
LEU CD2 HD22 sing N N 191 
LEU CD2 HD23 sing N N 192 
LEU OXT HXT  sing N N 193 
LYS N   CA   sing N N 194 
LYS N   H    sing N N 195 
LYS N   H2   sing N N 196 
LYS CA  C    sing N N 197 
LYS CA  CB   sing N N 198 
LYS CA  HA   sing N N 199 
LYS C   O    doub N N 200 
LYS C   OXT  sing N N 201 
LYS CB  CG   sing N N 202 
LYS CB  HB2  sing N N 203 
LYS CB  HB3  sing N N 204 
LYS CG  CD   sing N N 205 
LYS CG  HG2  sing N N 206 
LYS CG  HG3  sing N N 207 
LYS CD  CE   sing N N 208 
LYS CD  HD2  sing N N 209 
LYS CD  HD3  sing N N 210 
LYS CE  NZ   sing N N 211 
LYS CE  HE2  sing N N 212 
LYS CE  HE3  sing N N 213 
LYS NZ  HZ1  sing N N 214 
LYS NZ  HZ2  sing N N 215 
LYS NZ  HZ3  sing N N 216 
LYS OXT HXT  sing N N 217 
MET N   CA   sing N N 218 
MET N   H    sing N N 219 
MET N   H2   sing N N 220 
MET CA  C    sing N N 221 
MET CA  CB   sing N N 222 
MET CA  HA   sing N N 223 
MET C   O    doub N N 224 
MET C   OXT  sing N N 225 
MET CB  CG   sing N N 226 
MET CB  HB2  sing N N 227 
MET CB  HB3  sing N N 228 
MET CG  SD   sing N N 229 
MET CG  HG2  sing N N 230 
MET CG  HG3  sing N N 231 
MET SD  CE   sing N N 232 
MET CE  HE1  sing N N 233 
MET CE  HE2  sing N N 234 
MET CE  HE3  sing N N 235 
MET OXT HXT  sing N N 236 
PHE N   CA   sing N N 237 
PHE N   H    sing N N 238 
PHE N   H2   sing N N 239 
PHE CA  C    sing N N 240 
PHE CA  CB   sing N N 241 
PHE CA  HA   sing N N 242 
PHE C   O    doub N N 243 
PHE C   OXT  sing N N 244 
PHE CB  CG   sing N N 245 
PHE CB  HB2  sing N N 246 
PHE CB  HB3  sing N N 247 
PHE CG  CD1  doub Y N 248 
PHE CG  CD2  sing Y N 249 
PHE CD1 CE1  sing Y N 250 
PHE CD1 HD1  sing N N 251 
PHE CD2 CE2  doub Y N 252 
PHE CD2 HD2  sing N N 253 
PHE CE1 CZ   doub Y N 254 
PHE CE1 HE1  sing N N 255 
PHE CE2 CZ   sing Y N 256 
PHE CE2 HE2  sing N N 257 
PHE CZ  HZ   sing N N 258 
PHE OXT HXT  sing N N 259 
PRO N   CA   sing N N 260 
PRO N   CD   sing N N 261 
PRO N   H    sing N N 262 
PRO CA  C    sing N N 263 
PRO CA  CB   sing N N 264 
PRO CA  HA   sing N N 265 
PRO C   O    doub N N 266 
PRO C   OXT  sing N N 267 
PRO CB  CG   sing N N 268 
PRO CB  HB2  sing N N 269 
PRO CB  HB3  sing N N 270 
PRO CG  CD   sing N N 271 
PRO CG  HG2  sing N N 272 
PRO CG  HG3  sing N N 273 
PRO CD  HD2  sing N N 274 
PRO CD  HD3  sing N N 275 
PRO OXT HXT  sing N N 276 
SER N   CA   sing N N 277 
SER N   H    sing N N 278 
SER N   H2   sing N N 279 
SER CA  C    sing N N 280 
SER CA  CB   sing N N 281 
SER CA  HA   sing N N 282 
SER C   O    doub N N 283 
SER C   OXT  sing N N 284 
SER CB  OG   sing N N 285 
SER CB  HB2  sing N N 286 
SER CB  HB3  sing N N 287 
SER OG  HG   sing N N 288 
SER OXT HXT  sing N N 289 
SO4 S   O1   doub N N 290 
SO4 S   O2   doub N N 291 
SO4 S   O3   sing N N 292 
SO4 S   O4   sing N N 293 
THR N   CA   sing N N 294 
THR N   H    sing N N 295 
THR N   H2   sing N N 296 
THR CA  C    sing N N 297 
THR CA  CB   sing N N 298 
THR CA  HA   sing N N 299 
THR C   O    doub N N 300 
THR C   OXT  sing N N 301 
THR CB  OG1  sing N N 302 
THR CB  CG2  sing N N 303 
THR CB  HB   sing N N 304 
THR OG1 HG1  sing N N 305 
THR CG2 HG21 sing N N 306 
THR CG2 HG22 sing N N 307 
THR CG2 HG23 sing N N 308 
THR OXT HXT  sing N N 309 
TV5 CL2 C33  sing N N 310 
TV5 C33 C32  doub Y N 311 
TV5 C33 C35  sing Y N 312 
TV5 C32 C31  sing Y N 313 
TV5 C1  C2   sing N N 314 
TV5 C35 C36  doub Y N 315 
TV5 C31 C30  doub Y N 316 
TV5 CL1 C15  sing N N 317 
TV5 F28 C27  sing N N 318 
TV5 C2  C5   sing N N 319 
TV5 C2  O4   sing N N 320 
TV5 C2  C3   sing N N 321 
TV5 C29 C27  doub Y N 322 
TV5 C29 C5   sing Y N 323 
TV5 C36 C30  sing Y N 324 
TV5 C30 C19  sing N N 325 
TV5 C14 C15  doub Y N 326 
TV5 C14 C13  sing Y N 327 
TV5 C27 C26  sing Y N 328 
TV5 C15 C17  sing Y N 329 
TV5 C5  C6   doub Y N 330 
TV5 C26 C7   doub Y N 331 
TV5 C26 C19  sing N N 332 
TV5 C6  C7   sing Y N 333 
TV5 C13 C12  doub Y N 334 
TV5 C17 N18  doub Y N 335 
TV5 C7  C8   sing N N 336 
TV5 C19 N10  sing N N 337 
TV5 C19 O20  sing N N 338 
TV5 C12 N18  sing Y N 339 
TV5 C12 C11  sing N N 340 
TV5 C8  N10  sing N N 341 
TV5 C8  O9   doub N N 342 
TV5 N10 C11  sing N N 343 
TV5 O20 C21  sing N N 344 
TV5 C24 C22  sing N N 345 
TV5 C24 C25  sing N N 346 
TV5 C21 C22  sing N N 347 
TV5 C22 O23  sing N N 348 
TV5 C22 C25  sing N N 349 
TV5 C1  H38  sing N N 350 
TV5 C1  H37  sing N N 351 
TV5 C1  H39  sing N N 352 
TV5 C3  H42  sing N N 353 
TV5 C3  H41  sing N N 354 
TV5 C3  H40  sing N N 355 
TV5 C6  H44  sing N N 356 
TV5 C11 H45  sing N N 357 
TV5 C11 H46  sing N N 358 
TV5 C13 H47  sing N N 359 
TV5 C14 H48  sing N N 360 
TV5 C21 H51  sing N N 361 
TV5 C21 H50  sing N N 362 
TV5 C24 H54  sing N N 363 
TV5 C24 H53  sing N N 364 
TV5 C25 H55  sing N N 365 
TV5 C25 H56  sing N N 366 
TV5 C31 H58  sing N N 367 
TV5 C35 H60  sing N N 368 
TV5 C36 H61  sing N N 369 
TV5 O4  H43  sing N N 370 
TV5 C17 H49  sing N N 371 
TV5 O23 H52  sing N N 372 
TV5 C29 H57  sing N N 373 
TV5 C32 H59  sing N N 374 
TYR N   CA   sing N N 375 
TYR N   H    sing N N 376 
TYR N   H2   sing N N 377 
TYR CA  C    sing N N 378 
TYR CA  CB   sing N N 379 
TYR CA  HA   sing N N 380 
TYR C   O    doub N N 381 
TYR C   OXT  sing N N 382 
TYR CB  CG   sing N N 383 
TYR CB  HB2  sing N N 384 
TYR CB  HB3  sing N N 385 
TYR CG  CD1  doub Y N 386 
TYR CG  CD2  sing Y N 387 
TYR CD1 CE1  sing Y N 388 
TYR CD1 HD1  sing N N 389 
TYR CD2 CE2  doub Y N 390 
TYR CD2 HD2  sing N N 391 
TYR CE1 CZ   doub Y N 392 
TYR CE1 HE1  sing N N 393 
TYR CE2 CZ   sing Y N 394 
TYR CE2 HE2  sing N N 395 
TYR CZ  OH   sing N N 396 
TYR OH  HH   sing N N 397 
TYR OXT HXT  sing N N 398 
VAL N   CA   sing N N 399 
VAL N   H    sing N N 400 
VAL N   H2   sing N N 401 
VAL CA  C    sing N N 402 
VAL CA  CB   sing N N 403 
VAL CA  HA   sing N N 404 
VAL C   O    doub N N 405 
VAL C   OXT  sing N N 406 
VAL CB  CG1  sing N N 407 
VAL CB  CG2  sing N N 408 
VAL CB  HB   sing N N 409 
VAL CG1 HG11 sing N N 410 
VAL CG1 HG12 sing N N 411 
VAL CG1 HG13 sing N N 412 
VAL CG2 HG21 sing N N 413 
VAL CG2 HG22 sing N N 414 
VAL CG2 HG23 sing N N 415 
VAL OXT HXT  sing N N 416 
# 
_pdbx_entity_instance_feature.ordinal        1 
_pdbx_entity_instance_feature.comp_id        TV5 
_pdbx_entity_instance_feature.asym_id        ? 
_pdbx_entity_instance_feature.seq_num        ? 
_pdbx_entity_instance_feature.auth_comp_id   TV5 
_pdbx_entity_instance_feature.auth_asym_id   ? 
_pdbx_entity_instance_feature.auth_seq_num   ? 
_pdbx_entity_instance_feature.feature_type   'SUBJECT OF INVESTIGATION' 
_pdbx_entity_instance_feature.details        ? 
# 
_atom_sites.entry_id                    7BIT 
_atom_sites.Cartn_transf_matrix[1][1]   ? 
_atom_sites.Cartn_transf_matrix[1][2]   ? 
_atom_sites.Cartn_transf_matrix[1][3]   ? 
_atom_sites.Cartn_transf_matrix[2][1]   ? 
_atom_sites.Cartn_transf_matrix[2][2]   ? 
_atom_sites.Cartn_transf_matrix[2][3]   ? 
_atom_sites.Cartn_transf_matrix[3][1]   ? 
_atom_sites.Cartn_transf_matrix[3][2]   ? 
_atom_sites.Cartn_transf_matrix[3][3]   ? 
_atom_sites.Cartn_transf_vector[1]      ? 
_atom_sites.Cartn_transf_vector[2]      ? 
_atom_sites.Cartn_transf_vector[3]      ? 
_atom_sites.fract_transf_matrix[1][1]   -0.01450460 
_atom_sites.fract_transf_matrix[1][2]   -0.00341613 
_atom_sites.fract_transf_matrix[1][3]   -0.00650182 
_atom_sites.fract_transf_matrix[2][1]   -0.00089163 
_atom_sites.fract_transf_matrix[2][2]   -0.00760071 
_atom_sites.fract_transf_matrix[2][3]   -0.01434423 
_atom_sites.fract_transf_matrix[3][1]   -0.00001799 
_atom_sites.fract_transf_matrix[3][2]   -0.00873143 
_atom_sites.fract_transf_matrix[3][3]   0.00462772 
_atom_sites.fract_transf_vector[1]      0.388857 
_atom_sites.fract_transf_vector[2]      0.228415 
_atom_sites.fract_transf_vector[3]      0.076028 
_atom_sites.solution_primary            ? 
_atom_sites.solution_secondary          ? 
_atom_sites.solution_hydrogens          ? 
_atom_sites.special_details             ? 
# 
loop_
_atom_type.symbol 
C  
CL 
F  
H  
N  
O  
S  
# 
loop_
_atom_site.group_PDB 
_atom_site.id 
_atom_site.type_symbol 
_atom_site.label_atom_id 
_atom_site.label_alt_id 
_atom_site.label_comp_id 
_atom_site.label_asym_id 
_atom_site.label_entity_id 
_atom_site.label_seq_id 
_atom_site.pdbx_PDB_ins_code 
_atom_site.Cartn_x 
_atom_site.Cartn_y 
_atom_site.Cartn_z 
_atom_site.occupancy 
_atom_site.B_iso_or_equiv 
_atom_site.pdbx_formal_charge 
_atom_site.auth_seq_id 
_atom_site.auth_comp_id 
_atom_site.auth_asym_id 
_atom_site.auth_atom_id 
_atom_site.pdbx_PDB_model_num 
ATOM   1   N  N   . SER A 1 6  ? -13.302 -10.956 2.406   1.00 72.91  ? 17  SER A N   1 
ATOM   2   C  CA  . SER A 1 6  ? -13.813 -10.201 3.564   1.00 73.27  ? 17  SER A CA  1 
ATOM   3   C  C   . SER A 1 6  ? -14.443 -8.911  3.051   1.00 74.52  ? 17  SER A C   1 
ATOM   4   O  O   . SER A 1 6  ? -15.664 -8.745  3.111   1.00 76.20  ? 17  SER A O   1 
ATOM   5   C  CB  . SER A 1 6  ? -12.686 -9.875  4.558   1.00 77.57  ? 17  SER A CB  1 
ATOM   6   O  OG  . SER A 1 6  ? -12.569 -10.863 5.569   1.00 88.05  ? 17  SER A OG  1 
ATOM   7   N  N   . GLN A 1 7  ? -13.596 -7.995  2.570   1.00 65.44  ? 18  GLN A N   1 
ATOM   8   C  CA  . GLN A 1 7  ? -14.012 -6.872  1.740   1.00 62.29  ? 18  GLN A CA  1 
ATOM   9   C  C   . GLN A 1 7  ? -13.603 -7.053  0.280   1.00 58.86  ? 18  GLN A C   1 
ATOM   10  O  O   . GLN A 1 7  ? -14.304 -6.556  -0.588  1.00 58.89  ? 18  GLN A O   1 
ATOM   11  C  CB  . GLN A 1 7  ? -13.404 -5.578  2.282   1.00 62.81  ? 18  GLN A CB  1 
ATOM   12  C  CG  . GLN A 1 7  ? -14.046 -5.121  3.578   1.00 57.83  ? 18  GLN A CG  1 
ATOM   13  C  CD  . GLN A 1 7  ? -13.403 -3.856  4.075   1.00 67.74  ? 18  GLN A CD  1 
ATOM   14  O  OE1 . GLN A 1 7  ? -13.282 -2.847  3.346   1.00 57.68  ? 18  GLN A OE1 1 
ATOM   15  N  NE2 . GLN A 1 7  ? -12.970 -3.865  5.321   1.00 54.20  ? 18  GLN A NE2 1 
ATOM   16  N  N   . ILE A 1 8  ? -12.478 -7.748  0.020   1.00 50.73  ? 19  ILE A N   1 
ATOM   17  C  CA  . ILE A 1 8  ? -11.837 -7.931  -1.291  1.00 47.75  ? 19  ILE A CA  1 
ATOM   18  C  C   . ILE A 1 8  ? -11.829 -9.428  -1.501  1.00 53.64  ? 19  ILE A C   1 
ATOM   19  O  O   . ILE A 1 8  ? -11.488 -10.152 -0.563  1.00 51.56  ? 19  ILE A O   1 
ATOM   20  C  CB  . ILE A 1 8  ? -10.378 -7.385  -1.275  1.00 48.84  ? 19  ILE A CB  1 
ATOM   21  C  CG1 . ILE A 1 8  ? -10.328 -5.883  -0.863  1.00 48.32  ? 19  ILE A CG1 1 
ATOM   22  C  CG2 . ILE A 1 8  ? -9.602  -7.648  -2.589  1.00 45.58  ? 19  ILE A CG2 1 
ATOM   23  C  CD1 . ILE A 1 8  ? -11.175 -4.965  -1.640  1.00 45.95  ? 19  ILE A CD1 1 
ATOM   24  N  N   . PRO A 1 9  ? -12.212 -9.934  -2.701  1.00 52.22  ? 20  PRO A N   1 
ATOM   25  C  CA  . PRO A 1 9  ? -12.139 -11.375 -2.926  1.00 50.34  ? 20  PRO A CA  1 
ATOM   26  C  C   . PRO A 1 9  ? -10.699 -11.869 -2.947  1.00 52.85  ? 20  PRO A C   1 
ATOM   27  O  O   . PRO A 1 9  ? -9.782  -11.142 -3.335  1.00 48.10  ? 20  PRO A O   1 
ATOM   28  C  CB  . PRO A 1 9  ? -12.840 -11.561 -4.276  1.00 51.42  ? 20  PRO A CB  1 
ATOM   29  C  CG  . PRO A 1 9  ? -13.521 -10.270 -4.558  1.00 55.44  ? 20  PRO A CG  1 
ATOM   30  C  CD  . PRO A 1 9  ? -12.735 -9.239  -3.898  1.00 52.64  ? 20  PRO A CD  1 
ATOM   31  N  N   . ALA A 1 10 ? -10.526 -13.132 -2.516  1.00 51.25  ? 21  ALA A N   1 
ATOM   32  C  CA  . ALA A 1 10 ? -9.259  -13.849 -2.405  1.00 50.86  ? 21  ALA A CA  1 
ATOM   33  C  C   . ALA A 1 10 ? -8.589  -14.010 -3.764  1.00 52.74  ? 21  ALA A C   1 
ATOM   34  O  O   . ALA A 1 10 ? -7.366  -13.966 -3.851  1.00 51.59  ? 21  ALA A O   1 
ATOM   35  C  CB  . ALA A 1 10 ? -9.514  -15.234 -1.782  1.00 51.69  ? 21  ALA A CB  1 
ATOM   36  N  N   . SER A 1 11 ? -9.384  -14.205 -4.813  1.00 51.97  ? 22  SER A N   1 
ATOM   37  C  CA  . SER A 1 11 ? -8.886  -14.307 -6.194  1.00 52.54  ? 22  SER A CA  1 
ATOM   38  C  C   . SER A 1 11 ? -8.248  -13.000 -6.701  1.00 57.97  ? 22  SER A C   1 
ATOM   39  O  O   . SER A 1 11 ? -7.297  -13.027 -7.497  1.00 57.04  ? 22  SER A O   1 
ATOM   40  C  CB  . SER A 1 11 ? -10.033 -14.647 -7.128  1.00 54.95  ? 22  SER A CB  1 
ATOM   41  O  OG  . SER A 1 11 ? -10.964 -13.577 -7.195  1.00 58.39  ? 22  SER A OG  1 
ATOM   42  N  N   . GLU A 1 12 ? -8.805  -11.862 -6.258  1.00 55.09  ? 23  GLU A N   1 
ATOM   43  C  CA  . GLU A 1 12 ? -8.262  -10.539 -6.559  1.00 53.59  ? 23  GLU A CA  1 
ATOM   44  C  C   . GLU A 1 12 ? -6.950  -10.339 -5.727  1.00 57.24  ? 23  GLU A C   1 
ATOM   45  O  O   . GLU A 1 12 ? -5.970  -9.838  -6.278  1.00 55.56  ? 23  GLU A O   1 
ATOM   46  C  CB  . GLU A 1 12 ? -9.311  -9.458  -6.265  1.00 53.91  ? 23  GLU A CB  1 
ATOM   47  C  CG  . GLU A 1 12 ? -8.812  -8.047  -6.540  1.00 54.41  ? 23  GLU A CG  1 
ATOM   48  C  CD  . GLU A 1 12 ? -9.830  -6.934  -6.394  1.00 51.17  ? 23  GLU A CD  1 
ATOM   49  O  OE1 . GLU A 1 12 ? -11.017 -7.201  -6.114  1.00 44.79  ? 23  GLU A OE1 1 
ATOM   50  O  OE2 . GLU A 1 12 ? -9.430  -5.768  -6.575  1.00 43.14  ? 23  GLU A OE2 1 
ATOM   51  N  N   . GLN A 1 13 ? -6.941  -10.758 -4.430  1.00 53.87  ? 24  GLN A N   1 
ATOM   52  C  CA  . GLN A 1 13 ? -5.762  -10.658 -3.551  1.00 53.48  ? 24  GLN A CA  1 
ATOM   53  C  C   . GLN A 1 13 ? -4.563  -11.468 -4.060  1.00 60.95  ? 24  GLN A C   1 
ATOM   54  O  O   . GLN A 1 13 ? -3.431  -11.007 -3.930  1.00 60.24  ? 24  GLN A O   1 
ATOM   55  C  CB  . GLN A 1 13 ? -6.084  -11.090 -2.109  1.00 53.99  ? 24  GLN A CB  1 
ATOM   56  C  CG  . GLN A 1 13 ? -7.067  -10.190 -1.373  1.00 61.82  ? 24  GLN A CG  1 
ATOM   57  C  CD  . GLN A 1 13 ? -7.371  -10.596 0.058   1.00 63.60  ? 24  GLN A CD  1 
ATOM   58  O  OE1 . GLN A 1 13 ? -6.541  -10.475 0.958   1.00 61.04  ? 24  GLN A OE1 1 
ATOM   59  N  NE2 . GLN A 1 13 ? -8.568  -11.073 0.321   1.00 59.77  ? 24  GLN A NE2 1 
ATOM   60  N  N   A GLU A 1 14 ? -4.844  -12.669 -4.623  0.50 59.00  ? 25  GLU A N   1 
ATOM   61  N  N   B GLU A 1 14 ? -4.777  -12.660 -4.645  0.50 59.58  ? 25  GLU A N   1 
ATOM   62  C  CA  A GLU A 1 14 ? -3.880  -13.612 -5.223  0.50 58.92  ? 25  GLU A CA  1 
ATOM   63  C  CA  B GLU A 1 14 ? -3.658  -13.492 -5.124  0.50 59.77  ? 25  GLU A CA  1 
ATOM   64  C  C   A GLU A 1 14 ? -3.182  -13.095 -6.489  0.50 63.36  ? 25  GLU A C   1 
ATOM   65  C  C   B GLU A 1 14 ? -3.331  -13.294 -6.630  0.50 64.33  ? 25  GLU A C   1 
ATOM   66  O  O   A GLU A 1 14 ? -2.050  -13.503 -6.753  0.50 63.39  ? 25  GLU A O   1 
ATOM   67  O  O   B GLU A 1 14 ? -2.597  -14.105 -7.203  0.50 65.22  ? 25  GLU A O   1 
ATOM   68  C  CB  A GLU A 1 14 ? -4.599  -14.926 -5.610  0.50 60.13  ? 25  GLU A CB  1 
ATOM   69  C  CB  B GLU A 1 14 ? -3.907  -14.970 -4.779  0.50 61.10  ? 25  GLU A CB  1 
ATOM   70  C  CG  A GLU A 1 14 ? -4.931  -15.848 -4.446  0.50 69.29  ? 25  GLU A CG  1 
ATOM   71  C  CG  B GLU A 1 14 ? -3.672  -15.278 -3.307  0.50 67.21  ? 25  GLU A CG  1 
ATOM   72  C  CD  A GLU A 1 14 ? -6.038  -16.848 -4.733  0.50 75.95  ? 25  GLU A CD  1 
ATOM   73  C  CD  B GLU A 1 14 ? -2.215  -15.428 -2.909  0.50 75.85  ? 25  GLU A CD  1 
ATOM   74  O  OE1 A GLU A 1 14 ? -6.200  -17.242 -5.911  0.50 62.51  ? 25  GLU A OE1 1 
ATOM   75  O  OE1 B GLU A 1 14 ? -1.506  -16.245 -3.539  0.50 71.04  ? 25  GLU A OE1 1 
ATOM   76  O  OE2 A GLU A 1 14 ? -6.742  -17.241 -3.776  0.50 61.14  ? 25  GLU A OE2 1 
ATOM   77  O  OE2 B GLU A 1 14 ? -1.782  -14.728 -1.966  0.50 61.85  ? 25  GLU A OE2 1 
ATOM   78  N  N   . THR A 1 15 ? -3.852  -12.223 -7.270  1.00 59.74  ? 26  THR A N   1 
ATOM   79  C  CA  . THR A 1 15 ? -3.444  -11.860 -8.644  1.00 58.60  ? 26  THR A CA  1 
ATOM   80  C  C   . THR A 1 15 ? -2.097  -11.106 -8.675  1.00 61.34  ? 26  THR A C   1 
ATOM   81  O  O   . THR A 1 15 ? -1.877  -10.197 -7.886  1.00 58.79  ? 26  THR A O   1 
ATOM   82  C  CB  . THR A 1 15 ? -4.550  -11.042 -9.353  1.00 60.41  ? 26  THR A CB  1 
ATOM   83  O  OG1 . THR A 1 15 ? -5.719  -11.855 -9.477  1.00 69.79  ? 26  THR A OG1 1 
ATOM   84  C  CG2 . THR A 1 15 ? -4.140  -10.567 -10.755 1.00 53.04  ? 26  THR A CG2 1 
ATOM   85  N  N   . LEU A 1 16 ? -1.237  -11.492 -9.623  1.00 58.31  ? 27  LEU A N   1 
ATOM   86  C  CA  . LEU A 1 16 ? 0.095   -10.944 -9.848  1.00 58.73  ? 27  LEU A CA  1 
ATOM   87  C  C   . LEU A 1 16 ? 0.036   -9.590  -10.619 1.00 59.33  ? 27  LEU A C   1 
ATOM   88  O  O   . LEU A 1 16 ? -0.676  -9.480  -11.614 1.00 59.28  ? 27  LEU A O   1 
ATOM   89  C  CB  . LEU A 1 16 ? 0.907   -11.954 -10.666 1.00 59.62  ? 27  LEU A CB  1 
ATOM   90  C  CG  . LEU A 1 16 ? 2.396   -11.755 -10.689 1.00 64.69  ? 27  LEU A CG  1 
ATOM   91  C  CD1 . LEU A 1 16 ? 3.021   -12.377 -9.472  1.00 66.03  ? 27  LEU A CD1 1 
ATOM   92  C  CD2 . LEU A 1 16 ? 2.995   -12.356 -11.930 1.00 66.60  ? 27  LEU A CD2 1 
ATOM   93  N  N   . VAL A 1 17 ? 0.790   -8.584  -10.169 1.00 54.57  ? 28  VAL A N   1 
ATOM   94  C  CA  . VAL A 1 17 ? 0.713   -7.198  -10.696 1.00 52.92  ? 28  VAL A CA  1 
ATOM   95  C  C   . VAL A 1 17 ? 2.098   -6.615  -10.894 1.00 52.33  ? 28  VAL A C   1 
ATOM   96  O  O   . VAL A 1 17 ? 3.021   -7.027  -10.178 1.00 50.65  ? 28  VAL A O   1 
ATOM   97  C  CB  . VAL A 1 17 ? -0.115  -6.299  -9.729  1.00 56.18  ? 28  VAL A CB  1 
ATOM   98  C  CG1 . VAL A 1 17 ? -1.593  -6.655  -9.797  1.00 55.80  ? 28  VAL A CG1 1 
ATOM   99  C  CG2 . VAL A 1 17 ? 0.386   -6.418  -8.287  1.00 56.05  ? 28  VAL A CG2 1 
ATOM   100 N  N   A ARG A 1 18 ? 2.266   -5.668  -11.854 0.50 47.86  ? 29  ARG A N   1 
ATOM   101 N  N   B ARG A 1 18 ? 2.241   -5.655  -11.838 0.50 48.37  ? 29  ARG A N   1 
ATOM   102 C  CA  A ARG A 1 18 ? 3.556   -4.982  -12.071 0.50 47.41  ? 29  ARG A CA  1 
ATOM   103 C  CA  B ARG A 1 18 ? 3.508   -4.954  -12.111 0.50 48.17  ? 29  ARG A CA  1 
ATOM   104 C  C   A ARG A 1 18 ? 3.497   -3.529  -11.536 0.50 49.94  ? 29  ARG A C   1 
ATOM   105 C  C   B ARG A 1 18 ? 3.474   -3.519  -11.529 0.50 50.22  ? 29  ARG A C   1 
ATOM   106 O  O   A ARG A 1 18 ? 2.952   -2.641  -12.209 0.50 49.30  ? 29  ARG A O   1 
ATOM   107 O  O   B ARG A 1 18 ? 2.920   -2.618  -12.175 0.50 49.46  ? 29  ARG A O   1 
ATOM   108 C  CB  A ARG A 1 18 ? 3.938   -5.017  -13.567 0.50 46.74  ? 29  ARG A CB  1 
ATOM   109 C  CB  B ARG A 1 18 ? 3.730   -4.913  -13.638 0.50 49.13  ? 29  ARG A CB  1 
ATOM   110 C  CG  A ARG A 1 18 ? 5.406   -4.664  -13.866 0.50 55.68  ? 29  ARG A CG  1 
ATOM   111 C  CG  B ARG A 1 18 ? 5.006   -4.213  -14.126 0.50 63.91  ? 29  ARG A CG  1 
ATOM   112 C  CD  A ARG A 1 18 ? 5.791   -4.997  -15.318 0.50 59.55  ? 29  ARG A CD  1 
ATOM   113 C  CD  B ARG A 1 18 ? 6.218   -5.114  -14.018 0.50 73.94  ? 29  ARG A CD  1 
ATOM   114 N  NE  A ARG A 1 18 ? 5.964   -6.440  -15.524 0.50 55.37  ? 29  ARG A NE  1 
ATOM   115 N  NE  B ARG A 1 18 ? 7.455   -4.478  -14.491 0.50 80.47  ? 29  ARG A NE  1 
ATOM   116 C  CZ  A ARG A 1 18 ? 7.101   -7.133  -15.394 0.50 71.09  ? 29  ARG A CZ  1 
ATOM   117 C  CZ  B ARG A 1 18 ? 8.263   -3.701  -13.770 0.50 82.32  ? 29  ARG A CZ  1 
ATOM   118 N  NH1 A ARG A 1 18 ? 8.231   -6.520  -15.049 0.50 44.56  ? 29  ARG A NH1 1 
ATOM   119 N  NH1 B ARG A 1 18 ? 7.981   -3.426  -12.496 0.50 61.37  ? 29  ARG A NH1 1 
ATOM   120 N  NH2 A ARG A 1 18 ? 7.116   -8.445  -15.607 0.50 68.06  ? 29  ARG A NH2 1 
ATOM   121 N  NH2 B ARG A 1 18 ? 9.360   -3.191  -14.314 0.50 67.53  ? 29  ARG A NH2 1 
ATOM   122 N  N   . PRO A 1 19 ? 4.036   -3.244  -10.332 1.00 45.74  ? 30  PRO A N   1 
ATOM   123 C  CA  . PRO A 1 19 ? 4.133   -1.833  -9.886  1.00 47.15  ? 30  PRO A CA  1 
ATOM   124 C  C   . PRO A 1 19 ? 4.733   -0.879  -10.923 1.00 54.00  ? 30  PRO A C   1 
ATOM   125 O  O   . PRO A 1 19 ? 5.650   -1.266  -11.686 1.00 56.00  ? 30  PRO A O   1 
ATOM   126 C  CB  . PRO A 1 19 ? 5.028   -1.925  -8.653  1.00 49.09  ? 30  PRO A CB  1 
ATOM   127 C  CG  . PRO A 1 19 ? 4.751   -3.218  -8.085  1.00 50.58  ? 30  PRO A CG  1 
ATOM   128 C  CD  . PRO A 1 19 ? 4.586   -4.142  -9.297  1.00 46.41  ? 30  PRO A CD  1 
ATOM   129 N  N   . LYS A 1 20 ? 4.187   0.362   -10.970 1.00 47.08  ? 31  LYS A N   1 
ATOM   130 C  CA  . LYS A 1 20 ? 4.771   1.454   -11.713 1.00 44.84  ? 31  LYS A CA  1 
ATOM   131 C  C   . LYS A 1 20 ? 6.095   1.812   -10.986 1.00 52.49  ? 31  LYS A C   1 
ATOM   132 O  O   . LYS A 1 20 ? 6.254   1.489   -9.806  1.00 50.25  ? 31  LYS A O   1 
ATOM   133 C  CB  . LYS A 1 20 ? 3.810   2.685   -11.791 1.00 45.77  ? 31  LYS A CB  1 
ATOM   134 C  CG  . LYS A 1 20 ? 2.623   2.494   -12.748 1.00 53.37  ? 31  LYS A CG  1 
ATOM   135 C  CD  . LYS A 1 20 ? 1.768   3.750   -12.751 1.00 57.79  ? 31  LYS A CD  1 
ATOM   136 C  CE  . LYS A 1 20 ? 0.505   3.646   -13.569 1.00 59.05  ? 31  LYS A CE  1 
ATOM   137 N  NZ  . LYS A 1 20 ? -0.190  4.964   -13.676 1.00 72.56  ? 31  LYS A NZ  1 
ATOM   138 N  N   . PRO A 1 21 ? 7.040   2.462   -11.693 1.00 52.92  ? 32  PRO A N   1 
ATOM   139 C  CA  . PRO A 1 21 ? 8.389   2.703   -11.136 1.00 53.26  ? 32  PRO A CA  1 
ATOM   140 C  C   . PRO A 1 21 ? 8.538   3.293   -9.714  1.00 58.40  ? 32  PRO A C   1 
ATOM   141 O  O   . PRO A 1 21 ? 9.427   2.835   -8.981  1.00 58.60  ? 32  PRO A O   1 
ATOM   142 C  CB  . PRO A 1 21 ? 8.974   3.694   -12.167 1.00 54.95  ? 32  PRO A CB  1 
ATOM   143 C  CG  . PRO A 1 21 ? 8.368   3.215   -13.484 1.00 59.49  ? 32  PRO A CG  1 
ATOM   144 C  CD  . PRO A 1 21 ? 6.938   2.993   -13.078 1.00 55.88  ? 32  PRO A CD  1 
ATOM   145 N  N   . LEU A 1 22 ? 7.722   4.303   -9.323  1.00 53.79  ? 33  LEU A N   1 
ATOM   146 C  CA  . LEU A 1 22 ? 7.813   4.856   -7.958  1.00 53.62  ? 33  LEU A CA  1 
ATOM   147 C  C   . LEU A 1 22 ? 7.202   4.020   -6.868  1.00 55.84  ? 33  LEU A C   1 
ATOM   148 O  O   . LEU A 1 22 ? 7.729   4.069   -5.755  1.00 53.99  ? 33  LEU A O   1 
ATOM   149 C  CB  . LEU A 1 22 ? 7.211   6.260   -7.817  1.00 52.84  ? 33  LEU A CB  1 
ATOM   150 C  CG  . LEU A 1 22 ? 7.850   7.312   -8.592  1.00 55.10  ? 33  LEU A CG  1 
ATOM   151 C  CD1 . LEU A 1 22 ? 6.971   8.500   -8.635  1.00 55.93  ? 33  LEU A CD1 1 
ATOM   152 C  CD2 . LEU A 1 22 ? 9.190   7.623   -8.040  1.00 54.48  ? 33  LEU A CD2 1 
ATOM   153 N  N   . LEU A 1 23 ? 6.085   3.295   -7.132  1.00 52.96  ? 34  LEU A N   1 
ATOM   154 C  CA  . LEU A 1 23 ? 5.673   2.229   -6.173  1.00 53.38  ? 34  LEU A CA  1 
ATOM   155 C  C   . LEU A 1 23 ? 6.742   1.143   -6.080  1.00 57.73  ? 34  LEU A C   1 
ATOM   156 O  O   . LEU A 1 23 ? 6.968   0.612   -4.993  1.00 57.86  ? 34  LEU A O   1 
ATOM   157 C  CB  . LEU A 1 23 ? 4.325   1.584   -6.535  1.00 53.05  ? 34  LEU A CB  1 
ATOM   158 C  CG  . LEU A 1 23 ? 3.871   0.391   -5.658  1.00 57.07  ? 34  LEU A CG  1 
ATOM   159 C  CD1 . LEU A 1 23 ? 3.787   0.756   -4.182  1.00 57.76  ? 34  LEU A CD1 1 
ATOM   160 C  CD2 . LEU A 1 23 ? 2.538   -0.063  -6.079  1.00 56.14  ? 34  LEU A CD2 1 
ATOM   161 N  N   . LEU A 1 24 ? 7.393   0.809   -7.210  1.00 53.18  ? 35  LEU A N   1 
ATOM   162 C  CA  . LEU A 1 24 ? 8.448   -0.195  -7.190  1.00 54.61  ? 35  LEU A CA  1 
ATOM   163 C  C   . LEU A 1 24 ? 9.611   0.246   -6.325  1.00 61.32  ? 35  LEU A C   1 
ATOM   164 O  O   . LEU A 1 24 ? 10.092  -0.577  -5.542  1.00 61.45  ? 35  LEU A O   1 
ATOM   165 C  CB  . LEU A 1 24 ? 8.930   -0.545  -8.602  1.00 54.96  ? 35  LEU A CB  1 
ATOM   166 C  CG  . LEU A 1 24 ? 9.683   -1.873  -8.697  1.00 60.01  ? 35  LEU A CG  1 
ATOM   167 C  CD1 . LEU A 1 24 ? 8.726   -3.084  -8.701  1.00 61.15  ? 35  LEU A CD1 1 
ATOM   168 C  CD2 . LEU A 1 24 ? 10.541  -1.899  -9.915  1.00 63.42  ? 35  LEU A CD2 1 
ATOM   169 N  N   . LYS A 1 25 ? 10.074  1.529   -6.466  1.00 58.84  ? 36  LYS A N   1 
ATOM   170 C  CA  . LYS A 1 25 ? 10.986  2.137   -5.499  1.00 59.37  ? 36  LYS A CA  1 
ATOM   171 C  C   . LYS A 1 25 ? 10.542  1.969   -4.032  1.00 60.34  ? 36  LYS A C   1 
ATOM   172 O  O   . LYS A 1 25 ? 11.335  1.515   -3.208  1.00 60.73  ? 36  LYS A O   1 
ATOM   173 C  CB  . LYS A 1 25 ? 11.205  3.649   -5.783  1.00 64.95  ? 36  LYS A CB  1 
ATOM   174 C  CG  . LYS A 1 25 ? 11.453  4.546   -4.510  1.00 70.03  ? 36  LYS A CG  1 
ATOM   175 C  CD  . LYS A 1 25 ? 11.922  5.957   -4.854  1.00 82.02  ? 36  LYS A CD  1 
ATOM   176 C  CE  . LYS A 1 25 ? 12.304  6.790   -3.646  1.00 93.57  ? 36  LYS A CE  1 
ATOM   177 N  NZ  . LYS A 1 25 ? 13.524  6.290   -2.950  1.00 110.43 ? 36  LYS A NZ  1 
ATOM   178 N  N   . LEU A 1 26 ? 9.302   2.359   -3.701  1.00 54.42  ? 37  LEU A N   1 
ATOM   179 C  CA  . LEU A 1 26 ? 8.814   2.245   -2.322  1.00 54.23  ? 37  LEU A CA  1 
ATOM   180 C  C   . LEU A 1 26 ? 9.012   0.823   -1.800  1.00 60.60  ? 37  LEU A C   1 
ATOM   181 O  O   . LEU A 1 26 ? 9.601   0.657   -0.722  1.00 60.53  ? 37  LEU A O   1 
ATOM   182 C  CB  . LEU A 1 26 ? 7.335   2.660   -2.218  1.00 53.88  ? 37  LEU A CB  1 
ATOM   183 C  CG  . LEU A 1 26 ? 6.750   2.781   -0.794  1.00 57.43  ? 37  LEU A CG  1 
ATOM   184 C  CD1 . LEU A 1 26 ? 5.630   3.848   -0.746  1.00 54.82  ? 37  LEU A CD1 1 
ATOM   185 C  CD2 . LEU A 1 26 ? 6.253   1.445   -0.262  1.00 63.84  ? 37  LEU A CD2 1 
ATOM   186 N  N   . LEU A 1 27 ? 8.547   -0.203  -2.569  1.00 56.67  ? 38  LEU A N   1 
ATOM   187 C  CA  . LEU A 1 27 ? 8.571   -1.594  -2.081  1.00 58.49  ? 38  LEU A CA  1 
ATOM   188 C  C   . LEU A 1 27 ? 10.000  -2.055  -1.903  1.00 61.11  ? 38  LEU A C   1 
ATOM   189 O  O   . LEU A 1 27 ? 10.307  -2.742  -0.921  1.00 58.36  ? 38  LEU A O   1 
ATOM   190 C  CB  . LEU A 1 27 ? 7.847   -2.572  -3.020  1.00 58.72  ? 38  LEU A CB  1 
ATOM   191 C  CG  . LEU A 1 27 ? 6.394   -2.288  -3.321  1.00 63.75  ? 38  LEU A CG  1 
ATOM   192 C  CD1 . LEU A 1 27 ? 5.971   -3.031  -4.554  1.00 62.98  ? 38  LEU A CD1 1 
ATOM   193 C  CD2 . LEU A 1 27 ? 5.503   -2.662  -2.167  1.00 68.83  ? 38  LEU A CD2 1 
ATOM   194 N  N   . LYS A 1 28 ? 10.871  -1.660  -2.860  1.00 59.18  ? 39  LYS A N   1 
ATOM   195 C  CA  . LYS A 1 28 ? 12.310  -1.925  -2.803  1.00 59.23  ? 39  LYS A CA  1 
ATOM   196 C  C   . LYS A 1 28 ? 12.957  -1.352  -1.567  1.00 64.45  ? 39  LYS A C   1 
ATOM   197 O  O   . LYS A 1 28 ? 13.852  -1.995  -1.036  1.00 63.97  ? 39  LYS A O   1 
ATOM   198 C  CB  . LYS A 1 28 ? 13.019  -1.477  -4.088  1.00 60.75  ? 39  LYS A CB  1 
ATOM   199 C  CG  . LYS A 1 28 ? 12.857  -2.523  -5.206  1.00 74.38  ? 39  LYS A CG  1 
ATOM   200 C  CD  . LYS A 1 28 ? 13.321  -2.049  -6.575  1.00 82.25  ? 39  LYS A CD  1 
ATOM   201 C  CE  . LYS A 1 28 ? 13.729  -3.197  -7.475  1.00 84.93  ? 39  LYS A CE  1 
ATOM   202 N  NZ  . LYS A 1 28 ? 12.634  -4.175  -7.676  1.00 92.48  ? 39  LYS A NZ  1 
ATOM   203 N  N   . SER A 1 29 ? 12.505  -0.186  -1.072  1.00 63.35  ? 40  SER A N   1 
ATOM   204 C  CA  . SER A 1 29 ? 13.052  0.388   0.163   1.00 63.52  ? 40  SER A CA  1 
ATOM   205 C  C   . SER A 1 29 ? 12.816  -0.467  1.447   1.00 66.04  ? 40  SER A C   1 
ATOM   206 O  O   . SER A 1 29 ? 13.470  -0.201  2.451   1.00 65.20  ? 40  SER A O   1 
ATOM   207 C  CB  . SER A 1 29 ? 12.559  1.822   0.375   1.00 65.43  ? 40  SER A CB  1 
ATOM   208 O  OG  . SER A 1 29 ? 11.272  1.883   0.963   1.00 74.33  ? 40  SER A OG  1 
ATOM   209 N  N   . VAL A 1 30 ? 11.913  -1.462  1.419   1.00 61.75  ? 41  VAL A N   1 
ATOM   210 C  CA  . VAL A 1 30 ? 11.655  -2.392  2.545   1.00 61.37  ? 41  VAL A CA  1 
ATOM   211 C  C   . VAL A 1 30 ? 12.023  -3.877  2.226   1.00 66.62  ? 41  VAL A C   1 
ATOM   212 O  O   . VAL A 1 30 ? 11.501  -4.779  2.882   1.00 64.83  ? 41  VAL A O   1 
ATOM   213 C  CB  . VAL A 1 30 ? 10.194  -2.290  3.096   1.00 63.64  ? 41  VAL A CB  1 
ATOM   214 C  CG1 . VAL A 1 30 ? 10.010  -1.063  3.970   1.00 63.30  ? 41  VAL A CG1 1 
ATOM   215 C  CG2 . VAL A 1 30 ? 9.155   -2.338  1.976   1.00 62.99  ? 41  VAL A CG2 1 
ATOM   216 N  N   . GLY A 1 31 ? 12.913  -4.109  1.244   1.00 65.97  ? 42  GLY A N   1 
ATOM   217 C  CA  . GLY A 1 31 ? 13.495  -5.424  0.959   1.00 65.94  ? 42  GLY A CA  1 
ATOM   218 C  C   . GLY A 1 31 ? 12.920  -6.223  -0.195  1.00 71.44  ? 42  GLY A C   1 
ATOM   219 O  O   . GLY A 1 31 ? 13.342  -7.353  -0.435  1.00 69.61  ? 42  GLY A O   1 
ATOM   220 N  N   . ALA A 1 32 ? 11.964  -5.646  -0.926  1.00 70.97  ? 43  ALA A N   1 
ATOM   221 C  CA  . ALA A 1 32 ? 11.238  -6.336  -1.984  1.00 70.68  ? 43  ALA A CA  1 
ATOM   222 C  C   . ALA A 1 32 ? 12.151  -6.481  -3.221  1.00 77.12  ? 43  ALA A C   1 
ATOM   223 O  O   . ALA A 1 32 ? 12.689  -5.490  -3.718  1.00 75.41  ? 43  ALA A O   1 
ATOM   224 C  CB  . ALA A 1 32 ? 9.969   -5.561  -2.321  1.00 71.25  ? 43  ALA A CB  1 
ATOM   225 N  N   . GLN A 1 33 ? 12.312  -7.724  -3.716  1.00 76.96  ? 44  GLN A N   1 
ATOM   226 C  CA  . GLN A 1 33 ? 13.476  -8.130  -4.522  1.00 77.26  ? 44  GLN A CA  1 
ATOM   227 C  C   . GLN A 1 33 ? 13.170  -8.234  -6.019  1.00 81.09  ? 44  GLN A C   1 
ATOM   228 O  O   . GLN A 1 33 ? 14.101  -8.463  -6.798  1.00 80.93  ? 44  GLN A O   1 
ATOM   229 C  CB  . GLN A 1 33 ? 13.998  -9.505  -4.019  1.00 78.77  ? 44  GLN A CB  1 
ATOM   230 C  CG  . GLN A 1 33 ? 15.471  -9.523  -3.587  1.00 107.67 ? 44  GLN A CG  1 
ATOM   231 C  CD  . GLN A 1 33 ? 15.701  -9.067  -2.155  1.00 134.22 ? 44  GLN A CD  1 
ATOM   232 O  OE1 . GLN A 1 33 ? 15.092  -9.576  -1.205  1.00 129.01 ? 44  GLN A OE1 1 
ATOM   233 N  NE2 . GLN A 1 33 ? 16.594  -8.106  -1.955  1.00 132.35 ? 44  GLN A NE2 1 
ATOM   234 N  N   . LYS A 1 34 ? 11.879  -8.075  -6.424  1.00 75.27  ? 45  LYS A N   1 
ATOM   235 C  CA  . LYS A 1 34 ? 11.401  -8.478  -7.746  1.00 73.45  ? 45  LYS A CA  1 
ATOM   236 C  C   . LYS A 1 34 ? 10.685  -7.324  -8.463  1.00 74.81  ? 45  LYS A C   1 
ATOM   237 O  O   . LYS A 1 34 ? 10.491  -6.253  -7.887  1.00 73.08  ? 45  LYS A O   1 
ATOM   238 C  CB  . LYS A 1 34 ? 10.450  -9.699  -7.616  1.00 76.22  ? 45  LYS A CB  1 
ATOM   239 C  CG  . LYS A 1 34 ? 10.606  -10.506 -6.314  1.00 98.86  ? 45  LYS A CG  1 
ATOM   240 C  CD  . LYS A 1 34 ? 10.279  -11.989 -6.453  1.00 111.64 ? 45  LYS A CD  1 
ATOM   241 C  CE  . LYS A 1 34 ? 8.837   -12.265 -6.781  1.00 117.74 ? 45  LYS A CE  1 
ATOM   242 N  NZ  . LYS A 1 34 ? 8.233   -13.267 -5.865  1.00 122.05 ? 45  LYS A NZ  1 
ATOM   243 N  N   . ASP A 1 35 ? 10.290  -7.559  -9.726  1.00 70.24  ? 46  ASP A N   1 
ATOM   244 C  CA  . ASP A 1 35 ? 9.548   -6.589  -10.542 1.00 69.71  ? 46  ASP A CA  1 
ATOM   245 C  C   . ASP A 1 35 ? 8.010   -6.823  -10.531 1.00 71.94  ? 46  ASP A C   1 
ATOM   246 O  O   . ASP A 1 35 ? 7.256   -5.931  -10.930 1.00 70.89  ? 46  ASP A O   1 
ATOM   247 C  CB  . ASP A 1 35 ? 10.116  -6.572  -11.979 1.00 71.74  ? 46  ASP A CB  1 
ATOM   248 C  CG  . ASP A 1 35 ? 11.500  -5.922  -12.069 1.00 82.52  ? 46  ASP A CG  1 
ATOM   249 O  OD1 . ASP A 1 35 ? 11.592  -4.697  -11.872 1.00 81.46  ? 46  ASP A OD1 1 
ATOM   250 O  OD2 . ASP A 1 35 ? 12.489  -6.650  -12.337 1.00 91.88  ? 46  ASP A OD2 1 
ATOM   251 N  N   . THR A 1 36 ? 7.556   -8.006  -10.070 1.00 68.11  ? 47  THR A N   1 
ATOM   252 C  CA  . THR A 1 36 ? 6.130   -8.391  -10.037 1.00 67.33  ? 47  THR A CA  1 
ATOM   253 C  C   . THR A 1 36 ? 5.788   -9.072  -8.695  1.00 68.58  ? 47  THR A C   1 
ATOM   254 O  O   . THR A 1 36 ? 6.634   -9.763  -8.126  1.00 68.05  ? 47  THR A O   1 
ATOM   255 C  CB  . THR A 1 36 ? 5.802   -9.315  -11.228 1.00 69.52  ? 47  THR A CB  1 
ATOM   256 O  OG1 . THR A 1 36 ? 6.732   -10.391 -11.220 1.00 74.36  ? 47  THR A OG1 1 
ATOM   257 C  CG2 . THR A 1 36 ? 5.875   -8.587  -12.586 1.00 66.78  ? 47  THR A CG2 1 
ATOM   258 N  N   . TYR A 1 37 ? 4.551   -8.859  -8.189  1.00 62.43  ? 48  TYR A N   1 
ATOM   259 C  CA  . TYR A 1 37 ? 4.124   -9.353  -6.859  1.00 61.06  ? 48  TYR A CA  1 
ATOM   260 C  C   . TYR A 1 37 ? 2.641   -9.763  -6.922  1.00 60.09  ? 48  TYR A C   1 
ATOM   261 O  O   . TYR A 1 37 ? 1.958   -9.390  -7.874  1.00 57.78  ? 48  TYR A O   1 
ATOM   262 C  CB  . TYR A 1 37 ? 4.270   -8.203  -5.829  1.00 62.77  ? 48  TYR A CB  1 
ATOM   263 C  CG  . TYR A 1 37 ? 5.691   -7.704  -5.668  1.00 64.95  ? 48  TYR A CG  1 
ATOM   264 C  CD1 . TYR A 1 37 ? 6.214   -6.742  -6.528  1.00 66.60  ? 48  TYR A CD1 1 
ATOM   265 C  CD2 . TYR A 1 37 ? 6.528   -8.226  -4.682  1.00 66.06  ? 48  TYR A CD2 1 
ATOM   266 C  CE1 . TYR A 1 37 ? 7.536   -6.308  -6.413  1.00 66.72  ? 48  TYR A CE1 1 
ATOM   267 C  CE2 . TYR A 1 37 ? 7.850   -7.794  -4.554  1.00 66.73  ? 48  TYR A CE2 1 
ATOM   268 C  CZ  . TYR A 1 37 ? 8.351   -6.840  -5.428  1.00 74.62  ? 48  TYR A CZ  1 
ATOM   269 O  OH  . TYR A 1 37 ? 9.647   -6.405  -5.311  1.00 80.92  ? 48  TYR A OH  1 
ATOM   270 N  N   . THR A 1 38 ? 2.138   -10.495 -5.927  1.00 56.26  ? 49  THR A N   1 
ATOM   271 C  CA  . THR A 1 38 ? 0.674   -10.605 -5.771  1.00 56.95  ? 49  THR A CA  1 
ATOM   272 C  C   . THR A 1 38 ? 0.236   -9.280  -5.140  1.00 57.43  ? 49  THR A C   1 
ATOM   273 O  O   . THR A 1 38 ? 1.054   -8.666  -4.475  1.00 57.06  ? 49  THR A O   1 
ATOM   274 C  CB  . THR A 1 38 ? 0.191   -11.803 -4.892  1.00 61.15  ? 49  THR A CB  1 
ATOM   275 O  OG1 . THR A 1 38 ? 0.423   -11.551 -3.514  1.00 62.54  ? 49  THR A OG1 1 
ATOM   276 C  CG2 . THR A 1 38 ? 0.779   -13.160 -5.287  1.00 58.17  ? 49  THR A CG2 1 
ATOM   277 N  N   . MET A 1 39 ? -1.013  -8.837  -5.329  1.00 52.25  ? 50  MET A N   1 
ATOM   278 C  CA  . MET A 1 39 ? -1.584  -7.768  -4.490  1.00 52.17  ? 50  MET A CA  1 
ATOM   279 C  C   . MET A 1 39 ? -1.337  -7.988  -2.984  1.00 55.10  ? 50  MET A C   1 
ATOM   280 O  O   . MET A 1 39 ? -1.042  -7.030  -2.286  1.00 53.35  ? 50  MET A O   1 
ATOM   281 C  CB  . MET A 1 39 ? -3.084  -7.615  -4.709  1.00 55.14  ? 50  MET A CB  1 
ATOM   282 C  CG  . MET A 1 39 ? -3.487  -6.960  -6.031  1.00 60.24  ? 50  MET A CG  1 
ATOM   283 S  SD  . MET A 1 39 ? -3.027  -5.215  -6.310  1.00 63.16  ? 50  MET A SD  1 
ATOM   284 C  CE  . MET A 1 39 ? -3.385  -4.514  -4.793  1.00 59.68  ? 50  MET A CE  1 
ATOM   285 N  N   . LYS A 1 40 ? -1.456  -9.222  -2.496  1.00 50.62  ? 51  LYS A N   1 
ATOM   286 C  CA  . LYS A 1 40 ? -1.291  -9.551  -1.067  1.00 50.81  ? 51  LYS A CA  1 
ATOM   287 C  C   . LYS A 1 40 ? 0.142   -9.234  -0.559  1.00 54.81  ? 51  LYS A C   1 
ATOM   288 O  O   . LYS A 1 40 ? 0.331   -8.724  0.549   1.00 54.74  ? 51  LYS A O   1 
ATOM   289 C  CB  . LYS A 1 40 ? -1.578  -11.049 -0.825  1.00 54.81  ? 51  LYS A CB  1 
ATOM   290 C  CG  . LYS A 1 40 ? -2.279  -11.363 0.495   1.00 68.77  ? 51  LYS A CG  1 
ATOM   291 C  CD  . LYS A 1 40 ? -2.785  -12.794 0.541   1.00 73.89  ? 51  LYS A CD  1 
ATOM   292 C  CE  . LYS A 1 40 ? -4.093  -12.950 1.305   1.00 97.50  ? 51  LYS A CE  1 
ATOM   293 N  NZ  . LYS A 1 40 ? -4.117  -12.258 2.632   1.00 101.06 ? 51  LYS A NZ  1 
ATOM   294 N  N   . GLU A 1 41 ? 1.137   -9.546  -1.385  1.00 52.13  ? 52  GLU A N   1 
ATOM   295 C  CA  . GLU A 1 41 ? 2.554   -9.235  -1.126  1.00 52.25  ? 52  GLU A CA  1 
ATOM   296 C  C   . GLU A 1 41 ? 2.860   -7.727  -1.182  1.00 55.10  ? 52  GLU A C   1 
ATOM   297 O  O   . GLU A 1 41 ? 3.638   -7.213  -0.363  1.00 54.48  ? 52  GLU A O   1 
ATOM   298 C  CB  . GLU A 1 41 ? 3.427   -9.922  -2.169  1.00 54.06  ? 52  GLU A CB  1 
ATOM   299 C  CG  . GLU A 1 41 ? 3.449   -11.450 -2.037  1.00 61.42  ? 52  GLU A CG  1 
ATOM   300 C  CD  . GLU A 1 41 ? 4.145   -12.149 -3.183  1.00 81.87  ? 52  GLU A CD  1 
ATOM   301 O  OE1 . GLU A 1 41 ? 4.045   -11.651 -4.328  1.00 62.30  ? 52  GLU A OE1 1 
ATOM   302 O  OE2 . GLU A 1 41 ? 4.790   -13.193 -2.938  1.00 93.94  ? 52  GLU A OE2 1 
ATOM   303 N  N   . VAL A 1 42 ? 2.255   -7.030  -2.162  1.00 49.02  ? 53  VAL A N   1 
ATOM   304 C  CA  . VAL A 1 42 ? 2.353   -5.593  -2.272  1.00 48.78  ? 53  VAL A CA  1 
ATOM   305 C  C   . VAL A 1 42 ? 1.839   -4.976  -0.986  1.00 52.86  ? 53  VAL A C   1 
ATOM   306 O  O   . VAL A 1 42 ? 2.469   -4.071  -0.418  1.00 48.78  ? 53  VAL A O   1 
ATOM   307 C  CB  . VAL A 1 42 ? 1.597   -5.085  -3.517  1.00 52.98  ? 53  VAL A CB  1 
ATOM   308 C  CG1 . VAL A 1 42 ? 1.295   -3.585  -3.446  1.00 52.23  ? 53  VAL A CG1 1 
ATOM   309 C  CG2 . VAL A 1 42 ? 2.361   -5.450  -4.774  1.00 53.15  ? 53  VAL A CG2 1 
ATOM   310 N  N   . LEU A 1 43 ? 0.698   -5.476  -0.522  1.00 51.76  ? 54  LEU A N   1 
ATOM   311 C  CA  . LEU A 1 43 ? 0.109   -4.962  0.701   1.00 53.51  ? 54  LEU A CA  1 
ATOM   312 C  C   . LEU A 1 43 ? 0.911   -5.334  1.924   1.00 60.93  ? 54  LEU A C   1 
ATOM   313 O  O   . LEU A 1 43 ? 0.862   -4.583  2.898   1.00 62.18  ? 54  LEU A O   1 
ATOM   314 C  CB  . LEU A 1 43 ? -1.381  -5.341  0.814   1.00 53.60  ? 54  LEU A CB  1 
ATOM   315 C  CG  . LEU A 1 43 ? -2.253  -4.314  0.006   1.00 58.40  ? 54  LEU A CG  1 
ATOM   316 C  CD1 . LEU A 1 43 ? -3.128  -4.958  -0.976  1.00 59.99  ? 54  LEU A CD1 1 
ATOM   317 C  CD2 . LEU A 1 43 ? -3.008  -3.329  0.905   1.00 59.08  ? 54  LEU A CD2 1 
ATOM   318 N  N   . PHE A 1 44 ? 1.660   -6.455  1.896   1.00 58.85  ? 55  PHE A N   1 
ATOM   319 C  CA  . PHE A 1 44 ? 2.564   -6.788  2.994   1.00 59.69  ? 55  PHE A CA  1 
ATOM   320 C  C   . PHE A 1 44 ? 3.660   -5.754  3.128   1.00 59.65  ? 55  PHE A C   1 
ATOM   321 O  O   . PHE A 1 44 ? 3.851   -5.227  4.209   1.00 58.65  ? 55  PHE A O   1 
ATOM   322 C  CB  . PHE A 1 44 ? 3.180   -8.206  2.825   1.00 63.53  ? 55  PHE A CB  1 
ATOM   323 C  CG  . PHE A 1 44 ? 4.138   -8.602  3.927   1.00 66.98  ? 55  PHE A CG  1 
ATOM   324 C  CD1 . PHE A 1 44 ? 3.692   -9.312  5.034   1.00 70.85  ? 55  PHE A CD1 1 
ATOM   325 C  CD2 . PHE A 1 44 ? 5.479   -8.231  3.876   1.00 72.04  ? 55  PHE A CD2 1 
ATOM   326 C  CE1 . PHE A 1 44 ? 4.570   -9.667  6.053   1.00 72.47  ? 55  PHE A CE1 1 
ATOM   327 C  CE2 . PHE A 1 44 ? 6.354   -8.574  4.904   1.00 75.71  ? 55  PHE A CE2 1 
ATOM   328 C  CZ  . PHE A 1 44 ? 5.897   -9.297  5.984   1.00 73.78  ? 55  PHE A CZ  1 
ATOM   329 N  N   . TYR A 1 45 ? 4.368   -5.474  2.040   1.00 56.64  ? 56  TYR A N   1 
ATOM   330 C  CA  . TYR A 1 45 ? 5.440   -4.480  2.015   1.00 57.24  ? 56  TYR A CA  1 
ATOM   331 C  C   . TYR A 1 45 ? 4.974   -3.079  2.320   1.00 56.74  ? 56  TYR A C   1 
ATOM   332 O  O   . TYR A 1 45 ? 5.699   -2.339  2.981   1.00 56.39  ? 56  TYR A O   1 
ATOM   333 C  CB  . TYR A 1 45 ? 6.171   -4.502  0.680   1.00 60.92  ? 56  TYR A CB  1 
ATOM   334 C  CG  . TYR A 1 45 ? 7.006   -5.752  0.480   1.00 65.64  ? 56  TYR A CG  1 
ATOM   335 C  CD1 . TYR A 1 45 ? 8.079   -6.040  1.320   1.00 68.56  ? 56  TYR A CD1 1 
ATOM   336 C  CD2 . TYR A 1 45 ? 6.738   -6.633  -0.560  1.00 66.48  ? 56  TYR A CD2 1 
ATOM   337 C  CE1 . TYR A 1 45 ? 8.859   -7.182  1.134   1.00 70.71  ? 56  TYR A CE1 1 
ATOM   338 C  CE2 . TYR A 1 45 ? 7.504   -7.784  -0.751  1.00 68.14  ? 56  TYR A CE2 1 
ATOM   339 C  CZ  . TYR A 1 45 ? 8.569   -8.055  0.099   1.00 75.49  ? 56  TYR A CZ  1 
ATOM   340 O  OH  . TYR A 1 45 ? 9.350   -9.181  -0.072  1.00 75.75  ? 56  TYR A OH  1 
ATOM   341 N  N   . LEU A 1 46 ? 3.783   -2.704  1.856   1.00 50.93  ? 57  LEU A N   1 
ATOM   342 C  CA  . LEU A 1 46 ? 3.152   -1.439  2.261   1.00 48.76  ? 57  LEU A CA  1 
ATOM   343 C  C   . LEU A 1 46 ? 2.868   -1.379  3.757   1.00 51.44  ? 57  LEU A C   1 
ATOM   344 O  O   . LEU A 1 46 ? 3.100   -0.336  4.363   1.00 50.98  ? 57  LEU A O   1 
ATOM   345 C  CB  . LEU A 1 46 ? 1.891   -1.126  1.435   1.00 47.78  ? 57  LEU A CB  1 
ATOM   346 C  CG  . LEU A 1 46 ? 2.120   -0.685  0.003   1.00 51.85  ? 57  LEU A CG  1 
ATOM   347 C  CD1 . LEU A 1 46 ? 0.850   -0.820  -0.810  1.00 53.14  ? 57  LEU A CD1 1 
ATOM   348 C  CD2 . LEU A 1 46 ? 2.639   0.709   -0.070  1.00 55.56  ? 57  LEU A CD2 1 
ATOM   349 N  N   . GLY A 1 47 ? 2.402   -2.478  4.335   1.00 49.09  ? 58  GLY A N   1 
ATOM   350 C  CA  . GLY A 1 47 ? 2.283   -2.622  5.785   1.00 49.64  ? 58  GLY A CA  1 
ATOM   351 C  C   . GLY A 1 47 ? 3.616   -2.426  6.501   1.00 58.26  ? 58  GLY A C   1 
ATOM   352 O  O   . GLY A 1 47 ? 3.707   -1.670  7.467   1.00 61.33  ? 58  GLY A O   1 
ATOM   353 N  N   . GLN A 1 48 ? 4.676   -3.093  6.008   1.00 54.41  ? 59  GLN A N   1 
ATOM   354 C  CA  . GLN A 1 48 ? 6.037   -2.956  6.537   1.00 54.13  ? 59  GLN A CA  1 
ATOM   355 C  C   . GLN A 1 48 ? 6.573   -1.516  6.415   1.00 56.14  ? 59  GLN A C   1 
ATOM   356 O  O   . GLN A 1 48 ? 7.154   -0.983  7.370   1.00 55.65  ? 59  GLN A O   1 
ATOM   357 C  CB  . GLN A 1 48 ? 7.008   -3.913  5.808   1.00 56.10  ? 59  GLN A CB  1 
ATOM   358 C  CG  . GLN A 1 48 ? 6.729   -5.406  5.992   1.00 79.24  ? 59  GLN A CG  1 
ATOM   359 C  CD  . GLN A 1 48 ? 6.857   -5.856  7.424   1.00 96.68  ? 59  GLN A CD  1 
ATOM   360 O  OE1 . GLN A 1 48 ? 5.858   -5.973  8.151   1.00 89.03  ? 59  GLN A OE1 1 
ATOM   361 N  NE2 . GLN A 1 48 ? 8.092   -6.113  7.855   1.00 89.14  ? 59  GLN A NE2 1 
ATOM   362 N  N   . TYR A 1 49 ? 6.400   -0.906  5.234   1.00 51.11  ? 60  TYR A N   1 
ATOM   363 C  CA  . TYR A 1 49 ? 6.773   0.481   4.978   1.00 50.05  ? 60  TYR A CA  1 
ATOM   364 C  C   . TYR A 1 49 ? 6.057   1.431   5.918   1.00 52.44  ? 60  TYR A C   1 
ATOM   365 O  O   . TYR A 1 49 ? 6.683   2.345   6.420   1.00 52.21  ? 60  TYR A O   1 
ATOM   366 C  CB  . TYR A 1 49 ? 6.465   0.827   3.509   1.00 51.53  ? 60  TYR A CB  1 
ATOM   367 C  CG  . TYR A 1 49 ? 6.840   2.245   3.153   1.00 50.50  ? 60  TYR A CG  1 
ATOM   368 C  CD1 . TYR A 1 49 ? 8.120   2.556   2.710   1.00 52.62  ? 60  TYR A CD1 1 
ATOM   369 C  CD2 . TYR A 1 49 ? 5.915   3.279   3.256   1.00 48.78  ? 60  TYR A CD2 1 
ATOM   370 C  CE1 . TYR A 1 49 ? 8.476   3.863   2.387   1.00 52.33  ? 60  TYR A CE1 1 
ATOM   371 C  CE2 . TYR A 1 49 ? 6.258   4.587   2.934   1.00 48.84  ? 60  TYR A CE2 1 
ATOM   372 C  CZ  . TYR A 1 49 ? 7.541   4.876   2.501   1.00 54.17  ? 60  TYR A CZ  1 
ATOM   373 O  OH  . TYR A 1 49 ? 7.905   6.165   2.198   1.00 52.25  ? 60  TYR A OH  1 
ATOM   374 N  N   . ILE A 1 50 ? 4.755   1.225   6.167   1.00 49.09  ? 61  ILE A N   1 
ATOM   375 C  CA  . ILE A 1 50 ? 3.945   2.128   7.009   1.00 46.50  ? 61  ILE A CA  1 
ATOM   376 C  C   . ILE A 1 50 ? 4.474   2.032   8.439   1.00 52.55  ? 61  ILE A C   1 
ATOM   377 O  O   . ILE A 1 50 ? 4.735   3.035   9.105   1.00 47.93  ? 61  ILE A O   1 
ATOM   378 C  CB  . ILE A 1 50 ? 2.430   1.770   6.926   1.00 48.51  ? 61  ILE A CB  1 
ATOM   379 C  CG1 . ILE A 1 50 ? 1.807   2.327   5.639   1.00 50.79  ? 61  ILE A CG1 1 
ATOM   380 C  CG2 . ILE A 1 50 ? 1.647   2.255   8.131   1.00 44.52  ? 61  ILE A CG2 1 
ATOM   381 C  CD1 . ILE A 1 50 ? 0.447   1.624   5.176   1.00 52.79  ? 61  ILE A CD1 1 
ATOM   382 N  N   . MET A 1 51 ? 4.615   0.790   8.884   1.00 54.86  ? 62  MET A N   1 
ATOM   383 C  CA  . MET A 1 51 ? 5.016   0.442   10.241  1.00 55.59  ? 62  MET A CA  1 
ATOM   384 C  C   . MET A 1 51 ? 6.461   0.814   10.509  1.00 59.25  ? 62  MET A C   1 
ATOM   385 O  O   . MET A 1 51 ? 6.774   1.124   11.654  1.00 58.02  ? 62  MET A O   1 
ATOM   386 C  CB  . MET A 1 51 ? 4.797   -1.069  10.466  1.00 58.56  ? 62  MET A CB  1 
ATOM   387 C  CG  . MET A 1 51 ? 3.334   -1.481  10.456  1.00 62.82  ? 62  MET A CG  1 
ATOM   388 S  SD  . MET A 1 51 ? 2.362   -0.749  11.788  1.00 67.32  ? 62  MET A SD  1 
ATOM   389 C  CE  . MET A 1 51 ? 1.295   -2.319  12.348  1.00 62.70  ? 62  MET A CE  1 
ATOM   390 N  N   . THR A 1 52 ? 7.336   0.793   9.457   1.00 57.56  ? 63  THR A N   1 
ATOM   391 C  CA  . THR A 1 52 ? 8.765   1.181   9.532   1.00 56.75  ? 63  THR A CA  1 
ATOM   392 C  C   . THR A 1 52 ? 8.884   2.688   9.647   1.00 60.94  ? 63  THR A C   1 
ATOM   393 O  O   . THR A 1 52 ? 9.570   3.193   10.541  1.00 61.54  ? 63  THR A O   1 
ATOM   394 C  CB  . THR A 1 52 ? 9.547   0.643   8.298   1.00 64.82  ? 63  THR A CB  1 
ATOM   395 O  OG1 . THR A 1 52 ? 9.671   -0.778  8.405   1.00 67.39  ? 63  THR A OG1 1 
ATOM   396 C  CG2 . THR A 1 52 ? 10.941  1.300   8.113   1.00 58.16  ? 63  THR A CG2 1 
ATOM   397 N  N   . LYS A 1 53 ? 8.230   3.409   8.735   1.00 56.13  ? 64  LYS A N   1 
ATOM   398 C  CA  . LYS A 1 53 ? 8.163   4.872   8.791   1.00 54.40  ? 64  LYS A CA  1 
ATOM   399 C  C   . LYS A 1 53 ? 7.227   5.453   9.892   1.00 55.25  ? 64  LYS A C   1 
ATOM   400 O  O   . LYS A 1 53 ? 7.194   6.680   10.059  1.00 54.04  ? 64  LYS A O   1 
ATOM   401 C  CB  . LYS A 1 53 ? 7.733   5.416   7.432   1.00 57.54  ? 64  LYS A CB  1 
ATOM   402 C  CG  . LYS A 1 53 ? 8.808   5.370   6.363   1.00 64.65  ? 64  LYS A CG  1 
ATOM   403 C  CD  . LYS A 1 53 ? 8.697   6.620   5.472   1.00 69.74  ? 64  LYS A CD  1 
ATOM   404 C  CE  . LYS A 1 53 ? 9.923   6.957   4.673   1.00 50.88  ? 64  LYS A CE  1 
ATOM   405 N  NZ  . LYS A 1 53 ? 9.640   8.049   3.681   1.00 66.62  ? 64  LYS A NZ  1 
ATOM   406 N  N   . ARG A 1 54 ? 6.477   4.604   10.643  1.00 49.75  ? 65  ARG A N   1 
ATOM   407 C  CA  . ARG A 1 54 ? 5.631   5.061   11.770  1.00 47.59  ? 65  ARG A CA  1 
ATOM   408 C  C   . ARG A 1 54 ? 4.536   6.082   11.362  1.00 47.59  ? 65  ARG A C   1 
ATOM   409 O  O   . ARG A 1 54 ? 4.313   7.089   12.046  1.00 47.47  ? 65  ARG A O   1 
ATOM   410 C  CB  . ARG A 1 54 ? 6.502   5.646   12.906  1.00 51.22  ? 65  ARG A CB  1 
ATOM   411 C  CG  . ARG A 1 54 ? 7.826   4.928   13.223  1.00 61.90  ? 65  ARG A CG  1 
ATOM   412 C  CD  . ARG A 1 54 ? 8.867   5.893   13.844  1.00 80.49  ? 65  ARG A CD  1 
ATOM   413 N  NE  . ARG A 1 54 ? 10.273  5.450   13.709  1.00 96.90  ? 65  ARG A NE  1 
ATOM   414 C  CZ  . ARG A 1 54 ? 11.069  5.622   12.640  1.00 99.04  ? 65  ARG A CZ  1 
ATOM   415 N  NH1 . ARG A 1 54 ? 10.615  6.240   11.547  1.00 78.20  ? 65  ARG A NH1 1 
ATOM   416 N  NH2 . ARG A 1 54 ? 12.324  5.170   12.655  1.00 68.93  ? 65  ARG A NH2 1 
ATOM   417 N  N   . LEU A 1 55 ? 3.840   5.803   10.244  1.00 43.40  ? 66  LEU A N   1 
ATOM   418 C  CA  . LEU A 1 55 ? 2.860   6.682   9.622   1.00 42.49  ? 66  LEU A CA  1 
ATOM   419 C  C   . LEU A 1 55 ? 1.488   6.398   10.255  1.00 43.73  ? 66  LEU A C   1 
ATOM   420 O  O   . LEU A 1 55 ? 0.538   6.023   9.574   1.00 43.26  ? 66  LEU A O   1 
ATOM   421 C  CB  . LEU A 1 55 ? 2.827   6.414   8.091   1.00 42.75  ? 66  LEU A CB  1 
ATOM   422 C  CG  . LEU A 1 55 ? 4.135   6.645   7.349   1.00 46.76  ? 66  LEU A CG  1 
ATOM   423 C  CD1 . LEU A 1 55 ? 3.995   6.289   5.856   1.00 46.47  ? 66  LEU A CD1 1 
ATOM   424 C  CD2 . LEU A 1 55 ? 4.621   8.074   7.544   1.00 46.53  ? 66  LEU A CD2 1 
ATOM   425 N  N   . TYR A 1 56 ? 1.404   6.576   11.556  1.00 38.95  ? 67  TYR A N   1 
ATOM   426 C  CA  . TYR A 1 56 ? 0.257   6.202   12.377  1.00 37.56  ? 67  TYR A CA  1 
ATOM   427 C  C   . TYR A 1 56 ? 0.216   7.095   13.564  1.00 40.88  ? 67  TYR A C   1 
ATOM   428 O  O   . TYR A 1 56 ? 1.198   7.768   13.848  1.00 37.95  ? 67  TYR A O   1 
ATOM   429 C  CB  . TYR A 1 56 ? 0.283   4.721   12.814  1.00 35.85  ? 67  TYR A CB  1 
ATOM   430 C  CG  . TYR A 1 56 ? 1.512   4.197   13.530  1.00 36.13  ? 67  TYR A CG  1 
ATOM   431 C  CD1 . TYR A 1 56 ? 1.762   4.520   14.859  1.00 34.90  ? 67  TYR A CD1 1 
ATOM   432 C  CD2 . TYR A 1 56 ? 2.354   3.270   12.919  1.00 37.49  ? 67  TYR A CD2 1 
ATOM   433 C  CE1 . TYR A 1 56 ? 2.862   4.000   15.536  1.00 35.33  ? 67  TYR A CE1 1 
ATOM   434 C  CE2 . TYR A 1 56 ? 3.471   2.762   13.577  1.00 37.32  ? 67  TYR A CE2 1 
ATOM   435 C  CZ  . TYR A 1 56 ? 3.727   3.138   14.887  1.00 47.15  ? 67  TYR A CZ  1 
ATOM   436 O  OH  . TYR A 1 56 ? 4.823   2.661   15.572  1.00 50.60  ? 67  TYR A OH  1 
ATOM   437 N  N   . ASP A 1 57 ? -0.902  7.101   14.260  1.00 38.19  ? 68  ASP A N   1 
ATOM   438 C  CA  . ASP A 1 57 ? -1.001  7.796   15.511  1.00 39.04  ? 68  ASP A CA  1 
ATOM   439 C  C   . ASP A 1 57 ? -1.879  7.020   16.495  1.00 37.98  ? 68  ASP A C   1 
ATOM   440 O  O   . ASP A 1 57 ? -2.954  6.631   16.107  1.00 34.74  ? 68  ASP A O   1 
ATOM   441 C  CB  . ASP A 1 57 ? -1.599  9.167   15.254  1.00 42.29  ? 68  ASP A CB  1 
ATOM   442 C  CG  . ASP A 1 57 ? -1.469  10.091  16.445  1.00 48.01  ? 68  ASP A CG  1 
ATOM   443 O  OD1 . ASP A 1 57 ? -0.410  10.728  16.581  1.00 51.13  ? 68  ASP A OD1 1 
ATOM   444 O  OD2 . ASP A 1 57 ? -2.428  10.179  17.223  1.00 51.62  ? 68  ASP A OD2 1 
ATOM   445 N  N   . ALA A 1 58 ? -1.417  6.816   17.750  1.00 34.18  ? 69  ALA A N   1 
ATOM   446 C  CA  . ALA A 1 58 ? -2.158  6.126   18.833  1.00 36.35  ? 69  ALA A CA  1 
ATOM   447 C  C   . ALA A 1 58 ? -3.573  6.692   19.089  1.00 46.61  ? 69  ALA A C   1 
ATOM   448 O  O   . ALA A 1 58 ? -4.438  5.933   19.511  1.00 46.66  ? 69  ALA A O   1 
ATOM   449 C  CB  . ALA A 1 58 ? -1.383  6.153   20.137  1.00 37.38  ? 69  ALA A CB  1 
ATOM   450 N  N   . ALA A 1 59 ? -3.804  8.004   18.835  1.00 46.19  ? 70  ALA A N   1 
ATOM   451 C  CA  . ALA A 1 59 ? -5.131  8.631   18.973  1.00 48.57  ? 70  ALA A CA  1 
ATOM   452 C  C   . ALA A 1 59 ? -6.116  8.094   17.924  1.00 52.17  ? 70  ALA A C   1 
ATOM   453 O  O   . ALA A 1 59 ? -7.286  7.909   18.227  1.00 54.41  ? 70  ALA A O   1 
ATOM   454 C  CB  . ALA A 1 59 ? -5.009  10.155  18.811  1.00 50.69  ? 70  ALA A CB  1 
ATOM   455 N  N   . GLN A 1 60 ? -5.645  7.846   16.698  1.00 47.35  ? 71  GLN A N   1 
ATOM   456 C  CA  . GLN A 1 60 ? -6.514  7.399   15.597  1.00 45.76  ? 71  GLN A CA  1 
ATOM   457 C  C   . GLN A 1 60 ? -5.876  6.165   15.000  1.00 45.14  ? 71  GLN A C   1 
ATOM   458 O  O   . GLN A 1 60 ? -5.205  6.220   13.969  1.00 44.98  ? 71  GLN A O   1 
ATOM   459 C  CB  . GLN A 1 60 ? -6.668  8.547   14.568  1.00 47.36  ? 71  GLN A CB  1 
ATOM   460 C  CG  . GLN A 1 60 ? -7.347  9.829   15.110  1.00 51.26  ? 71  GLN A CG  1 
ATOM   461 C  CD  . GLN A 1 60 ? -8.785  9.591   15.568  1.00 72.04  ? 71  GLN A CD  1 
ATOM   462 O  OE1 . GLN A 1 60 ? -9.559  8.818   14.967  1.00 65.92  ? 71  GLN A OE1 1 
ATOM   463 N  NE2 . GLN A 1 60 ? -9.190  10.241  16.653  1.00 70.77  ? 71  GLN A NE2 1 
ATOM   464 N  N   . GLN A 1 61 ? -6.063  5.020   15.682  1.00 42.42  ? 72  GLN A N   1 
ATOM   465 C  CA  . GLN A 1 61 ? -5.275  3.811   15.414  1.00 40.97  ? 72  GLN A CA  1 
ATOM   466 C  C   . GLN A 1 61 ? -5.562  3.112   14.109  1.00 42.56  ? 72  GLN A C   1 
ATOM   467 O  O   . GLN A 1 61 ? -4.807  2.209   13.795  1.00 43.39  ? 72  GLN A O   1 
ATOM   468 C  CB  . GLN A 1 61 ? -5.392  2.792   16.558  1.00 40.18  ? 72  GLN A CB  1 
ATOM   469 C  CG  . GLN A 1 61 ? -4.805  3.288   17.827  1.00 56.59  ? 72  GLN A CG  1 
ATOM   470 C  CD  . GLN A 1 61 ? -4.414  2.195   18.770  1.00 48.79  ? 72  GLN A CD  1 
ATOM   471 O  OE1 . GLN A 1 61 ? -4.319  1.034   18.414  1.00 38.84  ? 72  GLN A OE1 1 
ATOM   472 N  NE2 . GLN A 1 61 ? -4.146  2.551   19.986  1.00 50.90  ? 72  GLN A NE2 1 
ATOM   473 N  N   . HIS A 1 62 ? -6.613  3.498   13.391  1.00 39.04  ? 73  HIS A N   1 
ATOM   474 C  CA  A HIS A 1 62 ? -7.014  2.868   12.133  0.50 38.50  ? 73  HIS A CA  1 
ATOM   475 C  CA  B HIS A 1 62 ? -7.062  2.919   12.128  0.50 39.90  ? 73  HIS A CA  1 
ATOM   476 C  C   . HIS A 1 62 ? -6.665  3.793   10.898  1.00 44.50  ? 73  HIS A C   1 
ATOM   477 O  O   . HIS A 1 62 ? -7.009  3.446   9.777   1.00 45.30  ? 73  HIS A O   1 
ATOM   478 C  CB  A HIS A 1 62 ? -8.549  2.537   12.160  0.50 38.50  ? 73  HIS A CB  1 
ATOM   479 C  CB  B HIS A 1 62 ? -8.616  2.764   12.167  0.50 41.14  ? 73  HIS A CB  1 
ATOM   480 C  CG  A HIS A 1 62 ? -8.970  1.335   12.976  0.50 40.86  ? 73  HIS A CG  1 
ATOM   481 C  CG  B HIS A 1 62 ? -9.351  4.060   12.383  0.50 44.78  ? 73  HIS A CG  1 
ATOM   482 N  ND1 A HIS A 1 62 ? -9.283  1.440   14.329  0.50 42.07  ? 73  HIS A ND1 1 
ATOM   483 N  ND1 B HIS A 1 62 ? -9.131  4.826   13.513  0.50 46.11  ? 73  HIS A ND1 1 
ATOM   484 C  CD2 A HIS A 1 62 ? -9.148  0.046   12.593  0.50 41.20  ? 73  HIS A CD2 1 
ATOM   485 C  CD2 B HIS A 1 62 ? -10.263 4.693   11.601  0.50 46.63  ? 73  HIS A CD2 1 
ATOM   486 C  CE1 A HIS A 1 62 ? -9.631  0.224   14.717  0.50 40.37  ? 73  HIS A CE1 1 
ATOM   487 C  CE1 B HIS A 1 62 ? -9.920  5.881   13.393  0.50 45.60  ? 73  HIS A CE1 1 
ATOM   488 N  NE2 A HIS A 1 62 ? -9.569  -0.648  13.706  0.50 40.53  ? 73  HIS A NE2 1 
ATOM   489 N  NE2 B HIS A 1 62 ? -10.608 5.851   12.255  0.50 46.26  ? 73  HIS A NE2 1 
ATOM   490 N  N   . ILE A 1 63 ? -5.949  4.950   11.106  1.00 39.86  ? 74  ILE A N   1 
ATOM   491 C  CA  A ILE A 1 63 ? -5.690  5.931   10.050  0.50 37.14  ? 74  ILE A CA  1 
ATOM   492 C  CA  B ILE A 1 63 ? -5.675  5.959   10.070  0.50 37.61  ? 74  ILE A CA  1 
ATOM   493 C  C   . ILE A 1 63 ? -4.195  5.959   9.749   1.00 40.22  ? 74  ILE A C   1 
ATOM   494 O  O   . ILE A 1 63 ? -3.408  6.155   10.671  1.00 38.07  ? 74  ILE A O   1 
ATOM   495 C  CB  A ILE A 1 63 ? -6.241  7.318   10.461  0.50 38.85  ? 74  ILE A CB  1 
ATOM   496 C  CB  B ILE A 1 63 ? -6.091  7.377   10.553  0.50 39.89  ? 74  ILE A CB  1 
ATOM   497 C  CG1 A ILE A 1 63 ? -7.793  7.258   10.589  0.50 38.69  ? 74  ILE A CG1 1 
ATOM   498 C  CG1 B ILE A 1 63 ? -7.574  7.447   10.973  0.50 40.48  ? 74  ILE A CG1 1 
ATOM   499 C  CG2 A ILE A 1 63 ? -5.811  8.385   9.447   0.50 39.19  ? 74  ILE A CG2 1 
ATOM   500 C  CG2 B ILE A 1 63 ? -5.775  8.428   9.485   0.50 40.36  ? 74  ILE A CG2 1 
ATOM   501 C  CD1 A ILE A 1 63 ? -8.442  8.514   11.057  0.50 41.26  ? 74  ILE A CD1 1 
ATOM   502 C  CD1 B ILE A 1 63 ? -8.548  7.080   9.933   0.50 47.09  ? 74  ILE A CD1 1 
ATOM   503 N  N   . VAL A 1 64 ? -3.807  5.741   8.454   1.00 35.51  ? 75  VAL A N   1 
ATOM   504 C  CA  . VAL A 1 64 ? -2.406  5.933   8.012   1.00 37.22  ? 75  VAL A CA  1 
ATOM   505 C  C   . VAL A 1 64 ? -2.259  7.424   7.743   1.00 40.53  ? 75  VAL A C   1 
ATOM   506 O  O   . VAL A 1 64 ? -3.152  8.007   7.122   1.00 39.29  ? 75  VAL A O   1 
ATOM   507 C  CB  . VAL A 1 64 ? -2.031  5.049   6.822   1.00 40.96  ? 75  VAL A CB  1 
ATOM   508 C  CG1 . VAL A 1 64 ? -0.587  5.249   6.367   1.00 42.05  ? 75  VAL A CG1 1 
ATOM   509 C  CG2 . VAL A 1 64 ? -2.289  3.587   7.177   1.00 40.86  ? 75  VAL A CG2 1 
ATOM   510 N  N   . TYR A 1 65 ? -1.177  8.040   8.258   1.00 35.16  ? 76  TYR A N   1 
ATOM   511 C  CA  . TYR A 1 65 ? -0.870  9.450   8.094   1.00 36.17  ? 76  TYR A CA  1 
ATOM   512 C  C   . TYR A 1 65 ? 0.273   9.584   7.161   1.00 40.48  ? 76  TYR A C   1 
ATOM   513 O  O   . TYR A 1 65 ? 1.390   9.457   7.603   1.00 40.70  ? 76  TYR A O   1 
ATOM   514 C  CB  . TYR A 1 65 ? -0.531  10.111  9.457   1.00 37.99  ? 76  TYR A CB  1 
ATOM   515 C  CG  . TYR A 1 65 ? -1.782  10.287  10.265  1.00 37.37  ? 76  TYR A CG  1 
ATOM   516 C  CD1 . TYR A 1 65 ? -2.630  11.361  10.040  1.00 37.91  ? 76  TYR A CD1 1 
ATOM   517 C  CD2 . TYR A 1 65 ? -2.144  9.357   11.239  1.00 36.98  ? 76  TYR A CD2 1 
ATOM   518 C  CE1 . TYR A 1 65 ? -3.803  11.517  10.767  1.00 34.38  ? 76  TYR A CE1 1 
ATOM   519 C  CE2 . TYR A 1 65 ? -3.310  9.505   11.972  1.00 37.86  ? 76  TYR A CE2 1 
ATOM   520 C  CZ  . TYR A 1 65 ? -4.139  10.582  11.731  1.00 39.05  ? 76  TYR A CZ  1 
ATOM   521 O  OH  . TYR A 1 65 ? -5.295  10.676  12.450  1.00 45.42  ? 76  TYR A OH  1 
ATOM   522 N  N   . CYS A 1 66 ? 0.007   9.828   5.857   1.00 37.07  ? 77  CYS A N   1 
ATOM   523 C  CA  . CYS A 1 66 ? 0.999   9.635   4.806   1.00 35.87  ? 77  CYS A CA  1 
ATOM   524 C  C   . CYS A 1 66 ? 1.327   10.934  4.113   1.00 43.20  ? 77  CYS A C   1 
ATOM   525 O  O   . CYS A 1 66 ? 1.946   10.897  3.069   1.00 42.06  ? 77  CYS A O   1 
ATOM   526 C  CB  . CYS A 1 66 ? 0.557   8.553   3.821   1.00 36.10  ? 77  CYS A CB  1 
ATOM   527 S  SG  . CYS A 1 66 ? -1.108  8.769   3.139   1.00 38.25  ? 77  CYS A SG  1 
ATOM   528 N  N   . SER A 1 67 ? 0.936   12.089  4.686   1.00 40.11  ? 78  SER A N   1 
ATOM   529 C  CA  . SER A 1 67 ? 1.203   13.363  4.053   1.00 41.41  ? 78  SER A CA  1 
ATOM   530 C  C   . SER A 1 67 ? 2.692   13.629  4.178   1.00 47.18  ? 78  SER A C   1 
ATOM   531 O  O   . SER A 1 67 ? 3.347   13.101  5.070   1.00 46.80  ? 78  SER A O   1 
ATOM   532 C  CB  . SER A 1 67 ? 0.406   14.502  4.691   1.00 43.12  ? 78  SER A CB  1 
ATOM   533 O  OG  . SER A 1 67 ? 0.873   14.803  5.981   1.00 53.37  ? 78  SER A OG  1 
ATOM   534 N  N   . ASN A 1 68 ? 3.231   14.425  3.300   1.00 45.72  ? 79  ASN A N   1 
ATOM   535 C  CA  . ASN A 1 68 ? 4.675   14.651  3.338   1.00 48.14  ? 79  ASN A CA  1 
ATOM   536 C  C   . ASN A 1 68 ? 5.471   13.312  3.240   1.00 50.41  ? 79  ASN A C   1 
ATOM   537 O  O   . ASN A 1 68 ? 6.517   13.177  3.850   1.00 51.05  ? 79  ASN A O   1 
ATOM   538 C  CB  . ASN A 1 68 ? 5.027   15.452  4.639   1.00 54.27  ? 79  ASN A CB  1 
ATOM   539 C  CG  . ASN A 1 68 ? 6.139   16.444  4.528   1.00 69.22  ? 79  ASN A CG  1 
ATOM   540 O  OD1 . ASN A 1 68 ? 6.823   16.560  3.507   1.00 63.80  ? 79  ASN A OD1 1 
ATOM   541 N  ND2 . ASN A 1 68 ? 6.333   17.189  5.596   1.00 69.71  ? 79  ASN A ND2 1 
ATOM   542 N  N   . ASP A 1 69 ? 4.958   12.320  2.485   1.00 46.12  ? 80  ASP A N   1 
ATOM   543 C  CA  . ASP A 1 69 ? 5.664   11.055  2.291   1.00 45.15  ? 80  ASP A CA  1 
ATOM   544 C  C   . ASP A 1 69 ? 5.422   10.590  0.876   1.00 49.94  ? 80  ASP A C   1 
ATOM   545 O  O   . ASP A 1 69 ? 4.408   10.927  0.271   1.00 49.28  ? 80  ASP A O   1 
ATOM   546 C  CB  . ASP A 1 69 ? 5.248   10.034  3.346   1.00 46.20  ? 80  ASP A CB  1 
ATOM   547 C  CG  . ASP A 1 69 ? 6.124   8.801   3.432   1.00 51.12  ? 80  ASP A CG  1 
ATOM   548 O  OD1 . ASP A 1 69 ? 5.872   7.840   2.673   1.00 49.99  ? 80  ASP A OD1 1 
ATOM   549 O  OD2 . ASP A 1 69 ? 7.050   8.792   4.255   1.00 56.18  ? 80  ASP A OD2 1 
ATOM   550 N  N   . LEU A 1 70 ? 6.363   9.842   0.333   1.00 47.90  ? 81  LEU A N   1 
ATOM   551 C  CA  . LEU A 1 70 ? 6.203   9.216   -0.965  1.00 47.28  ? 81  LEU A CA  1 
ATOM   552 C  C   . LEU A 1 70 ? 4.851   8.464   -1.025  1.00 48.28  ? 81  LEU A C   1 
ATOM   553 O  O   . LEU A 1 70 ? 4.174   8.552   -2.037  1.00 47.18  ? 81  LEU A O   1 
ATOM   554 C  CB  . LEU A 1 70 ? 7.385   8.277   -1.222  1.00 48.18  ? 81  LEU A CB  1 
ATOM   555 C  CG  . LEU A 1 70 ? 7.323   7.371   -2.451  1.00 54.41  ? 81  LEU A CG  1 
ATOM   556 C  CD1 . LEU A 1 70 ? 7.371   8.191   -3.762  1.00 54.63  ? 81  LEU A CD1 1 
ATOM   557 C  CD2 . LEU A 1 70 ? 8.455   6.380   -2.412  1.00 57.83  ? 81  LEU A CD2 1 
ATOM   558 N  N   . LEU A 1 71 ? 4.460   7.748   0.048   1.00 43.56  ? 82  LEU A N   1 
ATOM   559 C  CA  . LEU A 1 71 ? 3.186   7.039   0.093   1.00 41.48  ? 82  LEU A CA  1 
ATOM   560 C  C   . LEU A 1 71 ? 1.981   7.935   -0.177  1.00 43.21  ? 82  LEU A C   1 
ATOM   561 O  O   . LEU A 1 71 ? 1.135   7.567   -0.968  1.00 40.15  ? 82  LEU A O   1 
ATOM   562 C  CB  . LEU A 1 71 ? 2.987   6.371   1.460   1.00 41.17  ? 82  LEU A CB  1 
ATOM   563 C  CG  . LEU A 1 71 ? 1.776   5.389   1.556   1.00 43.08  ? 82  LEU A CG  1 
ATOM   564 C  CD1 . LEU A 1 71 ? 1.771   4.414   0.436   1.00 42.20  ? 82  LEU A CD1 1 
ATOM   565 C  CD2 . LEU A 1 71 ? 1.768   4.661   2.883   1.00 45.97  ? 82  LEU A CD2 1 
ATOM   566 N  N   . GLY A 1 72 ? 1.910   9.081   0.498   1.00 40.54  ? 83  GLY A N   1 
ATOM   567 C  CA  . GLY A 1 72 ? 0.875   10.079  0.242   1.00 40.91  ? 83  GLY A CA  1 
ATOM   568 C  C   . GLY A 1 72 ? 0.900   10.653  -1.160  1.00 45.68  ? 83  GLY A C   1 
ATOM   569 O  O   . GLY A 1 72 ? -0.165  10.936  -1.731  1.00 42.20  ? 83  GLY A O   1 
ATOM   570 N  N   . ASP A 1 73 ? 2.117   10.816  -1.733  1.00 44.75  ? 84  ASP A N   1 
ATOM   571 C  CA  . ASP A 1 73 ? 2.239   11.188  -3.160  1.00 45.49  ? 84  ASP A CA  1 
ATOM   572 C  C   . ASP A 1 73 ? 1.676   10.138  -4.081  1.00 46.83  ? 84  ASP A C   1 
ATOM   573 O  O   . ASP A 1 73 ? 0.957   10.493  -5.005  1.00 48.17  ? 84  ASP A O   1 
ATOM   574 C  CB  . ASP A 1 73 ? 3.679   11.552  -3.564  1.00 48.21  ? 84  ASP A CB  1 
ATOM   575 C  CG  . ASP A 1 73 ? 4.280   12.645  -2.742  1.00 53.40  ? 84  ASP A CG  1 
ATOM   576 O  OD1 . ASP A 1 73 ? 3.521   13.503  -2.251  1.00 53.75  ? 84  ASP A OD1 1 
ATOM   577 O  OD2 . ASP A 1 73 ? 5.505   12.646  -2.581  1.00 64.49  ? 84  ASP A OD2 1 
ATOM   578 N  N   . LEU A 1 74 ? 1.964   8.850   -3.835  1.00 43.67  ? 85  LEU A N   1 
ATOM   579 C  CA  . LEU A 1 74 ? 1.462   7.734   -4.678  1.00 43.98  ? 85  LEU A CA  1 
ATOM   580 C  C   . LEU A 1 74 ? -0.036  7.517   -4.591  1.00 44.21  ? 85  LEU A C   1 
ATOM   581 O  O   . LEU A 1 74 ? -0.711  7.231   -5.606  1.00 42.53  ? 85  LEU A O   1 
ATOM   582 C  CB  . LEU A 1 74 ? 2.149   6.414   -4.292  1.00 43.81  ? 85  LEU A CB  1 
ATOM   583 C  CG  . LEU A 1 74 ? 3.691   6.408   -4.412  1.00 47.60  ? 85  LEU A CG  1 
ATOM   584 C  CD1 . LEU A 1 74 ? 4.206   5.021   -4.295  1.00 47.07  ? 85  LEU A CD1 1 
ATOM   585 C  CD2 . LEU A 1 74 ? 4.165   7.016   -5.701  1.00 46.57  ? 85  LEU A CD2 1 
ATOM   586 N  N   . PHE A 1 75 ? -0.547  7.656   -3.390  1.00 39.16  ? 86  PHE A N   1 
ATOM   587 C  CA  . PHE A 1 75 ? -1.935  7.307   -3.040  1.00 38.10  ? 86  PHE A CA  1 
ATOM   588 C  C   . PHE A 1 75 ? -2.824  8.509   -3.297  1.00 42.37  ? 86  PHE A C   1 
ATOM   589 O  O   . PHE A 1 75 ? -4.029  8.365   -3.530  1.00 41.74  ? 86  PHE A O   1 
ATOM   590 C  CB  . PHE A 1 75 ? -1.990  6.803   -1.576  1.00 39.07  ? 86  PHE A CB  1 
ATOM   591 C  CG  . PHE A 1 75 ? -1.798  5.315   -1.349  1.00 39.70  ? 86  PHE A CG  1 
ATOM   592 C  CD1 . PHE A 1 75 ? -1.141  4.521   -2.283  1.00 44.32  ? 86  PHE A CD1 1 
ATOM   593 C  CD2 . PHE A 1 75 ? -2.302  4.703   -0.216  1.00 41.21  ? 86  PHE A CD2 1 
ATOM   594 C  CE1 . PHE A 1 75 ? -1.010  3.129   -2.086  1.00 45.79  ? 86  PHE A CE1 1 
ATOM   595 C  CE2 . PHE A 1 75 ? -2.158  3.318   -0.008  1.00 44.65  ? 86  PHE A CE2 1 
ATOM   596 C  CZ  . PHE A 1 75 ? -1.507  2.535   -0.944  1.00 42.47  ? 86  PHE A CZ  1 
ATOM   597 N  N   . GLY A 1 76 ? -2.230  9.692   -3.278  1.00 38.60  ? 87  GLY A N   1 
ATOM   598 C  CA  . GLY A 1 76 ? -2.945  10.892  -3.646  1.00 38.96  ? 87  GLY A CA  1 
ATOM   599 C  C   . GLY A 1 76 ? -3.779  11.488  -2.523  1.00 42.89  ? 87  GLY A C   1 
ATOM   600 O  O   . GLY A 1 76 ? -4.701  12.278  -2.801  1.00 41.92  ? 87  GLY A O   1 
ATOM   601 N  N   . VAL A 1 77 ? -3.422  11.147  -1.248  1.00 38.01  ? 88  VAL A N   1 
ATOM   602 C  CA  . VAL A 1 77 ? -4.167  11.498  -0.025  1.00 37.33  ? 88  VAL A CA  1 
ATOM   603 C  C   . VAL A 1 77 ? -3.190  11.819  1.152   1.00 41.09  ? 88  VAL A C   1 
ATOM   604 O  O   . VAL A 1 77 ? -2.095  11.260  1.211   1.00 39.24  ? 88  VAL A O   1 
ATOM   605 C  CB  . VAL A 1 77 ? -5.206  10.416  0.415   1.00 39.64  ? 88  VAL A CB  1 
ATOM   606 C  CG1 . VAL A 1 77 ? -6.357  10.270  -0.595  1.00 37.91  ? 88  VAL A CG1 1 
ATOM   607 C  CG2 . VAL A 1 77 ? -4.568  9.061   0.706   1.00 38.79  ? 88  VAL A CG2 1 
ATOM   608 N  N   . PRO A 1 78 ? -3.585  12.730  2.061   1.00 37.52  ? 89  PRO A N   1 
ATOM   609 C  CA  . PRO A 1 78 ? -2.770  13.001  3.256   1.00 38.10  ? 89  PRO A CA  1 
ATOM   610 C  C   . PRO A 1 78 ? -2.835  11.925  4.352   1.00 41.23  ? 89  PRO A C   1 
ATOM   611 O  O   . PRO A 1 78 ? -1.936  11.822  5.196   1.00 40.09  ? 89  PRO A O   1 
ATOM   612 C  CB  . PRO A 1 78 ? -3.330  14.333  3.779   1.00 40.13  ? 89  PRO A CB  1 
ATOM   613 C  CG  . PRO A 1 78 ? -4.567  14.596  3.089   1.00 42.55  ? 89  PRO A CG  1 
ATOM   614 C  CD  . PRO A 1 78 ? -4.801  13.568  2.032   1.00 38.89  ? 89  PRO A CD  1 
ATOM   615 N  N   . SER A 1 79 ? -3.900  11.137  4.320   1.00 35.63  ? 90  SER A N   1 
ATOM   616 C  CA  . SER A 1 79 ? -4.213  10.065  5.224   1.00 35.31  ? 90  SER A CA  1 
ATOM   617 C  C   . SER A 1 79 ? -5.302  9.183   4.609   1.00 39.29  ? 90  SER A C   1 
ATOM   618 O  O   . SER A 1 79 ? -5.957  9.591   3.670   1.00 37.96  ? 90  SER A O   1 
ATOM   619 C  CB  . SER A 1 79 ? -4.742  10.618  6.551   1.00 36.62  ? 90  SER A CB  1 
ATOM   620 O  OG  . SER A 1 79 ? -6.017  11.227  6.410   1.00 39.68  ? 90  SER A OG  1 
ATOM   621 N  N   . PHE A 1 80 ? -5.480  7.997   5.154   1.00 35.83  ? 91  PHE A N   1 
ATOM   622 C  CA  . PHE A 1 80 ? -6.607  7.123   4.850   1.00 34.69  ? 91  PHE A CA  1 
ATOM   623 C  C   . PHE A 1 80 ? -6.882  6.099   5.955   1.00 37.67  ? 91  PHE A C   1 
ATOM   624 O  O   . PHE A 1 80 ? -6.029  5.838   6.782   1.00 36.72  ? 91  PHE A O   1 
ATOM   625 C  CB  . PHE A 1 80 ? -6.328  6.368   3.548   1.00 35.54  ? 91  PHE A CB  1 
ATOM   626 C  CG  . PHE A 1 80 ? -5.089  5.506   3.587   1.00 34.68  ? 91  PHE A CG  1 
ATOM   627 C  CD1 . PHE A 1 80 ? -3.855  6.035   3.288   1.00 37.23  ? 91  PHE A CD1 1 
ATOM   628 C  CD2 . PHE A 1 80 ? -5.183  4.146   3.820   1.00 36.44  ? 91  PHE A CD2 1 
ATOM   629 C  CE1 . PHE A 1 80 ? -2.714  5.233   3.266   1.00 38.60  ? 91  PHE A CE1 1 
ATOM   630 C  CE2 . PHE A 1 80 ? -4.060  3.346   3.804   1.00 39.96  ? 91  PHE A CE2 1 
ATOM   631 C  CZ  . PHE A 1 80 ? -2.817  3.892   3.531   1.00 37.23  ? 91  PHE A CZ  1 
ATOM   632 N  N   . SER A 1 81 ? -8.074  5.517   5.937   1.00 38.81  ? 92  SER A N   1 
ATOM   633 C  CA  . SER A 1 81 ? -8.516  4.461   6.862   1.00 38.57  ? 92  SER A CA  1 
ATOM   634 C  C   . SER A 1 81 ? -8.112  3.066   6.382   1.00 41.74  ? 92  SER A C   1 
ATOM   635 O  O   . SER A 1 81 ? -8.330  2.735   5.231   1.00 40.78  ? 92  SER A O   1 
ATOM   636 C  CB  . SER A 1 81 ? -10.033 4.521   7.046   1.00 40.96  ? 92  SER A CB  1 
ATOM   637 O  OG  . SER A 1 81 ? -10.459 3.425   7.842   1.00 47.99  ? 92  SER A OG  1 
ATOM   638 N  N   . VAL A 1 82 ? -7.536  2.247   7.270   1.00 42.78  ? 93  VAL A N   1 
ATOM   639 C  CA  . VAL A 1 82 ? -7.187  0.831   6.972   1.00 43.52  ? 93  VAL A CA  1 
ATOM   640 C  C   . VAL A 1 82 ? -8.411  -0.105  6.906   1.00 47.11  ? 93  VAL A C   1 
ATOM   641 O  O   . VAL A 1 82 ? -8.267  -1.255  6.478   1.00 47.14  ? 93  VAL A O   1 
ATOM   642 C  CB  . VAL A 1 82 ? -6.106  0.246   7.916   1.00 46.91  ? 93  VAL A CB  1 
ATOM   643 C  CG1 . VAL A 1 82 ? -4.927  1.202   8.070   1.00 46.89  ? 93  VAL A CG1 1 
ATOM   644 C  CG2 . VAL A 1 82 ? -6.699  -0.152  9.281   1.00 47.00  ? 93  VAL A CG2 1 
ATOM   645 N  N   . LYS A 1 83 ? -9.590  0.381   7.326   1.00 44.24  ? 94  LYS A N   1 
ATOM   646 C  CA  . LYS A 1 83 ? -10.846 -0.361  7.266   1.00 45.61  ? 94  LYS A CA  1 
ATOM   647 C  C   . LYS A 1 83 ? -11.412 -0.360  5.835   1.00 51.30  ? 94  LYS A C   1 
ATOM   648 O  O   . LYS A 1 83 ? -12.209 -1.234  5.507   1.00 51.00  ? 94  LYS A O   1 
ATOM   649 C  CB  . LYS A 1 83 ? -11.875 0.267   8.204   1.00 47.32  ? 94  LYS A CB  1 
ATOM   650 C  CG  . LYS A 1 83 ? -11.471 0.287   9.695   1.00 59.33  ? 94  LYS A CG  1 
ATOM   651 C  CD  . LYS A 1 83 ? -12.118 1.497   10.423  1.00 70.10  ? 94  LYS A CD  1 
ATOM   652 C  CE  . LYS A 1 83 ? -12.559 1.275   11.845  1.00 77.35  ? 94  LYS A CE  1 
ATOM   653 N  NZ  . LYS A 1 83 ? -13.693 0.306   11.957  1.00 97.12  ? 94  LYS A NZ  1 
ATOM   654 N  N   . GLU A 1 84 ? -11.007 0.605   4.991   1.00 46.95  ? 95  GLU A N   1 
ATOM   655 C  CA  . GLU A 1 84 ? -11.627 0.830   3.671   1.00 44.25  ? 95  GLU A CA  1 
ATOM   656 C  C   . GLU A 1 84 ? -10.842 0.068   2.612   1.00 43.36  ? 95  GLU A C   1 
ATOM   657 O  O   . GLU A 1 84 ? -10.047 0.666   1.901   1.00 40.59  ? 95  GLU A O   1 
ATOM   658 C  CB  . GLU A 1 84 ? -11.582 2.314   3.344   1.00 45.38  ? 95  GLU A CB  1 
ATOM   659 C  CG  . GLU A 1 84 ? -12.288 3.217   4.334   1.00 53.15  ? 95  GLU A CG  1 
ATOM   660 C  CD  . GLU A 1 84 ? -13.727 3.569   4.055   1.00 78.81  ? 95  GLU A CD  1 
ATOM   661 O  OE1 . GLU A 1 84 ? -14.410 2.827   3.311   1.00 93.10  ? 95  GLU A OE1 1 
ATOM   662 O  OE2 . GLU A 1 84 ? -14.169 4.607   4.598   1.00 72.17  ? 95  GLU A OE2 1 
ATOM   663 N  N   . HIS A 1 85 ? -11.058 -1.251  2.476   1.00 41.08  ? 96  HIS A N   1 
ATOM   664 C  CA  . HIS A 1 85 ? -10.132 -2.022  1.644   1.00 40.70  ? 96  HIS A CA  1 
ATOM   665 C  C   . HIS A 1 85 ? -10.244 -1.686  0.197   1.00 41.59  ? 96  HIS A C   1 
ATOM   666 O  O   . HIS A 1 85 ? -9.216  -1.613  -0.448  1.00 38.64  ? 96  HIS A O   1 
ATOM   667 C  CB  . HIS A 1 85 ? -10.234 -3.530  1.871   1.00 40.89  ? 96  HIS A CB  1 
ATOM   668 C  CG  . HIS A 1 85 ? -9.813  -3.961  3.239   1.00 46.06  ? 96  HIS A CG  1 
ATOM   669 N  ND1 . HIS A 1 85 ? -9.896  -5.294  3.646   1.00 48.38  ? 96  HIS A ND1 1 
ATOM   670 C  CD2 . HIS A 1 85 ? -9.308  -3.230  4.259   1.00 48.27  ? 96  HIS A CD2 1 
ATOM   671 C  CE1 . HIS A 1 85 ? -9.446  -5.313  4.892   1.00 47.30  ? 96  HIS A CE1 1 
ATOM   672 N  NE2 . HIS A 1 85 ? -9.074  -4.091  5.292   1.00 48.27  ? 96  HIS A NE2 1 
ATOM   673 N  N   . ARG A 1 86 ? -11.465 -1.472  -0.338  1.00 40.77  ? 97  ARG A N   1 
ATOM   674 C  CA  . ARG A 1 86 ? -11.623 -1.214  -1.773  1.00 39.47  ? 97  ARG A CA  1 
ATOM   675 C  C   . ARG A 1 86 ? -10.930 0.083   -2.149  1.00 41.35  ? 97  ARG A C   1 
ATOM   676 O  O   . ARG A 1 86 ? -10.281 0.153   -3.185  1.00 41.50  ? 97  ARG A O   1 
ATOM   677 C  CB  . ARG A 1 86 ? -13.101 -1.230  -2.198  1.00 39.41  ? 97  ARG A CB  1 
ATOM   678 C  CG  . ARG A 1 86 ? -13.336 -0.734  -3.619  1.00 39.08  ? 97  ARG A CG  1 
ATOM   679 C  CD  . ARG A 1 86 ? -12.536 -1.537  -4.618  1.00 49.21  ? 97  ARG A CD  1 
ATOM   680 N  NE  . ARG A 1 86 ? -12.936 -2.940  -4.609  1.00 45.80  ? 97  ARG A NE  1 
ATOM   681 C  CZ  . ARG A 1 86 ? -12.220 -3.958  -5.069  1.00 40.32  ? 97  ARG A CZ  1 
ATOM   682 N  NH1 . ARG A 1 86 ? -12.699 -5.187  -5.009  1.00 44.71  ? 97  ARG A NH1 1 
ATOM   683 N  NH2 . ARG A 1 86 ? -11.027 -3.755  -5.592  1.00 39.28  ? 97  ARG A NH2 1 
ATOM   684 N  N   . LYS A 1 87 ? -11.050 1.093   -1.300  1.00 38.20  ? 98  LYS A N   1 
ATOM   685 C  CA  . LYS A 1 87 ? -10.403 2.364   -1.518  1.00 36.63  ? 98  LYS A CA  1 
ATOM   686 C  C   . LYS A 1 87 ? -8.913  2.202   -1.520  1.00 39.95  ? 98  LYS A C   1 
ATOM   687 O  O   . LYS A 1 87 ? -8.265  2.852   -2.321  1.00 38.99  ? 98  LYS A O   1 
ATOM   688 C  CB  . LYS A 1 87 ? -10.840 3.406   -0.488  1.00 40.25  ? 98  LYS A CB  1 
ATOM   689 C  CG  . LYS A 1 87 ? -12.271 3.883   -0.661  1.00 54.94  ? 98  LYS A CG  1 
ATOM   690 C  CD  . LYS A 1 87 ? -12.703 4.856   0.441   1.00 60.36  ? 98  LYS A CD  1 
ATOM   691 C  CE  . LYS A 1 87 ? -14.094 5.397   0.206   1.00 74.23  ? 98  LYS A CE  1 
ATOM   692 N  NZ  . LYS A 1 87 ? -14.380 6.582   1.055   1.00 88.76  ? 98  LYS A NZ  1 
ATOM   693 N  N   . ILE A 1 88 ? -8.351  1.339   -0.642  1.00 39.51  ? 99  ILE A N   1 
ATOM   694 C  CA  . ILE A 1 88 ? -6.913  1.042   -0.646  1.00 39.23  ? 99  ILE A CA  1 
ATOM   695 C  C   . ILE A 1 88 ? -6.520  0.314   -1.930  1.00 41.37  ? 99  ILE A C   1 
ATOM   696 O  O   . ILE A 1 88 ? -5.452  0.563   -2.455  1.00 40.46  ? 99  ILE A O   1 
ATOM   697 C  CB  . ILE A 1 88 ? -6.479  0.248   0.615   1.00 43.09  ? 99  ILE A CB  1 
ATOM   698 C  CG1 . ILE A 1 88 ? -6.666  1.106   1.881   1.00 43.38  ? 99  ILE A CG1 1 
ATOM   699 C  CG2 . ILE A 1 88 ? -5.035  -0.223  0.493   1.00 42.64  ? 99  ILE A CG2 1 
ATOM   700 C  CD1 . ILE A 1 88 ? -6.476  0.448   3.123   1.00 40.97  ? 99  ILE A CD1 1 
ATOM   701 N  N   . TYR A 1 89 ? -7.371  -0.584  -2.438  1.00 38.48  ? 100 TYR A N   1 
ATOM   702 C  CA  . TYR A 1 89 ? -7.018  -1.323  -3.660  1.00 37.23  ? 100 TYR A CA  1 
ATOM   703 C  C   . TYR A 1 89 ? -6.920  -0.375  -4.861  1.00 37.50  ? 100 TYR A C   1 
ATOM   704 O  O   . TYR A 1 89 ? -5.972  -0.489  -5.661  1.00 36.24  ? 100 TYR A O   1 
ATOM   705 C  CB  . TYR A 1 89 ? -7.968  -2.520  -3.880  1.00 38.80  ? 100 TYR A CB  1 
ATOM   706 C  CG  . TYR A 1 89 ? -7.382  -3.790  -3.333  1.00 40.33  ? 100 TYR A CG  1 
ATOM   707 C  CD1 . TYR A 1 89 ? -7.094  -3.916  -1.975  1.00 42.24  ? 100 TYR A CD1 1 
ATOM   708 C  CD2 . TYR A 1 89 ? -7.094  -4.869  -4.169  1.00 40.07  ? 100 TYR A CD2 1 
ATOM   709 C  CE1 . TYR A 1 89 ? -6.545  -5.080  -1.460  1.00 42.14  ? 100 TYR A CE1 1 
ATOM   710 C  CE2 . TYR A 1 89 ? -6.533  -6.040  -3.667  1.00 39.53  ? 100 TYR A CE2 1 
ATOM   711 C  CZ  . TYR A 1 89 ? -6.256  -6.137  -2.309  1.00 46.49  ? 100 TYR A CZ  1 
ATOM   712 O  OH  . TYR A 1 89 ? -5.669  -7.261  -1.809  1.00 48.08  ? 100 TYR A OH  1 
ATOM   713 N  N   . THR A 1 90 ? -7.878  0.566   -4.954  1.00 33.60  ? 101 THR A N   1 
ATOM   714 C  CA  . THR A 1 90 ? -7.935  1.638   -5.969  1.00 34.11  ? 101 THR A CA  1 
ATOM   715 C  C   . THR A 1 90 ? -6.722  2.507   -5.964  1.00 39.96  ? 101 THR A C   1 
ATOM   716 O  O   . THR A 1 90 ? -6.248  2.852   -7.036  1.00 42.03  ? 101 THR A O   1 
ATOM   717 C  CB  . THR A 1 90 ? -9.204  2.457   -5.791  1.00 41.59  ? 101 THR A CB  1 
ATOM   718 O  OG1 . THR A 1 90 ? -10.330 1.558   -5.877  1.00 37.65  ? 101 THR A OG1 1 
ATOM   719 C  CG2 . THR A 1 90 ? -9.338  3.615   -6.837  1.00 36.04  ? 101 THR A CG2 1 
ATOM   720 N  N   . MET A 1 91 ? -6.211  2.871   -4.783  1.00 34.62  ? 102 MET A N   1 
ATOM   721 C  CA  . MET A 1 91 ? -4.998  3.635   -4.688  1.00 35.41  ? 102 MET A CA  1 
ATOM   722 C  C   . MET A 1 91 ? -3.768  2.850   -5.101  1.00 43.88  ? 102 MET A C   1 
ATOM   723 O  O   . MET A 1 91 ? -2.833  3.441   -5.635  1.00 47.43  ? 102 MET A O   1 
ATOM   724 C  CB  . MET A 1 91 ? -4.842  4.205   -3.286  1.00 38.18  ? 102 MET A CB  1 
ATOM   725 C  CG  . MET A 1 91 ? -5.901  5.217   -2.967  1.00 40.80  ? 102 MET A CG  1 
ATOM   726 S  SD  . MET A 1 91 ? -5.710  6.038   -1.348  1.00 43.50  ? 102 MET A SD  1 
ATOM   727 C  CE  . MET A 1 91 ? -5.892  4.781   -0.280  1.00 38.32  ? 102 MET A CE  1 
ATOM   728 N  N   . ILE A 1 92 ? -3.737  1.552   -4.859  1.00 40.37  ? 103 ILE A N   1 
ATOM   729 C  CA  . ILE A 1 92 ? -2.675  0.674   -5.397  1.00 39.62  ? 103 ILE A CA  1 
ATOM   730 C  C   . ILE A 1 92 ? -2.849  0.465   -6.936  1.00 44.49  ? 103 ILE A C   1 
ATOM   731 O  O   . ILE A 1 92 ? -1.867  0.524   -7.635  1.00 45.85  ? 103 ILE A O   1 
ATOM   732 C  CB  . ILE A 1 92 ? -2.587  -0.643  -4.568  1.00 41.71  ? 103 ILE A CB  1 
ATOM   733 C  CG1 . ILE A 1 92 ? -2.240  -0.322  -3.072  1.00 40.26  ? 103 ILE A CG1 1 
ATOM   734 C  CG2 . ILE A 1 92 ? -1.536  -1.582  -5.183  1.00 45.00  ? 103 ILE A CG2 1 
ATOM   735 C  CD1 . ILE A 1 92 ? -2.354  -1.491  -2.147  1.00 43.04  ? 103 ILE A CD1 1 
ATOM   736 N  N   . TYR A 1 93 ? -4.065  0.250   -7.468  1.00 43.12  ? 104 TYR A N   1 
ATOM   737 C  CA  . TYR A 1 93 ? -4.289  0.105   -8.916  1.00 42.61  ? 104 TYR A CA  1 
ATOM   738 C  C   . TYR A 1 93 ? -3.836  1.284   -9.726  1.00 49.96  ? 104 TYR A C   1 
ATOM   739 O  O   . TYR A 1 93 ? -3.292  1.101   -10.831 1.00 51.11  ? 104 TYR A O   1 
ATOM   740 C  CB  . TYR A 1 93 ? -5.764  -0.211  -9.227  1.00 44.81  ? 104 TYR A CB  1 
ATOM   741 C  CG  . TYR A 1 93 ? -6.163  -1.630  -8.871  1.00 45.73  ? 104 TYR A CG  1 
ATOM   742 C  CD1 . TYR A 1 93 ? -5.397  -2.713  -9.285  1.00 49.25  ? 104 TYR A CD1 1 
ATOM   743 C  CD2 . TYR A 1 93 ? -7.286  -1.887  -8.097  1.00 45.89  ? 104 TYR A CD2 1 
ATOM   744 C  CE1 . TYR A 1 93 ? -5.742  -4.017  -8.945  1.00 52.95  ? 104 TYR A CE1 1 
ATOM   745 C  CE2 . TYR A 1 93 ? -7.646  -3.188  -7.756  1.00 46.70  ? 104 TYR A CE2 1 
ATOM   746 C  CZ  . TYR A 1 93 ? -6.878  -4.252  -8.200  1.00 53.65  ? 104 TYR A CZ  1 
ATOM   747 O  OH  . TYR A 1 93 ? -7.191  -5.544  -7.890  1.00 54.50  ? 104 TYR A OH  1 
ATOM   748 N  N   . ARG A 1 94 ? -4.044  2.493   -9.196  1.00 45.72  ? 105 ARG A N   1 
ATOM   749 C  CA  . ARG A 1 94 ? -3.424  3.717   -9.721  1.00 46.37  ? 105 ARG A CA  1 
ATOM   750 C  C   . ARG A 1 94 ? -1.898  3.655   -9.863  1.00 45.22  ? 105 ARG A C   1 
ATOM   751 O  O   . ARG A 1 94 ? -1.362  4.408   -10.660 1.00 42.01  ? 105 ARG A O   1 
ATOM   752 C  CB  . ARG A 1 94 ? -3.799  4.965   -8.856  1.00 49.68  ? 105 ARG A CB  1 
ATOM   753 C  CG  . ARG A 1 94 ? -5.255  5.433   -9.018  1.00 65.44  ? 105 ARG A CG  1 
ATOM   754 C  CD  . ARG A 1 94 ? -5.710  6.358   -7.897  1.00 78.80  ? 105 ARG A CD  1 
ATOM   755 N  NE  . ARG A 1 94 ? -7.121  6.739   -8.068  1.00 80.93  ? 105 ARG A NE  1 
ATOM   756 C  CZ  . ARG A 1 94 ? -8.027  6.915   -7.097  1.00 93.07  ? 105 ARG A CZ  1 
ATOM   757 N  NH1 . ARG A 1 94 ? -7.695  6.734   -5.811  1.00 53.46  ? 105 ARG A NH1 1 
ATOM   758 N  NH2 . ARG A 1 94 ? -9.275  7.261   -7.403  1.00 88.86  ? 105 ARG A NH2 1 
ATOM   759 N  N   . ASN A 1 95 ? -1.213  2.794   -9.094  1.00 42.08  ? 106 ASN A N   1 
ATOM   760 C  CA  . ASN A 1 95 ? 0.242   2.662   -9.161  1.00 42.85  ? 106 ASN A CA  1 
ATOM   761 C  C   . ASN A 1 95 ? 0.741   1.344   -9.775  1.00 49.10  ? 106 ASN A C   1 
ATOM   762 O  O   . ASN A 1 95 ? 1.908   1.010   -9.580  1.00 50.55  ? 106 ASN A O   1 
ATOM   763 C  CB  . ASN A 1 95 ? 0.824   2.842   -7.763  1.00 46.73  ? 106 ASN A CB  1 
ATOM   764 C  CG  . ASN A 1 95 ? 0.573   4.236   -7.219  1.00 49.04  ? 106 ASN A CG  1 
ATOM   765 O  OD1 . ASN A 1 95 ? 1.278   5.154   -7.548  1.00 42.44  ? 106 ASN A OD1 1 
ATOM   766 N  ND2 . ASN A 1 95 ? -0.425  4.426   -6.385  1.00 48.95  ? 106 ASN A ND2 1 
ATOM   767 N  N   . LEU A 1 96 ? -0.102  0.589   -10.512 1.00 45.15  ? 107 LEU A N   1 
ATOM   768 C  CA  . LEU A 1 96 ? 0.380   -0.588  -11.236 1.00 43.84  ? 107 LEU A CA  1 
ATOM   769 C  C   . LEU A 1 96 ? 0.324   -0.281  -12.718 1.00 48.86  ? 107 LEU A C   1 
ATOM   770 O  O   . LEU A 1 96 ? -0.484  0.544   -13.163 1.00 47.39  ? 107 LEU A O   1 
ATOM   771 C  CB  . LEU A 1 96 ? -0.425  -1.843  -10.860 1.00 43.32  ? 107 LEU A CB  1 
ATOM   772 C  CG  . LEU A 1 96 ? -0.692  -2.009  -9.360  1.00 46.30  ? 107 LEU A CG  1 
ATOM   773 C  CD1 . LEU A 1 96 ? -1.697  -3.101  -9.064  1.00 46.09  ? 107 LEU A CD1 1 
ATOM   774 C  CD2 . LEU A 1 96 ? 0.585   -2.145  -8.579  1.00 45.32  ? 107 LEU A CD2 1 
ATOM   775 N  N   . VAL A 1 97 ? 1.202   -0.935  -13.493 1.00 46.83  ? 108 VAL A N   1 
ATOM   776 C  CA  . VAL A 1 97 ? 1.244   -0.770  -14.944 1.00 56.61  ? 108 VAL A CA  1 
ATOM   777 C  C   . VAL A 1 97 ? -0.119  -1.149  -15.495 1.00 48.93  ? 108 VAL A C   1 
ATOM   778 O  O   . VAL A 1 97 ? -0.734  -2.044  -14.898 1.00 55.53  ? 108 VAL A O   1 
ATOM   779 C  CB  . VAL A 1 97 ? 2.378   -1.609  -15.577 1.00 60.54  ? 108 VAL A CB  1 
ATOM   780 C  CG1 . VAL A 1 97 ? 2.288   -1.567  -17.097 1.00 60.71  ? 108 VAL A CG1 1 
ATOM   781 C  CG2 . VAL A 1 97 ? 3.760   -1.137  -15.107 1.00 60.90  ? 108 VAL A CG2 1 
HETATM 782 S  S   . SO4 B 2 .  ? -16.974 -3.206  -4.607  0.50 62.05  ? 201 SO4 A S   1 
HETATM 783 O  O1  . SO4 B 2 .  ? -17.255 -2.074  -3.729  0.50 63.04  ? 201 SO4 A O1  1 
HETATM 784 O  O2  . SO4 B 2 .  ? -16.776 -2.770  -5.989  0.50 60.78  ? 201 SO4 A O2  1 
HETATM 785 O  O3  . SO4 B 2 .  ? -15.763 -3.896  -4.130  0.50 61.09  ? 201 SO4 A O3  1 
HETATM 786 O  O4  . SO4 B 2 .  ? -18.141 -4.083  -4.570  0.50 64.27  ? 201 SO4 A O4  1 
HETATM 787 C  C1  . TV5 C 3 .  ? -2.394  2.397   11.014  1.00 49.03  ? 202 TV5 A C1  1 
HETATM 788 C  C2  . TV5 C 3 .  ? -2.336  0.976   11.564  1.00 45.30  ? 202 TV5 A C2  1 
HETATM 789 C  C3  . TV5 C 3 .  ? -1.317  0.897   12.696  1.00 44.66  ? 202 TV5 A C3  1 
HETATM 790 C  C5  . TV5 C 3 .  ? -2.084  -0.059  10.469  1.00 43.71  ? 202 TV5 A C5  1 
HETATM 791 C  C6  . TV5 C 3 .  ? -3.032  -1.041  10.181  1.00 41.96  ? 202 TV5 A C6  1 
HETATM 792 C  C7  . TV5 C 3 .  ? -2.789  -1.962  9.164   1.00 43.38  ? 202 TV5 A C7  1 
HETATM 793 C  C8  . TV5 C 3 .  ? -3.632  -3.065  8.653   1.00 46.33  ? 202 TV5 A C8  1 
HETATM 794 O  O9  . TV5 C 3 .  ? -4.732  -3.402  9.020   1.00 49.34  ? 202 TV5 A O9  1 
HETATM 795 C  C11 . TV5 C 3 .  ? -3.443  -4.767  6.851   1.00 45.85  ? 202 TV5 A C11 1 
HETATM 796 C  C12 . TV5 C 3 .  ? -4.249  -4.380  5.633   1.00 44.37  ? 202 TV5 A C12 1 
HETATM 797 C  C13 . TV5 C 3 .  ? -5.246  -3.412  5.698   1.00 41.00  ? 202 TV5 A C13 1 
HETATM 798 C  C14 . TV5 C 3 .  ? -5.959  -3.111  4.554   1.00 40.23  ? 202 TV5 A C14 1 
HETATM 799 C  C15 . TV5 C 3 .  ? -5.652  -3.764  3.391   1.00 43.31  ? 202 TV5 A C15 1 
HETATM 800 N  N18 . TV5 C 3 .  ? -3.939  -5.023  4.497   1.00 42.97  ? 202 TV5 A N18 1 
HETATM 801 C  C19 . TV5 C 3 .  ? -1.655  -3.003  7.374   1.00 47.45  ? 202 TV5 A C19 1 
HETATM 802 C  C21 . TV5 C 3 .  ? -0.538  -4.809  8.591   1.00 59.45  ? 202 TV5 A C21 1 
HETATM 803 C  C22 . TV5 C 3 .  ? 0.853   -5.358  8.542   1.00 64.71  ? 202 TV5 A C22 1 
HETATM 804 C  C24 . TV5 C 3 .  ? 2.024   -4.494  8.854   1.00 69.37  ? 202 TV5 A C24 1 
HETATM 805 C  C25 . TV5 C 3 .  ? 1.594   -5.577  9.815   1.00 67.97  ? 202 TV5 A C25 1 
HETATM 806 C  C26 . TV5 C 3 .  ? -1.613  -1.930  8.440   1.00 44.26  ? 202 TV5 A C26 1 
HETATM 807 C  C27 . TV5 C 3 .  ? -0.646  -0.922  8.716   1.00 38.89  ? 202 TV5 A C27 1 
HETATM 808 C  C31 . TV5 C 3 .  ? -2.396  -1.080  5.863   1.00 38.29  ? 202 TV5 A C31 1 
HETATM 809 C  C35 . TV5 C 3 .  ? -1.015  -2.101  3.699   1.00 45.22  ? 202 TV5 A C35 1 
HETATM 810 C  C36 . TV5 C 3 .  ? -1.003  -2.772  4.912   1.00 42.15  ? 202 TV5 A C36 1 
HETATM 811 O  O4  . TV5 C 3 .  ? -3.652  0.727   12.079  1.00 48.20  ? 202 TV5 A O4  1 
HETATM 812 N  N10 . TV5 C 3 .  ? -2.924  -3.653  7.650   1.00 49.51  ? 202 TV5 A N10 1 
HETATM 813 CL CL1 . TV5 C 3 .  ? -6.539  -3.389  1.936   1.00 49.95  ? 202 TV5 A CL1 1 
HETATM 814 C  C17 . TV5 C 3 .  ? -4.638  -4.724  3.389   1.00 42.67  ? 202 TV5 A C17 1 
HETATM 815 O  O20 . TV5 C 3 .  ? -0.567  -3.905  7.474   1.00 53.56  ? 202 TV5 A O20 1 
HETATM 816 O  O23 . TV5 C 3 .  ? 1.025   -6.348  7.510   1.00 64.72  ? 202 TV5 A O23 1 
HETATM 817 F  F28 . TV5 C 3 .  ? 0.504   -0.809  8.028   1.00 45.17  ? 202 TV5 A F28 1 
HETATM 818 C  C29 . TV5 C 3 .  ? -0.910  -0.027  9.719   1.00 40.10  ? 202 TV5 A C29 1 
HETATM 819 C  C30 . TV5 C 3 .  ? -1.685  -2.272  6.019   1.00 39.71  ? 202 TV5 A C30 1 
HETATM 820 C  C32 . TV5 C 3 .  ? -2.407  -0.402  4.657   1.00 39.34  ? 202 TV5 A C32 1 
HETATM 821 C  C33 . TV5 C 3 .  ? -1.724  -0.923  3.588   1.00 41.64  ? 202 TV5 A C33 1 
HETATM 822 CL CL2 . TV5 C 3 .  ? -1.734  -0.063  2.064   1.00 44.82  ? 202 TV5 A CL2 1 
HETATM 823 H  H38 . TV5 C 3 .  ? -3.070  2.468   10.163  1.00 49.04  ? 202 TV5 A H38 1 
HETATM 824 H  H37 . TV5 C 3 .  ? -1.421  2.754   10.678  1.00 49.05  ? 202 TV5 A H37 1 
HETATM 825 H  H39 . TV5 C 3 .  ? -2.740  3.117   11.754  1.00 49.02  ? 202 TV5 A H39 1 
HETATM 826 H  H42 . TV5 C 3 .  ? -0.298  1.007   12.328  1.00 44.66  ? 202 TV5 A H42 1 
HETATM 827 H  H41 . TV5 C 3 .  ? -1.364  -0.059  13.216  1.00 44.67  ? 202 TV5 A H41 1 
HETATM 828 H  H40 . TV5 C 3 .  ? -1.449  1.679   13.442  1.00 44.64  ? 202 TV5 A H40 1 
HETATM 829 H  H44 . TV5 C 3 .  ? -3.977  -1.135  10.712  1.00 41.96  ? 202 TV5 A H44 1 
HETATM 830 H  H45 . TV5 C 3 .  ? -2.604  -5.393  6.549   1.00 45.83  ? 202 TV5 A H45 1 
HETATM 831 H  H46 . TV5 C 3 .  ? -4.073  -5.398  7.475   1.00 45.86  ? 202 TV5 A H46 1 
HETATM 832 H  H47 . TV5 C 3 .  ? -5.498  -2.892  6.619   1.00 41.02  ? 202 TV5 A H47 1 
HETATM 833 H  H48 . TV5 C 3 .  ? -6.743  -2.356  4.581   1.00 40.24  ? 202 TV5 A H48 1 
HETATM 834 H  H51 . TV5 C 3 .  ? -1.256  -5.622  8.488   1.00 59.45  ? 202 TV5 A H51 1 
HETATM 835 H  H50 . TV5 C 3 .  ? -0.726  -4.342  9.557   1.00 59.44  ? 202 TV5 A H50 1 
HETATM 836 H  H54 . TV5 C 3 .  ? 1.857   -3.440  9.066   1.00 69.38  ? 202 TV5 A H54 1 
HETATM 837 H  H53 . TV5 C 3 .  ? 2.965   -4.597  8.313   1.00 69.38  ? 202 TV5 A H53 1 
HETATM 838 H  H55 . TV5 C 3 .  ? 1.126   -5.324  10.765  1.00 67.97  ? 202 TV5 A H55 1 
HETATM 839 H  H56 . TV5 C 3 .  ? 2.207   -6.467  9.952   1.00 67.97  ? 202 TV5 A H56 1 
HETATM 840 H  H58 . TV5 C 3 .  ? -2.954  -0.622  6.677   1.00 38.27  ? 202 TV5 A H58 1 
HETATM 841 H  H60 . TV5 C 3 .  ? -0.479  -2.486  2.834   1.00 45.22  ? 202 TV5 A H60 1 
HETATM 842 H  H61 . TV5 C 3 .  ? -0.431  -3.697  4.970   1.00 42.15  ? 202 TV5 A H61 1 
HETATM 843 H  H43 . TV5 C 3 .  ? -3.770  1.313   12.873  1.00 48.21  ? 202 TV5 A H43 1 
HETATM 844 H  H49 . TV5 C 3 .  ? -4.355  -5.275  2.494   1.00 42.65  ? 202 TV5 A H49 1 
HETATM 845 H  H52 . TV5 C 3 .  ? 1.766   -6.026  6.933   1.00 64.72  ? 202 TV5 A H52 1 
HETATM 846 H  H57 . TV5 C 3 .  ? -0.166  0.737   9.937   1.00 40.10  ? 202 TV5 A H57 1 
HETATM 847 H  H59 . TV5 C 3 .  ? -2.961  0.528   4.552   1.00 39.35  ? 202 TV5 A H59 1 
HETATM 848 O  O   . HOH D 4 .  ? -6.755  12.633  11.561  1.00 51.36  ? 301 HOH A O   1 
HETATM 849 O  O   . HOH D 4 .  ? -15.323 -1.049  -7.333  1.00 50.67  ? 302 HOH A O   1 
HETATM 850 O  O   . HOH D 4 .  ? 0.158   13.016  -5.312  1.00 47.08  ? 303 HOH A O   1 
HETATM 851 O  O   . HOH D 4 .  ? 8.786   9.732   1.468   1.00 62.12  ? 304 HOH A O   1 
HETATM 852 O  O   . HOH D 4 .  ? 6.200   16.646  0.899   1.00 65.69  ? 305 HOH A O   1 
HETATM 853 O  O   . HOH D 4 .  ? 2.063   10.183  15.685  1.00 67.85  ? 306 HOH A O   1 
HETATM 854 O  O   . HOH D 4 .  ? -14.148 -1.733  1.057   1.00 42.36  ? 307 HOH A O   1 
HETATM 855 O  O   . HOH D 4 .  ? -8.298  9.284   2.385   1.00 46.85  ? 308 HOH A O   1 
HETATM 856 O  O   . HOH D 4 .  ? -9.873  -7.667  2.375   1.00 56.22  ? 309 HOH A O   1 
HETATM 857 O  O   . HOH D 4 .  ? 6.209   -12.434 -8.100  1.00 56.42  ? 310 HOH A O   1 
HETATM 858 O  O   . HOH D 4 .  ? -0.742  12.695  7.467   1.00 37.38  ? 311 HOH A O   1 
HETATM 859 O  O   . HOH D 4 .  ? -2.720  5.361   13.173  1.00 33.38  ? 312 HOH A O   1 
HETATM 860 O  O   . HOH D 4 .  ? 6.546   14.203  -0.612  1.00 56.45  ? 313 HOH A O   1 
HETATM 861 O  O   . HOH D 4 .  ? 14.860  -3.884  -2.726  1.00 67.28  ? 314 HOH A O   1 
HETATM 862 O  O   . HOH D 4 .  ? 16.780  -5.521  -1.044  1.00 65.30  ? 315 HOH A O   1 
HETATM 863 O  O   . HOH D 4 .  ? -5.546  -7.718  -8.243  1.00 57.11  ? 316 HOH A O   1 
HETATM 864 O  O   . HOH D 4 .  ? -7.068  8.899   -4.204  1.00 41.38  ? 317 HOH A O   1 
HETATM 865 O  O   . HOH D 4 .  ? 2.420   9.292   11.862  1.00 47.28  ? 318 HOH A O   1 
HETATM 866 O  O   . HOH D 4 .  ? -3.694  14.470  -1.407  1.00 56.81  ? 319 HOH A O   1 
HETATM 867 O  O   . HOH D 4 .  ? -10.341 -1.100  -6.744  1.00 37.18  ? 320 HOH A O   1 
HETATM 868 O  O   . HOH D 4 .  ? -9.118  3.484   16.243  1.00 39.63  ? 321 HOH A O   1 
HETATM 869 O  O   . HOH D 4 .  ? -6.768  13.998  -1.966  1.00 55.01  ? 322 HOH A O   1 
HETATM 870 O  O   . HOH D 4 .  ? -12.817 2.470   -4.888  1.00 40.73  ? 323 HOH A O   1 
HETATM 871 O  O   . HOH D 4 .  ? 0.497   13.343  17.211  1.00 37.59  ? 324 HOH A O   1 
HETATM 872 O  O   . HOH D 4 .  ? -6.729  -12.591 3.698   1.00 66.72  ? 325 HOH A O   1 
HETATM 873 O  O   . HOH D 4 .  ? 10.701  -9.993  -3.128  1.00 57.80  ? 326 HOH A O   1 
HETATM 874 O  O   . HOH D 4 .  ? 1.768   7.035   -13.565 1.00 49.68  ? 327 HOH A O   1 
HETATM 875 O  O   . HOH D 4 .  ? 7.731   -0.224  -13.448 1.00 54.11  ? 328 HOH A O   1 
HETATM 876 O  O   . HOH D 4 .  ? -0.128  7.022   -11.202 1.00 50.83  ? 329 HOH A O   1 
HETATM 877 O  O   . HOH D 4 .  ? 1.393   7.580   18.205  1.00 38.11  ? 330 HOH A O   1 
HETATM 878 O  O   . HOH D 4 .  ? 2.390   13.721  0.462   1.00 42.52  ? 331 HOH A O   1 
HETATM 879 O  O   . HOH D 4 .  ? -2.234  -11.313 -13.364 1.00 45.78  ? 332 HOH A O   1 
HETATM 880 O  O   . HOH D 4 .  ? -9.479  5.246   -3.621  1.00 47.23  ? 333 HOH A O   1 
HETATM 881 O  O   . HOH D 4 .  ? 9.972   -7.976  6.477   1.00 55.01  ? 334 HOH A O   1 
HETATM 882 O  O   . HOH D 4 .  ? -8.972  -3.522  8.349   1.00 62.40  ? 335 HOH A O   1 
HETATM 883 O  O   . HOH D 4 .  ? 6.341   -12.228 -13.590 1.00 64.62  ? 336 HOH A O   1 
HETATM 884 O  O   . HOH D 4 .  ? 11.579  4.780   -0.075  1.00 52.77  ? 337 HOH A O   1 
HETATM 885 O  O   . HOH D 4 .  ? 3.252   10.633  9.784   1.00 58.74  ? 338 HOH A O   1 
HETATM 886 O  O   . HOH D 4 .  ? 3.728   8.004   15.677  1.00 56.98  ? 339 HOH A O   1 
HETATM 887 O  O   . HOH D 4 .  ? 15.730  2.019   2.554   1.00 61.44  ? 340 HOH A O   1 
HETATM 888 O  O   . HOH D 4 .  ? -12.384 -15.237 -4.865  1.00 42.94  ? 341 HOH A O   1 
HETATM 889 O  O   . HOH D 4 .  ? -13.533 0.832   0.667   1.00 42.54  ? 342 HOH A O   1 
HETATM 890 O  O   . HOH D 4 .  ? -10.183 6.006   3.445   1.00 43.03  ? 343 HOH A O   1 
HETATM 891 O  O   . HOH D 4 .  ? 14.351  7.952   -0.203  1.00 58.23  ? 344 HOH A O   1 
HETATM 892 O  O   . HOH D 4 .  ? 10.094  -10.838 -10.907 1.00 70.57  ? 345 HOH A O   1 
HETATM 893 O  O   . HOH D 4 .  ? -7.435  12.741  18.223  1.00 61.05  ? 346 HOH A O   1 
HETATM 894 O  O   . HOH D 4 .  ? -1.221  9.992   -7.650  1.00 48.76  ? 347 HOH A O   1 
HETATM 895 O  O   . HOH D 4 .  ? 9.577   11.499  4.379   1.00 61.03  ? 348 HOH A O   1 
HETATM 896 O  O   . HOH D 4 .  ? 13.077  0.841   -8.238  1.00 50.22  ? 349 HOH A O   1 
HETATM 897 O  O   . HOH D 4 .  ? -7.900  12.847  3.587   1.00 65.47  ? 350 HOH A O   1 
HETATM 898 O  O   . HOH D 4 .  ? -10.280 8.358   4.716   1.00 68.33  ? 351 HOH A O   1 
HETATM 899 O  O   . HOH D 4 .  ? -16.104 -10.007 -1.102  1.00 50.18  ? 352 HOH A O   1 
HETATM 900 O  O   . HOH D 4 .  ? 11.394  9.156   -1.262  1.00 53.44  ? 353 HOH A O   1 
HETATM 901 O  O   . HOH D 4 .  ? -7.075  11.197  -6.137  1.00 58.52  ? 354 HOH A O   1 
HETATM 902 O  O   . HOH D 4 .  ? -4.460  -7.226  -10.703 0.50 38.26  ? 355 HOH A O   1 
HETATM 903 O  O   . HOH D 4 .  ? -16.766 -8.184  -3.682  1.00 50.87  ? 356 HOH A O   1 
HETATM 904 O  O   . HOH D 4 .  ? -15.372 1.940   -0.981  1.00 52.35  ? 357 HOH A O   1 
HETATM 905 O  O   . HOH D 4 .  ? 15.826  1.749   5.992   1.00 54.94  ? 358 HOH A O   1 
# 
loop_
_atom_site_anisotrop.id 
_atom_site_anisotrop.type_symbol 
_atom_site_anisotrop.pdbx_label_atom_id 
_atom_site_anisotrop.pdbx_label_alt_id 
_atom_site_anisotrop.pdbx_label_comp_id 
_atom_site_anisotrop.pdbx_label_asym_id 
_atom_site_anisotrop.pdbx_label_seq_id 
_atom_site_anisotrop.pdbx_PDB_ins_code 
_atom_site_anisotrop.U[1][1] 
_atom_site_anisotrop.U[2][2] 
_atom_site_anisotrop.U[3][3] 
_atom_site_anisotrop.U[1][2] 
_atom_site_anisotrop.U[1][3] 
_atom_site_anisotrop.U[2][3] 
_atom_site_anisotrop.pdbx_auth_seq_id 
_atom_site_anisotrop.pdbx_auth_comp_id 
_atom_site_anisotrop.pdbx_auth_asym_id 
_atom_site_anisotrop.pdbx_auth_atom_id 
1   N N   . SER A 6  ? 0.9485 0.8667 0.9550 -0.4027 -0.1038 0.2300  17  SER A N   
2   C CA  . SER A 6  ? 0.9373 0.9018 0.9449 -0.4104 -0.0836 0.2287  17  SER A CA  
3   C C   . SER A 6  ? 0.9172 0.9461 0.9681 -0.3896 -0.0789 0.2060  17  SER A C   
4   O O   . SER A 6  ? 0.9098 0.9942 0.9912 -0.4050 -0.0680 0.1927  17  SER A O   
5   C CB  . SER A 6  ? 1.0139 0.9487 0.9848 -0.3952 -0.0841 0.2402  17  SER A CB  
6   O OG  . SER A 6  ? 1.1769 1.0679 1.1007 -0.4208 -0.0818 0.2599  17  SER A OG  
7   N N   . GLN A 7  ? 0.8051 0.8245 0.8568 -0.3547 -0.0872 0.1995  18  GLN A N   
8   C CA  . GLN A 7  ? 0.7441 0.7986 0.8241 -0.3299 -0.0902 0.1790  18  GLN A CA  
9   C C   . GLN A 7  ? 0.7125 0.7305 0.7934 -0.3135 -0.1072 0.1735  18  GLN A C   
10  O O   . GLN A 7  ? 0.6988 0.7390 0.7997 -0.3014 -0.1137 0.1570  18  GLN A O   
11  C CB  . GLN A 7  ? 0.7495 0.8149 0.8220 -0.3052 -0.0840 0.1746  18  GLN A CB  
12  C CG  . GLN A 7  ? 0.6684 0.7827 0.7461 -0.3162 -0.0672 0.1731  18  GLN A CG  
13  C CD  . GLN A 7  ? 0.7944 0.9155 0.8640 -0.2905 -0.0633 0.1681  18  GLN A CD  
14  O OE1 . GLN A 7  ? 0.6638 0.7867 0.7411 -0.2643 -0.0693 0.1541  18  GLN A OE1 
15  N NE2 . GLN A 7  ? 0.6302 0.7499 0.6792 -0.2976 -0.0536 0.1787  18  GLN A NE2 
16  N N   . ILE A 8  ? 0.6359 0.5981 0.6933 -0.3115 -0.1156 0.1850  19  ILE A N   
17  C CA  . ILE A 8  ? 0.6133 0.5355 0.6655 -0.2959 -0.1289 0.1796  19  ILE A CA  
18  C C   . ILE A 8  ? 0.7012 0.5900 0.7468 -0.3167 -0.1391 0.1903  19  ILE A C   
19  O O   . ILE A 8  ? 0.6874 0.5568 0.7148 -0.3322 -0.1377 0.2050  19  ILE A O   
20  C CB  . ILE A 8  ? 0.6439 0.5344 0.6774 -0.2751 -0.1277 0.1788  19  ILE A CB  
21  C CG1 . ILE A 8  ? 0.6274 0.5461 0.6625 -0.2576 -0.1161 0.1698  19  ILE A CG1 
22  C CG2 . ILE A 8  ? 0.6194 0.4675 0.6449 -0.2628 -0.1373 0.1715  19  ILE A CG2 
23  C CD1 . ILE A 8  ? 0.5873 0.5270 0.6315 -0.2445 -0.1171 0.1556  19  ILE A CD1 
24  N N   . PRO A 9  ? 0.6843 0.5606 0.7393 -0.3169 -0.1510 0.1832  20  PRO A N   
25  C CA  . PRO A 9  ? 0.6757 0.5147 0.7223 -0.3359 -0.1621 0.1928  20  PRO A CA  
26  C C   . PRO A 9  ? 0.7339 0.5190 0.7551 -0.3246 -0.1710 0.1993  20  PRO A C   
27  O O   . PRO A 9  ? 0.6779 0.4544 0.6953 -0.3009 -0.1697 0.1905  20  PRO A O   
28  C CB  . PRO A 9  ? 0.6823 0.5248 0.7467 -0.3324 -0.1736 0.1793  20  PRO A CB  
29  C CG  . PRO A 9  ? 0.7125 0.5996 0.7945 -0.3152 -0.1687 0.1634  20  PRO A CG  
30  C CD  . PRO A 9  ? 0.6807 0.5704 0.7490 -0.2988 -0.1571 0.1658  20  PRO A CD  
31  N N   . ALA A 10 ? 0.7320 0.4801 0.7351 -0.3429 -0.1800 0.2127  21  ALA A N   
32  C CA  . ALA A 10 ? 0.7530 0.4477 0.7316 -0.3331 -0.1939 0.2171  21  ALA A CA  
33  C C   . ALA A 10 ? 0.7822 0.4536 0.7680 -0.3140 -0.2056 0.2028  21  ALA A C   
34  O O   . ALA A 10 ? 0.7775 0.4266 0.7561 -0.2950 -0.2112 0.1951  21  ALA A O   
35  C CB  . ALA A 10 ? 0.7865 0.4394 0.7381 -0.3590 -0.2041 0.2341  21  ALA A CB  
36  N N   . SER A 11 ? 0.7654 0.4438 0.7655 -0.3193 -0.2094 0.1966  22  SER A N   
37  C CA  . SER A 11 ? 0.7791 0.4355 0.7816 -0.3025 -0.2186 0.1822  22  SER A CA  
38  C C   . SER A 11 ? 0.8427 0.5130 0.8469 -0.2786 -0.2064 0.1676  22  SER A C   
39  O O   . SER A 11 ? 0.8414 0.4866 0.8391 -0.2639 -0.2087 0.1552  22  SER A O   
40  C CB  . SER A 11 ? 0.8023 0.4675 0.8181 -0.3125 -0.2253 0.1777  22  SER A CB  
41  O OG  . SER A 11 ? 0.8249 0.5367 0.8569 -0.3097 -0.2145 0.1712  22  SER A OG  
42  N N   . GLU A 12 ? 0.7911 0.4999 0.8022 -0.2765 -0.1921 0.1675  23  GLU A N   
43  C CA  . GLU A 12 ? 0.7712 0.4880 0.7770 -0.2571 -0.1789 0.1558  23  GLU A CA  
44  C C   . GLU A 12 ? 0.8214 0.5309 0.8226 -0.2499 -0.1720 0.1547  23  GLU A C   
45  O O   . GLU A 12 ? 0.8067 0.5021 0.8023 -0.2366 -0.1651 0.1405  23  GLU A O   
46  C CB  . GLU A 12 ? 0.7592 0.5165 0.7728 -0.2555 -0.1700 0.1550  23  GLU A CB  
47  C CG  . GLU A 12 ? 0.7701 0.5269 0.7703 -0.2364 -0.1572 0.1440  23  GLU A CG  
48  C CD  . GLU A 12 ? 0.7170 0.5066 0.7205 -0.2292 -0.1532 0.1398  23  GLU A CD  
49  O OE1 . GLU A 12 ? 0.6186 0.4415 0.6417 -0.2384 -0.1594 0.1418  23  GLU A OE1 
50  O OE2 . GLU A 12 ? 0.6239 0.4051 0.6100 -0.2143 -0.1435 0.1317  23  GLU A OE2 
51  N N   . GLN A 13 ? 0.7762 0.4933 0.7774 -0.2595 -0.1743 0.1678  24  GLN A N   
52  C CA  . GLN A 13 ? 0.7752 0.4853 0.7716 -0.2506 -0.1734 0.1653  24  GLN A CA  
53  C C   . GLN A 13 ? 0.8822 0.5567 0.8768 -0.2406 -0.1864 0.1532  24  GLN A C   
54  O O   . GLN A 13 ? 0.8710 0.5468 0.8710 -0.2264 -0.1817 0.1375  24  GLN A O   
55  C CB  . GLN A 13 ? 0.7836 0.4981 0.7697 -0.2631 -0.1768 0.1828  24  GLN A CB  
56  C CG  . GLN A 13 ? 0.8669 0.6241 0.8579 -0.2712 -0.1612 0.1902  24  GLN A CG  
57  C CD  . GLN A 13 ? 0.8944 0.6535 0.8686 -0.2861 -0.1608 0.2068  24  GLN A CD  
58  O OE1 . GLN A 13 ? 0.8697 0.6190 0.8304 -0.2771 -0.1630 0.2077  24  GLN A OE1 
59  N NE2 . GLN A 13 ? 0.8424 0.6134 0.8152 -0.3102 -0.1572 0.2184  24  GLN A NE2 
60  N N   A GLU A 14 ? 0.8689 0.5145 0.8584 -0.2482 -0.2029 0.1579  25  GLU A N   
61  N N   B GLU A 14 ? 0.8763 0.5213 0.8661 -0.2473 -0.2029 0.1569  25  GLU A N   
62  C CA  A GLU A 14 ? 0.8801 0.4903 0.8683 -0.2385 -0.2192 0.1451  25  GLU A CA  
63  C CA  B GLU A 14 ? 0.8899 0.5020 0.8792 -0.2355 -0.2181 0.1425  25  GLU A CA  
64  C C   A GLU A 14 ? 0.9330 0.5436 0.9308 -0.2256 -0.2092 0.1213  25  GLU A C   
65  C C   B GLU A 14 ? 0.9472 0.5533 0.9437 -0.2275 -0.2121 0.1231  25  GLU A C   
66  O O   A GLU A 14 ? 0.9363 0.5321 0.9401 -0.2135 -0.2161 0.1025  25  GLU A O   
67  O O   B GLU A 14 ? 0.9664 0.5472 0.9645 -0.2198 -0.2249 0.1097  25  GLU A O   
68  C CB  A GLU A 14 ? 0.9090 0.4882 0.8874 -0.2525 -0.2378 0.1570  25  GLU A CB  
69  C CB  B GLU A 14 ? 0.9250 0.4985 0.8980 -0.2454 -0.2423 0.1564  25  GLU A CB  
70  C CG  A GLU A 14 ? 1.0400 0.5953 0.9974 -0.2669 -0.2519 0.1775  25  GLU A CG  
71  C CG  B GLU A 14 ? 1.0131 0.5739 0.9667 -0.2472 -0.2514 0.1693  25  GLU A CG  
72  C CD  A GLU A 14 ? 1.1341 0.6689 1.0827 -0.2905 -0.2611 0.1920  25  GLU A CD  
73  C CD  B GLU A 14 ? 1.1276 0.6729 1.0815 -0.2233 -0.2652 0.1509  25  GLU A CD  
74  O OE1 A GLU A 14 ? 0.9643 0.4891 0.9218 -0.2891 -0.2677 0.1831  25  GLU A OE1 
75  O OE1 B GLU A 14 ? 1.0754 0.5922 1.0317 -0.2113 -0.2836 0.1358  25  GLU A OE1 
76  O OE2 A GLU A 14 ? 0.9548 0.4827 0.8856 -0.3121 -0.2606 0.2111  25  GLU A OE2 
77  O OE2 B GLU A 14 ? 0.9439 0.5082 0.8980 -0.2152 -0.2591 0.1487  25  GLU A OE2 
78  N N   . THR A 15 ? 0.8829 0.5079 0.8789 -0.2280 -0.1938 0.1201  26  THR A N   
79  C CA  . THR A 15 ? 0.8746 0.4866 0.8653 -0.2206 -0.1843 0.1013  26  THR A CA  
80  C C   . THR A 15 ? 0.9058 0.5232 0.9017 -0.2105 -0.1669 0.0783  26  THR A C   
81  O O   . THR A 15 ? 0.8647 0.5042 0.8649 -0.2089 -0.1540 0.0783  26  THR A O   
82  C CB  . THR A 15 ? 0.8999 0.5179 0.8775 -0.2232 -0.1756 0.1064  26  THR A CB  
83  O OG1 . THR A 15 ? 1.0182 0.6349 0.9986 -0.2332 -0.1925 0.1202  26  THR A OG1 
84  C CG2 . THR A 15 ? 0.8215 0.4150 0.7789 -0.2161 -0.1646 0.0885  26  THR A CG2 
85  N N   . LEU A 16 ? 0.8731 0.4724 0.8700 -0.2053 -0.1654 0.0567  27  LEU A N   
86  C CA  . LEU A 16 ? 0.8730 0.4790 0.8794 -0.1995 -0.1469 0.0277  27  LEU A CA  
87  C C   . LEU A 16 ? 0.8900 0.4914 0.8728 -0.2047 -0.1170 0.0202  27  LEU A C   
88  O O   . LEU A 16 ? 0.9065 0.4841 0.8618 -0.2075 -0.1151 0.0262  27  LEU A O   
89  C CB  . LEU A 16 ? 0.8870 0.4759 0.9024 -0.1937 -0.1563 0.0051  27  LEU A CB  
90  C CG  . LEU A 16 ? 0.9380 0.5430 0.9771 -0.1872 -0.1431 -0.0310 27  LEU A CG  
91  C CD1 . LEU A 16 ? 0.9406 0.5610 1.0072 -0.1749 -0.1658 -0.0362 27  LEU A CD1 
92  C CD2 . LEU A 16 ? 0.9674 0.5563 1.0067 -0.1853 -0.1406 -0.0567 27  LEU A CD2 
93  N N   . VAL A 17 ? 0.8218 0.4405 0.8111 -0.2054 -0.0954 0.0061  28  VAL A N   
94  C CA  . VAL A 17 ? 0.8151 0.4216 0.7740 -0.2120 -0.0670 0.0018  28  VAL A CA  
95  C C   . VAL A 17 ? 0.8025 0.4151 0.7708 -0.2176 -0.0395 -0.0312 28  VAL A C   
96  O O   . VAL A 17 ? 0.7581 0.4000 0.7662 -0.2128 -0.0445 -0.0487 28  VAL A O   
97  C CB  . VAL A 17 ? 0.8526 0.4759 0.8061 -0.2110 -0.0670 0.0229  28  VAL A CB  
98  C CG1 . VAL A 17 ? 0.8535 0.4721 0.7946 -0.2090 -0.0872 0.0494  28  VAL A CG1 
99  C CG2 . VAL A 17 ? 0.8270 0.4866 0.8160 -0.2067 -0.0741 0.0227  28  VAL A CG2 
100 N N   A ARG A 18 ? 0.7687 0.3515 0.6982 -0.2282 -0.0107 -0.0421 29  ARG A N   
101 N N   B ARG A 18 ? 0.7753 0.3580 0.7044 -0.2281 -0.0109 -0.0414 29  ARG A N   
102 C CA  A ARG A 18 ? 0.7596 0.3471 0.6947 -0.2403 0.0228  -0.0759 29  ARG A CA  
103 C CA  B ARG A 18 ? 0.7709 0.3562 0.7032 -0.2406 0.0230  -0.0748 29  ARG A CA  
104 C C   A ARG A 18 ? 0.7988 0.3841 0.7147 -0.2475 0.0438  -0.0720 29  ARG A C   
105 C C   B ARG A 18 ? 0.8026 0.3876 0.7179 -0.2473 0.0436  -0.0714 29  ARG A C   
106 O O   A ARG A 18 ? 0.8239 0.3654 0.6838 -0.2541 0.0585  -0.0624 29  ARG A O   
107 O O   B ARG A 18 ? 0.8259 0.3678 0.6856 -0.2538 0.0580  -0.0614 29  ARG A O   
108 C CB  A ARG A 18 ? 0.7764 0.3245 0.6750 -0.2523 0.0448  -0.0947 29  ARG A CB  
109 C CB  B ARG A 18 ? 0.8124 0.3532 0.7011 -0.2521 0.0443  -0.0895 29  ARG A CB  
110 C CG  A ARG A 18 ? 0.8795 0.4408 0.7953 -0.2684 0.0803  -0.1376 29  ARG A CG  
111 C CG  B ARG A 18 ? 1.0023 0.5396 0.8864 -0.2720 0.0862  -0.1270 29  ARG A CG  
112 C CD  A ARG A 18 ? 0.9505 0.4776 0.8346 -0.2800 0.0996  -0.1578 29  ARG A CD  
113 C CD  B ARG A 18 ? 1.0944 0.6757 1.0393 -0.2707 0.0862  -0.1636 29  ARG A CD  
114 N NE  A ARG A 18 ? 0.8786 0.4254 0.7998 -0.2664 0.0732  -0.1665 29  ARG A NE  
115 N NE  B ARG A 18 ? 1.1738 0.7612 1.1226 -0.2929 0.1293  -0.2056 29  ARG A NE  
116 C CZ  A ARG A 18 ? 1.0456 0.6335 1.0222 -0.2638 0.0741  -0.2036 29  ARG A CZ  
117 C CZ  B ARG A 18 ? 1.1762 0.7962 1.1554 -0.3029 0.1503  -0.2285 29  ARG A CZ  
118 N NH1 A ARG A 18 ? 0.6874 0.3093 0.6964 -0.2759 0.1024  -0.2394 29  ARG A NH1 
119 N NH1 B ARG A 18 ? 0.8924 0.5407 0.8987 -0.2899 0.1306  -0.2117 29  ARG A NH1 
120 N NH2 A ARG A 18 ? 0.9962 0.5919 0.9978 -0.2485 0.0452  -0.2079 29  ARG A NH2 
121 N NH2 B ARG A 18 ? 0.9858 0.6113 0.9688 -0.3274 0.1923  -0.2700 29  ARG A NH2 
122 N N   . PRO A 19 ? 0.7179 0.3451 0.6749 -0.2444 0.0435  -0.0800 30  PRO A N   
123 C CA  . PRO A 19 ? 0.7426 0.3666 0.6823 -0.2529 0.0662  -0.0817 30  PRO A CA  
124 C C   . PRO A 19 ? 0.8575 0.4403 0.7539 -0.2746 0.1063  -0.1033 30  PRO A C   
125 O O   . PRO A 19 ? 0.8806 0.4617 0.7854 -0.2868 0.1250  -0.1325 30  PRO A O   
126 C CB  . PRO A 19 ? 0.7295 0.4073 0.7284 -0.2476 0.0618  -0.1005 30  PRO A CB  
127 C CG  . PRO A 19 ? 0.7299 0.4311 0.7608 -0.2303 0.0258  -0.0880 30  PRO A CG  
128 C CD  . PRO A 19 ? 0.6915 0.3652 0.7066 -0.2319 0.0206  -0.0886 30  PRO A CD  
129 N N   . LYS A 20 ? 0.7992 0.3450 0.6445 -0.2801 0.1196  -0.0895 31  LYS A N   
130 C CA  . LYS A 20 ? 0.8028 0.3021 0.5987 -0.3034 0.1594  -0.1081 31  LYS A CA  
131 C C   . LYS A 20 ? 0.8663 0.4123 0.7157 -0.3174 0.1828  -0.1431 31  LYS A C   
132 O O   . LYS A 20 ? 0.7990 0.4022 0.7081 -0.3031 0.1627  -0.1439 31  LYS A O   
133 C CB  . LYS A 20 ? 0.8562 0.3005 0.5824 -0.3009 0.1607  -0.0839 31  LYS A CB  
134 C CG  . LYS A 20 ? 0.9912 0.3807 0.6559 -0.2887 0.1417  -0.0589 31  LYS A CG  
135 C CD  . LYS A 20 ? 1.0866 0.4236 0.6857 -0.2821 0.1394  -0.0412 31  LYS A CD  
136 C CE  . LYS A 20 ? 1.1381 0.4255 0.6800 -0.2639 0.1139  -0.0194 31  LYS A CE  
137 N NZ  . LYS A 20 ? 1.3536 0.5800 0.8234 -0.2560 0.1122  -0.0087 31  LYS A NZ  
138 N N   . PRO A 21 ? 0.8881 0.4084 0.7143 -0.3461 0.2254  -0.1739 32  PRO A N   
139 C CA  . PRO A 21 ? 0.8555 0.4270 0.7411 -0.3620 0.2497  -0.2160 32  PRO A CA  
140 C C   . PRO A 21 ? 0.8912 0.5076 0.8202 -0.3531 0.2402  -0.2172 32  PRO A C   
141 O O   . PRO A 21 ? 0.8469 0.5289 0.8507 -0.3481 0.2346  -0.2463 32  PRO A O   
142 C CB  . PRO A 21 ? 0.9169 0.4299 0.7410 -0.3995 0.3013  -0.2380 32  PRO A CB  
143 C CG  . PRO A 21 ? 1.0165 0.4685 0.7753 -0.4000 0.3002  -0.2211 32  PRO A CG  
144 C CD  . PRO A 21 ? 0.9809 0.4210 0.7214 -0.3674 0.2547  -0.1742 32  PRO A CD  
145 N N   . LEU A 22 ? 0.8595 0.4414 0.7428 -0.3494 0.2371  -0.1894 33  LEU A N   
146 C CA  . LEU A 22 ? 0.8303 0.4543 0.7526 -0.3394 0.2268  -0.1898 33  LEU A CA  
147 C C   . LEU A 22 ? 0.8267 0.5005 0.7944 -0.3074 0.1823  -0.1671 33  LEU A C   
148 O O   . LEU A 22 ? 0.7689 0.4936 0.7888 -0.2995 0.1740  -0.1814 33  LEU A O   
149 C CB  . LEU A 22 ? 0.8577 0.4310 0.7189 -0.3452 0.2380  -0.1719 33  LEU A CB  
150 C CG  . LEU A 22 ? 0.9217 0.4400 0.7319 -0.3792 0.2830  -0.1937 33  LEU A CG  
151 C CD1 . LEU A 22 ? 0.9805 0.4309 0.7135 -0.3773 0.2834  -0.1676 33  LEU A CD1 
152 C CD2 . LEU A 22 ? 0.8772 0.4453 0.7474 -0.3993 0.3089  -0.2376 33  LEU A CD2 
153 N N   . LEU A 23 ? 0.8031 0.4605 0.7486 -0.2899 0.1542  -0.1329 34  LEU A N   
154 C CA  . LEU A 23 ? 0.7774 0.4820 0.7688 -0.2651 0.1152  -0.1163 34  LEU A CA  
155 C C   . LEU A 23 ? 0.7992 0.5454 0.8490 -0.2622 0.1083  -0.1458 34  LEU A C   
156 O O   . LEU A 23 ? 0.7717 0.5607 0.8660 -0.2455 0.0839  -0.1480 34  LEU A O   
157 C CB  . LEU A 23 ? 0.7909 0.4727 0.7521 -0.2517 0.0892  -0.0791 34  LEU A CB  
158 C CG  . LEU A 23 ? 0.8163 0.5365 0.8154 -0.2324 0.0527  -0.0613 34  LEU A CG  
159 C CD1 . LEU A 23 ? 0.8046 0.5617 0.8283 -0.2215 0.0408  -0.0547 34  LEU A CD1 
160 C CD2 . LEU A 23 ? 0.8220 0.5199 0.7912 -0.2251 0.0336  -0.0293 34  LEU A CD2 
161 N N   . LEU A 24 ? 0.7477 0.4787 0.7941 -0.2770 0.1282  -0.1699 35  LEU A N   
162 C CA  . LEU A 24 ? 0.7327 0.5052 0.8370 -0.2723 0.1212  -0.2042 35  LEU A CA  
163 C C   . LEU A 24 ? 0.7828 0.6051 0.9420 -0.2743 0.1307  -0.2432 35  LEU A C   
164 O O   . LEU A 24 ? 0.7527 0.6183 0.9640 -0.2538 0.1022  -0.2574 35  LEU A O   
165 C CB  . LEU A 24 ? 0.7500 0.4990 0.8393 -0.2894 0.1448  -0.2266 35  LEU A CB  
166 C CG  . LEU A 24 ? 0.7833 0.5697 0.9271 -0.2768 0.1260  -0.2544 35  LEU A CG  
167 C CD1 . LEU A 24 ? 0.8061 0.5779 0.9394 -0.2545 0.0849  -0.2188 35  LEU A CD1 
168 C CD2 . LEU A 24 ? 0.8291 0.6088 0.9718 -0.2991 0.1610  -0.2929 35  LEU A CD2 
169 N N   . LYS A 25 ? 0.7592 0.5721 0.9045 -0.2985 0.1688  -0.2622 36  LYS A N   
170 C CA  . LYS A 25 ? 0.7339 0.5933 0.9285 -0.3003 0.1761  -0.2950 36  LYS A CA  
171 C C   . LYS A 25 ? 0.7289 0.6179 0.9459 -0.2711 0.1372  -0.2731 36  LYS A C   
172 O O   . LYS A 25 ? 0.6977 0.6369 0.9727 -0.2554 0.1185  -0.3011 36  LYS A O   
173 C CB  . LYS A 25 ? 0.8263 0.6559 0.9855 -0.3312 0.2200  -0.3057 36  LYS A CB  
174 C CG  . LYS A 25 ? 0.8718 0.7318 1.0573 -0.3268 0.2175  -0.3137 36  LYS A CG  
175 C CD  . LYS A 25 ? 1.0423 0.8741 1.2000 -0.3616 0.2638  -0.3346 36  LYS A CD  
176 C CE  . LYS A 25 ? 1.1661 1.0323 1.3569 -0.3583 0.2621  -0.3496 36  LYS A CE  
177 N NZ  . LYS A 25 ? 1.3234 1.2680 1.6043 -0.3503 0.2534  -0.3997 36  LYS A NZ  
178 N N   . LEU A 26 ? 0.6799 0.5379 0.8498 -0.2635 0.1251  -0.2266 37  LEU A N   
179 C CA  . LEU A 26 ? 0.6646 0.5475 0.8483 -0.2393 0.0926  -0.2050 37  LEU A CA  
180 C C   . LEU A 26 ? 0.7239 0.6348 0.9439 -0.2153 0.0547  -0.2063 37  LEU A C   
181 O O   . LEU A 26 ? 0.6979 0.6458 0.9563 -0.1989 0.0354  -0.2236 37  LEU A O   
182 C CB  . LEU A 26 ? 0.6900 0.5380 0.8192 -0.2347 0.0846  -0.1563 37  LEU A CB  
183 C CG  . LEU A 26 ? 0.7250 0.5967 0.8603 -0.2151 0.0594  -0.1342 37  LEU A CG  
184 C CD1 . LEU A 26 ? 0.7172 0.5609 0.8048 -0.2180 0.0676  -0.1052 37  LEU A CD1 
185 C CD2 . LEU A 26 ? 0.7991 0.6825 0.9441 -0.1956 0.0228  -0.1121 37  LEU A CD2 
186 N N   . LEU A 27 ? 0.6868 0.5753 0.8911 -0.2122 0.0423  -0.1898 38  LEU A N   
187 C CA  . LEU A 27 ? 0.6985 0.5995 0.9244 -0.1893 0.0030  -0.1847 38  LEU A CA  
188 C C   . LEU A 27 ? 0.6997 0.6393 0.9829 -0.1801 -0.0035 -0.2357 38  LEU A C   
189 O O   . LEU A 27 ? 0.6506 0.6094 0.9574 -0.1560 -0.0381 -0.2412 38  LEU A O   
190 C CB  . LEU A 27 ? 0.7215 0.5891 0.9205 -0.1901 -0.0073 -0.1611 38  LEU A CB  
191 C CG  . LEU A 27 ? 0.8139 0.6468 0.9616 -0.1966 -0.0055 -0.1155 38  LEU A CG  
192 C CD1 . LEU A 27 ? 0.8216 0.6234 0.9479 -0.2023 -0.0061 -0.1063 38  LEU A CD1 
193 C CD2 . LEU A 27 ? 0.8797 0.7172 1.0183 -0.1824 -0.0342 -0.0816 38  LEU A CD2 
194 N N   . LYS A 28 ? 0.6653 0.6149 0.9684 -0.1998 0.0299  -0.2751 39  LYS A N   
195 C CA  . LYS A 28 ? 0.6291 0.6257 0.9958 -0.1950 0.0311  -0.3343 39  LYS A CA  
196 C C   . LYS A 28 ? 0.6687 0.7065 1.0737 -0.1837 0.0225  -0.3584 39  LYS A C   
197 O O   . LYS A 28 ? 0.6332 0.7086 1.0888 -0.1617 -0.0034 -0.3955 39  LYS A O   
198 C CB  . LYS A 28 ? 0.6448 0.6434 1.0199 -0.2255 0.0769  -0.3715 39  LYS A CB  
199 C CG  . LYS A 28 ? 0.8293 0.8054 1.1914 -0.2252 0.0723  -0.3684 39  LYS A CG  
200 C CD  . LYS A 28 ? 0.9370 0.9008 1.2873 -0.2587 0.1210  -0.3955 39  LYS A CD  
201 C CE  . LYS A 28 ? 0.9632 0.9320 1.3318 -0.2532 0.1140  -0.4185 39  LYS A CE  
202 N NZ  . LYS A 28 ? 1.0857 1.0133 1.4149 -0.2350 0.0796  -0.3704 39  LYS A NZ  
203 N N   . SER A 29 ? 0.6656 0.6951 1.0462 -0.1951 0.0396  -0.3392 40  SER A N   
204 C CA  . SER A 29 ? 0.6443 0.7111 1.0581 -0.1831 0.0296  -0.3600 40  SER A CA  
205 C C   . SER A 29 ? 0.6728 0.7466 1.0898 -0.1459 -0.0228 -0.3424 40  SER A C   
206 O O   . SER A 29 ? 0.6398 0.7474 1.0901 -0.1306 -0.0375 -0.3687 40  SER A O   
207 C CB  . SER A 29 ? 0.6845 0.7353 1.0662 -0.2029 0.0586  -0.3417 40  SER A CB  
208 O OG  . SER A 29 ? 0.8236 0.8445 1.1561 -0.1916 0.0401  -0.2867 40  SER A OG  
209 N N   . VAL A 30 ? 0.6426 0.6816 1.0220 -0.1332 -0.0498 -0.3003 41  VAL A N   
210 C CA  . VAL A 30 ? 0.6440 0.6751 1.0126 -0.1020 -0.0978 -0.2811 41  VAL A CA  
211 C C   . VAL A 30 ? 0.7103 0.7311 1.0899 -0.0822 -0.1309 -0.2928 41  VAL A C   
212 O O   . VAL A 30 ? 0.7078 0.6993 1.0561 -0.0629 -0.1677 -0.2635 41  VAL A O   
213 C CB  . VAL A 30 ? 0.7046 0.7002 1.0132 -0.1037 -0.1047 -0.2196 41  VAL A CB  
214 C CG1 . VAL A 30 ? 0.6969 0.7083 1.0000 -0.1071 -0.0918 -0.2143 41  VAL A CG1 
215 C CG2 . VAL A 30 ? 0.7200 0.6819 0.9916 -0.1251 -0.0842 -0.1850 41  VAL A CG2 
216 N N   . GLY A 31 ? 0.6812 0.7234 1.1019 -0.0884 -0.1170 -0.3364 42  GLY A N   
217 C CA  . GLY A 31 ? 0.6737 0.7152 1.1165 -0.0663 -0.1492 -0.3607 42  GLY A CA  
218 C C   . GLY A 31 ? 0.7640 0.7702 1.1803 -0.0766 -0.1452 -0.3388 42  GLY A C   
219 O O   . GLY A 31 ? 0.7380 0.7385 1.1685 -0.0571 -0.1741 -0.3571 42  GLY A O   
220 N N   . ALA A 32 ? 0.7797 0.7600 1.1568 -0.1048 -0.1121 -0.3021 43  ALA A N   
221 C CA  . ALA A 32 ? 0.7994 0.7419 1.1443 -0.1147 -0.1095 -0.2757 43  ALA A CA  
222 C C   . ALA A 32 ? 0.8629 0.8247 1.2426 -0.1252 -0.0863 -0.3223 43  ALA A C   
223 O O   . ALA A 32 ? 0.8275 0.8126 1.2251 -0.1476 -0.0455 -0.3505 43  ALA A O   
224 C CB  . ALA A 32 ? 0.8337 0.7460 1.1276 -0.1380 -0.0838 -0.2278 43  ALA A CB  
225 N N   . GLN A 33 ? 0.8632 0.8122 1.2488 -0.1107 -0.1114 -0.3308 44  GLN A N   
226 C CA  . GLN A 33 ? 0.8397 0.8210 1.2747 -0.1083 -0.1036 -0.3890 44  GLN A CA  
227 C C   . GLN A 33 ? 0.9034 0.8617 1.3160 -0.1319 -0.0734 -0.3847 44  GLN A C   
228 O O   . GLN A 33 ? 0.8795 0.8657 1.3299 -0.1356 -0.0585 -0.4340 44  GLN A O   
229 C CB  . GLN A 33 ? 0.8505 0.8329 1.3095 -0.0699 -0.1581 -0.4093 44  GLN A CB  
230 C CG  . GLN A 33 ? 1.1724 1.2149 1.7037 -0.0491 -0.1696 -0.4797 44  GLN A CG  
231 C CD  . GLN A 33 ? 1.4992 1.5593 2.0413 -0.0308 -0.1914 -0.4817 44  GLN A CD  
232 O OE1 . GLN A 33 ? 1.4593 1.4808 1.9617 -0.0097 -0.2308 -0.4432 44  GLN A OE1 
233 N NE2 . GLN A 33 ? 1.4394 1.5563 2.0330 -0.0394 -0.1655 -0.5283 44  GLN A NE2 
234 N N   . LYS A 34 ? 0.8661 0.7757 1.2181 -0.1470 -0.0650 -0.3294 45  LYS A N   
235 C CA  . LYS A 34 ? 0.8646 0.7406 1.1854 -0.1606 -0.0516 -0.3176 45  LYS A CA  
236 C C   . LYS A 34 ? 0.9072 0.7555 1.1797 -0.1911 -0.0092 -0.2924 45  LYS A C   
237 O O   . LYS A 34 ? 0.8869 0.7402 1.1495 -0.2007 0.0073  -0.2810 45  LYS A O   
238 C CB  . LYS A 34 ? 0.9232 0.7587 1.2140 -0.1432 -0.0942 -0.2765 45  LYS A CB  
239 C CG  . LYS A 34 ? 1.2035 1.0428 1.5100 -0.1133 -0.1424 -0.2727 45  LYS A CG  
240 C CD  . LYS A 34 ? 1.3823 1.1854 1.6741 -0.0950 -0.1837 -0.2591 45  LYS A CD  
241 C CE  . LYS A 34 ? 1.4932 1.2490 1.7314 -0.1083 -0.1867 -0.2038 45  LYS A CE  
242 N NZ  . LYS A 34 ? 1.5679 1.2885 1.7809 -0.0929 -0.2302 -0.1716 45  LYS A NZ  
243 N N   . ASP A 35 ? 0.8717 0.6865 1.1106 -0.2041 0.0056  -0.2847 46  ASP A N   
244 C CA  . ASP A 35 ? 0.8976 0.6724 1.0786 -0.2289 0.0397  -0.2602 46  ASP A CA  
245 C C   . ASP A 35 ? 0.9567 0.6888 1.0880 -0.2231 0.0168  -0.2033 46  ASP A C   
246 O O   . ASP A 35 ? 0.9701 0.6702 1.0532 -0.2369 0.0363  -0.1795 46  ASP A O   
247 C CB  . ASP A 35 ? 0.9323 0.6934 1.1000 -0.2484 0.0738  -0.2913 46  ASP A CB  
248 C CG  . ASP A 35 ? 1.0419 0.8438 1.2497 -0.2659 0.1116  -0.3475 46  ASP A CG  
249 O OD1 . ASP A 35 ? 1.0351 0.8335 1.2265 -0.2857 0.1427  -0.3484 46  ASP A OD1 
250 O OD2 . ASP A 35 ? 1.1317 0.9703 1.3889 -0.2598 0.1096  -0.3933 46  ASP A OD2 
251 N N   . THR A 36 ? 0.9051 0.6355 1.0474 -0.2029 -0.0247 -0.1843 47  THR A N   
252 C CA  . THR A 36 ? 0.9187 0.6162 1.0235 -0.1995 -0.0471 -0.1362 47  THR A CA  
253 C C   . THR A 36 ? 0.9249 0.6341 1.0467 -0.1825 -0.0845 -0.1151 47  THR A C   
254 O O   . THR A 36 ? 0.9002 0.6287 1.0568 -0.1672 -0.1046 -0.1378 47  THR A O   
255 C CB  . THR A 36 ? 0.9630 0.6296 1.0488 -0.1997 -0.0555 -0.1340 47  THR A CB  
256 O OG1 . THR A 36 ? 1.0058 0.6890 1.1305 -0.1860 -0.0743 -0.1644 47  THR A OG1 
257 C CG2 . THR A 36 ? 0.9491 0.5898 0.9985 -0.2180 -0.0188 -0.1461 47  THR A CG2 
258 N N   . TYR A 37 ? 0.8605 0.5566 0.9550 -0.1850 -0.0935 -0.0742 48  TYR A N   
259 C CA  . TYR A 37 ? 0.8392 0.5419 0.9388 -0.1746 -0.1223 -0.0511 48  TYR A CA  
260 C C   . TYR A 37 ? 0.8451 0.5239 0.9141 -0.1811 -0.1357 -0.0106 48  TYR A C   
261 O O   . TYR A 37 ? 0.8284 0.4920 0.8750 -0.1907 -0.1220 -0.0018 48  TYR A O   
262 C CB  . TYR A 37 ? 0.8497 0.5792 0.9560 -0.1753 -0.1087 -0.0505 48  TYR A CB  
263 C CG  . TYR A 37 ? 0.8557 0.6148 0.9972 -0.1711 -0.0943 -0.0930 48  TYR A CG  
264 C CD1 . TYR A 37 ? 0.8750 0.6388 1.0168 -0.1857 -0.0577 -0.1172 48  TYR A CD1 
265 C CD2 . TYR A 37 ? 0.8526 0.6322 1.0252 -0.1531 -0.1179 -0.1119 48  TYR A CD2 
266 C CE1 . TYR A 37 ? 0.8532 0.6492 1.0327 -0.1862 -0.0412 -0.1611 48  TYR A CE1 
267 C CE2 . TYR A 37 ? 0.8360 0.6502 1.0492 -0.1483 -0.1062 -0.1573 48  TYR A CE2 
268 C CZ  . TYR A 37 ? 0.9296 0.7556 1.1501 -0.1668 -0.0661 -0.1830 48  TYR A CZ  
269 O OH  . TYR A 37 ? 0.9817 0.8463 1.2466 -0.1666 -0.0510 -0.2316 48  TYR A OH  
270 N N   . THR A 38 ? 0.7995 0.4734 0.8647 -0.1768 -0.1615 0.0119  49  THR A N   
271 C CA  . THR A 38 ? 0.8195 0.4833 0.8610 -0.1879 -0.1669 0.0476  49  THR A CA  
272 C C   . THR A 38 ? 0.8187 0.5077 0.8556 -0.1924 -0.1471 0.0570  49  THR A C   
273 O O   . THR A 38 ? 0.8029 0.5113 0.8537 -0.1858 -0.1394 0.0421  49  THR A O   
274 C CB  . THR A 38 ? 0.8822 0.5275 0.9137 -0.1884 -0.1962 0.0697  49  THR A CB  
275 O OG1 . THR A 38 ? 0.8959 0.5536 0.9267 -0.1833 -0.2012 0.0753  49  THR A OG1 
276 C CG2 . THR A 38 ? 0.8540 0.4686 0.8876 -0.1798 -0.2215 0.0583  49  THR A CG2 
277 N N   . MET A 39 ? 0.7580 0.4488 0.7785 -0.2017 -0.1407 0.0780  50  MET A N   
278 C CA  . MET A 39 ? 0.7500 0.4657 0.7665 -0.2037 -0.1290 0.0895  50  MET A CA  
279 C C   . MET A 39 ? 0.7799 0.5105 0.8031 -0.2004 -0.1394 0.0970  50  MET A C   
280 O O   . MET A 39 ? 0.7493 0.5011 0.7767 -0.1962 -0.1277 0.0918  50  MET A O   
281 C CB  . MET A 39 ? 0.7904 0.5105 0.7942 -0.2120 -0.1299 0.1099  50  MET A CB  
282 C CG  . MET A 39 ? 0.8651 0.5707 0.8530 -0.2111 -0.1190 0.1030  50  MET A CG  
283 S SD  . MET A 39 ? 0.9081 0.6123 0.8794 -0.2053 -0.0926 0.0878  50  MET A SD  
284 C CE  . MET A 39 ? 0.8479 0.5893 0.8304 -0.2036 -0.0905 0.0984  50  MET A CE  
285 N N   . LYS A 40 ? 0.7306 0.4442 0.7485 -0.2023 -0.1615 0.1089  51  LYS A N   
286 C CA  . LYS A 40 ? 0.7353 0.4497 0.7455 -0.1994 -0.1744 0.1188  51  LYS A CA  
287 C C   . LYS A 40 ? 0.7783 0.5004 0.8038 -0.1814 -0.1772 0.0933  51  LYS A C   
288 O O   . LYS A 40 ? 0.7730 0.5106 0.7962 -0.1761 -0.1765 0.0947  51  LYS A O   
289 C CB  . LYS A 40 ? 0.8048 0.4823 0.7955 -0.2053 -0.1995 0.1345  51  LYS A CB  
290 C CG  . LYS A 40 ? 0.9925 0.6638 0.9566 -0.2162 -0.2056 0.1594  51  LYS A CG  
291 C CD  . LYS A 40 ? 1.0810 0.7082 1.0183 -0.2296 -0.2255 0.1773  51  LYS A CD  
292 C CE  . LYS A 40 ? 1.3867 1.0168 1.3010 -0.2552 -0.2175 0.2041  51  LYS A CE  
293 N NZ  . LYS A 40 ? 1.4301 1.0791 1.3306 -0.2546 -0.2085 0.2111  51  LYS A NZ  
294 N N   . GLU A 41 ? 0.7409 0.4552 0.7845 -0.1722 -0.1804 0.0672  52  GLU A N   
295 C CA  . GLU A 41 ? 0.7287 0.4587 0.7979 -0.1559 -0.1812 0.0336  52  GLU A CA  
296 C C   . GLU A 41 ? 0.7487 0.5116 0.8332 -0.1589 -0.1511 0.0183  52  GLU A C   
297 O O   . GLU A 41 ? 0.7285 0.5125 0.8290 -0.1489 -0.1509 0.0008  52  GLU A O   
298 C CB  . GLU A 41 ? 0.7489 0.4681 0.8371 -0.1488 -0.1875 0.0056  52  GLU A CB  
299 C CG  . GLU A 41 ? 0.8587 0.5412 0.9337 -0.1400 -0.2225 0.0125  52  GLU A CG  
300 C CD  . GLU A 41 ? 1.1152 0.7874 1.2081 -0.1333 -0.2286 -0.0143 52  GLU A CD  
301 O OE1 . GLU A 41 ? 0.8617 0.5432 0.9623 -0.1444 -0.2036 -0.0228 52  GLU A OE1 
302 O OE2 . GLU A 41 ? 1.2740 0.9257 1.3696 -0.1160 -0.2594 -0.0279 52  GLU A OE2 
303 N N   . VAL A 42 ? 0.6747 0.4369 0.7509 -0.1720 -0.1276 0.0236  53  VAL A N   
304 C CA  . VAL A 42 ? 0.6653 0.4452 0.7428 -0.1772 -0.0996 0.0142  53  VAL A CA  
305 C C   . VAL A 42 ? 0.7129 0.5117 0.7838 -0.1747 -0.1012 0.0312  53  VAL A C   
306 O O   . VAL A 42 ? 0.6503 0.4695 0.7336 -0.1707 -0.0899 0.0151  53  VAL A O   
307 C CB  . VAL A 42 ? 0.7322 0.4937 0.7870 -0.1887 -0.0814 0.0222  53  VAL A CB  
308 C CG1 . VAL A 42 ? 0.7252 0.4934 0.7658 -0.1933 -0.0580 0.0230  53  VAL A CG1 
309 C CG2 . VAL A 42 ? 0.7385 0.4828 0.7983 -0.1918 -0.0731 -0.0017 53  VAL A CG2 
310 N N   . LEU A 43 ? 0.7070 0.5004 0.7592 -0.1788 -0.1139 0.0615  54  LEU A N   
311 C CA  . LEU A 43 ? 0.7259 0.5382 0.7691 -0.1783 -0.1140 0.0778  54  LEU A CA  
312 C C   . LEU A 43 ? 0.8168 0.6335 0.8649 -0.1664 -0.1306 0.0711  54  LEU A C   
313 O O   . LEU A 43 ? 0.8267 0.6634 0.8724 -0.1627 -0.1257 0.0730  54  LEU A O   
314 C CB  . LEU A 43 ? 0.7340 0.5446 0.7579 -0.1899 -0.1181 0.1078  54  LEU A CB  
315 C CG  . LEU A 43 ? 0.7932 0.6132 0.8125 -0.1949 -0.0998 0.1100  54  LEU A CG  
316 C CD1 . LEU A 43 ? 0.8207 0.6257 0.8330 -0.2033 -0.1053 0.1203  54  LEU A CD1 
317 C CD2 . LEU A 43 ? 0.7937 0.6426 0.8084 -0.1945 -0.0911 0.1189  54  LEU A CD2 
318 N N   . PHE A 44 ? 0.7958 0.5920 0.8482 -0.1577 -0.1524 0.0612  55  PHE A N   
319 C CA  . PHE A 44 ? 0.8059 0.6012 0.8608 -0.1406 -0.1732 0.0487  55  PHE A CA  
320 C C   . PHE A 44 ? 0.7841 0.6109 0.8714 -0.1306 -0.1605 0.0147  55  PHE A C   
321 O O   . PHE A 44 ? 0.7671 0.6091 0.8523 -0.1224 -0.1635 0.0128  55  PHE A O   
322 C CB  . PHE A 44 ? 0.8665 0.6290 0.9185 -0.1293 -0.2033 0.0405  55  PHE A CB  
323 C CG  . PHE A 44 ? 0.9134 0.6681 0.9634 -0.1064 -0.2314 0.0243  55  PHE A CG  
324 C CD1 . PHE A 44 ? 0.9888 0.7093 0.9939 -0.1031 -0.2548 0.0496  55  PHE A CD1 
325 C CD2 . PHE A 44 ? 0.9554 0.7361 1.0457 -0.0883 -0.2340 -0.0184 55  PHE A CD2 
326 C CE1 . PHE A 44 ? 1.0182 0.7230 1.0123 -0.0785 -0.2845 0.0344  55  PHE A CE1 
327 C CE2 . PHE A 44 ? 1.0039 0.7791 1.0937 -0.0630 -0.2642 -0.0373 55  PHE A CE2 
328 C CZ  . PHE A 44 ? 1.0104 0.7441 1.0488 -0.0562 -0.2915 -0.0100 55  PHE A CZ  
329 N N   . TYR A 45 ? 0.7339 0.5695 0.8488 -0.1331 -0.1453 -0.0130 56  TYR A N   
330 C CA  . TYR A 45 ? 0.7203 0.5860 0.8685 -0.1298 -0.1276 -0.0497 56  TYR A CA  
331 C C   . TYR A 45 ? 0.7109 0.5934 0.8515 -0.1393 -0.1026 -0.0419 56  TYR A C   
332 O O   . TYR A 45 ? 0.6918 0.5986 0.8521 -0.1329 -0.0977 -0.0640 56  TYR A O   
333 C CB  . TYR A 45 ? 0.7584 0.6254 0.9307 -0.1372 -0.1108 -0.0797 56  TYR A CB  
334 C CG  . TYR A 45 ? 0.8132 0.6745 1.0063 -0.1223 -0.1366 -0.1026 56  TYR A CG  
335 C CD1 . TYR A 45 ? 0.8343 0.7146 1.0561 -0.1006 -0.1594 -0.1335 56  TYR A CD1 
336 C CD2 . TYR A 45 ? 0.8350 0.6715 1.0194 -0.1272 -0.1410 -0.0964 56  TYR A CD2 
337 C CE1 . TYR A 45 ? 0.8574 0.7312 1.0981 -0.0826 -0.1873 -0.1585 56  TYR A CE1 
338 C CE2 . TYR A 45 ? 0.8522 0.6817 1.0551 -0.1112 -0.1669 -0.1195 56  TYR A CE2 
339 C CZ  . TYR A 45 ? 0.9297 0.7778 1.1609 -0.0880 -0.1907 -0.1512 56  TYR A CZ  
340 O OH  . TYR A 45 ? 0.9293 0.7699 1.1791 -0.0677 -0.2206 -0.1783 56  TYR A OH  
341 N N   . LEU A 46 ? 0.6506 0.5208 0.7637 -0.1526 -0.0888 -0.0133 57  LEU A N   
342 C CA  . LEU A 46 ? 0.6234 0.5058 0.7234 -0.1576 -0.0711 -0.0025 57  LEU A CA  
343 C C   . LEU A 46 ? 0.6545 0.5528 0.7473 -0.1477 -0.0857 0.0109  57  LEU A C   
344 O O   . LEU A 46 ? 0.6404 0.5578 0.7389 -0.1447 -0.0752 0.0009  57  LEU A O   
345 C CB  . LEU A 46 ? 0.6256 0.4915 0.6983 -0.1692 -0.0593 0.0216  57  LEU A CB  
346 C CG  . LEU A 46 ? 0.6862 0.5309 0.7530 -0.1795 -0.0385 0.0078  57  LEU A CG  
347 C CD1 . LEU A 46 ? 0.7191 0.5425 0.7576 -0.1852 -0.0390 0.0320  57  LEU A CD1 
348 C CD2 . LEU A 46 ? 0.7329 0.5798 0.7983 -0.1844 -0.0136 -0.0115 57  LEU A CD2 
349 N N   . GLY A 47 ? 0.6342 0.5204 0.7105 -0.1438 -0.1088 0.0321  58  GLY A N   
350 C CA  . GLY A 47 ? 0.6444 0.5363 0.7054 -0.1345 -0.1246 0.0431  58  GLY A CA  
351 C C   . GLY A 47 ? 0.7420 0.6468 0.8248 -0.1166 -0.1358 0.0121  58  GLY A C   
352 O O   . GLY A 47 ? 0.7752 0.6987 0.8564 -0.1098 -0.1340 0.0086  58  GLY A O   
353 N N   . GLN A 48 ? 0.6874 0.5858 0.7942 -0.1076 -0.1485 -0.0145 59  GLN A N   
354 C CA  . GLN A 48 ? 0.6671 0.5842 0.8053 -0.0888 -0.1611 -0.0533 59  GLN A CA  
355 C C   . GLN A 48 ? 0.6707 0.6225 0.8399 -0.0947 -0.1329 -0.0803 59  GLN A C   
356 O O   . GLN A 48 ? 0.6532 0.6260 0.8352 -0.0822 -0.1395 -0.0986 59  GLN A O   
357 C CB  . GLN A 48 ? 0.6856 0.5954 0.8506 -0.0795 -0.1767 -0.0821 59  GLN A CB  
358 C CG  . GLN A 48 ? 1.0026 0.8713 1.1368 -0.0696 -0.2106 -0.0624 59  GLN A CG  
359 C CD  . GLN A 48 ? 1.2397 1.0899 1.3437 -0.0490 -0.2434 -0.0551 59  GLN A CD  
360 O OE1 . GLN A 48 ? 1.1658 0.9941 1.2229 -0.0566 -0.2457 -0.0173 59  GLN A OE1 
361 N NE2 . GLN A 48 ? 1.1332 0.9917 1.2620 -0.0226 -0.2695 -0.0936 59  GLN A NE2 
362 N N   . TYR A 49 ? 0.6043 0.5566 0.7811 -0.1140 -0.1026 -0.0838 60  TYR A N   
363 C CA  . TYR A 49 ? 0.5790 0.5501 0.7725 -0.1252 -0.0721 -0.1050 60  TYR A CA  
364 C C   . TYR A 49 ? 0.6137 0.5928 0.7858 -0.1239 -0.0672 -0.0856 60  TYR A C   
365 O O   . TYR A 49 ? 0.5975 0.5979 0.7884 -0.1216 -0.0585 -0.1091 60  TYR A O   
366 C CB  . TYR A 49 ? 0.6075 0.5591 0.7913 -0.1466 -0.0434 -0.1027 60  TYR A CB  
367 C CG  . TYR A 49 ? 0.5911 0.5477 0.7799 -0.1616 -0.0104 -0.1232 60  TYR A CG  
368 C CD1 . TYR A 49 ? 0.6006 0.5731 0.8256 -0.1703 0.0071  -0.1677 60  TYR A CD1 
369 C CD2 . TYR A 49 ? 0.5846 0.5284 0.7404 -0.1680 0.0035  -0.1005 60  TYR A CD2 
370 C CE1 . TYR A 49 ? 0.5983 0.5682 0.8218 -0.1890 0.0403  -0.1868 60  TYR A CE1 
371 C CE2 . TYR A 49 ? 0.5890 0.5263 0.7404 -0.1821 0.0323  -0.1184 60  TYR A CE2 
372 C CZ  . TYR A 49 ? 0.6427 0.5900 0.8254 -0.1945 0.0519  -0.1603 60  TYR A CZ  
373 O OH  . TYR A 49 ? 0.6256 0.5604 0.7993 -0.2129 0.0828  -0.1788 60  TYR A OH  
374 N N   . ILE A 50 ? 0.5881 0.5534 0.7239 -0.1258 -0.0724 -0.0458 61  ILE A N   
375 C CA  . ILE A 50 ? 0.5584 0.5345 0.6738 -0.1248 -0.0665 -0.0281 61  ILE A CA  
376 C C   . ILE A 50 ? 0.6278 0.6210 0.7479 -0.1072 -0.0867 -0.0367 61  ILE A C   
377 O O   . ILE A 50 ? 0.5606 0.5728 0.6877 -0.1025 -0.0797 -0.0498 61  ILE A O   
378 C CB  . ILE A 50 ? 0.5990 0.5632 0.6809 -0.1316 -0.0681 0.0110  61  ILE A CB  
379 C CG1 . ILE A 50 ? 0.6355 0.5855 0.7088 -0.1449 -0.0474 0.0163  61  ILE A CG1 
380 C CG2 . ILE A 50 ? 0.5491 0.5305 0.6119 -0.1265 -0.0706 0.0281  61  ILE A CG2 
381 C CD1 . ILE A 50 ? 0.6722 0.6103 0.7232 -0.1521 -0.0528 0.0473  61  ILE A CD1 
382 N N   . MET A 51 ? 0.6648 0.6445 0.7752 -0.0968 -0.1137 -0.0292 62  MET A N   
383 C CA  . MET A 51 ? 0.6771 0.6585 0.7766 -0.0775 -0.1396 -0.0325 62  MET A CA  
384 C C   . MET A 51 ? 0.7025 0.7061 0.8427 -0.0622 -0.1472 -0.0776 62  MET A C   
385 O O   . MET A 51 ? 0.6849 0.6993 0.8204 -0.0465 -0.1611 -0.0861 62  MET A O   
386 C CB  . MET A 51 ? 0.7365 0.6830 0.8055 -0.0717 -0.1677 -0.0125 62  MET A CB  
387 C CG  . MET A 51 ? 0.8102 0.7385 0.8384 -0.0887 -0.1610 0.0303  62  MET A CG  
388 S SD  . MET A 51 ? 0.8738 0.8167 0.8674 -0.0910 -0.1530 0.0530  62  MET A SD  
389 C CE  . MET A 51 ? 0.8515 0.7486 0.7821 -0.1032 -0.1698 0.0951  62  MET A CE  
390 N N   . THR A 52 ? 0.6644 0.6770 0.8456 -0.0674 -0.1375 -0.1092 63  THR A N   
391 C CA  . THR A 52 ? 0.6271 0.6701 0.8591 -0.0575 -0.1394 -0.1608 63  THR A CA  
392 C C   . THR A 52 ? 0.6668 0.7343 0.9145 -0.0689 -0.1108 -0.1755 63  THR A C   
393 O O   . THR A 52 ? 0.6594 0.7513 0.9275 -0.0554 -0.1199 -0.2016 63  THR A O   
394 C CB  . THR A 52 ? 0.7160 0.7621 0.9847 -0.0643 -0.1328 -0.1898 63  THR A CB  
395 O OG1 . THR A 52 ? 0.7594 0.7836 1.0175 -0.0467 -0.1676 -0.1847 63  THR A OG1 
396 C CG2 . THR A 52 ? 0.5978 0.6846 0.9273 -0.0649 -0.1205 -0.2485 63  THR A CG2 
397 N N   . LYS A 53 ? 0.6135 0.6705 0.8487 -0.0924 -0.0782 -0.1603 64  LYS A N   
398 C CA  . LYS A 53 ? 0.5879 0.6547 0.8244 -0.1045 -0.0512 -0.1683 64  LYS A CA  
399 C C   . LYS A 53 ? 0.6093 0.6774 0.8125 -0.0957 -0.0573 -0.1400 64  LYS A C   
400 O O   . LYS A 53 ? 0.5916 0.6667 0.7950 -0.1020 -0.0391 -0.1483 64  LYS A O   
401 C CB  . LYS A 53 ? 0.6405 0.6832 0.8626 -0.1297 -0.0184 -0.1604 64  LYS A CB  
402 C CG  . LYS A 53 ? 0.7184 0.7639 0.9742 -0.1453 0.0009  -0.1980 64  LYS A CG  
403 C CD  . LYS A 53 ? 0.7967 0.8190 1.0341 -0.1716 0.0398  -0.2028 64  LYS A CD  
404 C CE  . LYS A 53 ? 0.5441 0.5739 0.8152 -0.1928 0.0674  -0.2488 64  LYS A CE  
405 N NZ  . LYS A 53 ? 0.7706 0.7578 1.0029 -0.2209 0.1051  -0.2450 64  LYS A NZ  
406 N N   . ARG A 54 ? 0.5528 0.6122 0.7253 -0.0828 -0.0813 -0.1087 65  ARG A N   
407 C CA  . ARG A 54 ? 0.5340 0.5988 0.6753 -0.0749 -0.0865 -0.0854 65  ARG A CA  
408 C C   . ARG A 54 ? 0.5419 0.6034 0.6629 -0.0887 -0.0614 -0.0654 65  ARG A C   
409 O O   . ARG A 54 ? 0.5379 0.6129 0.6528 -0.0843 -0.0552 -0.0679 65  ARG A O   
410 C CB  . ARG A 54 ? 0.5661 0.6548 0.7253 -0.0581 -0.0979 -0.1140 65  ARG A CB  
411 C CG  . ARG A 54 ? 0.6877 0.7856 0.8786 -0.0407 -0.1233 -0.1488 65  ARG A CG  
412 C CD  . ARG A 54 ? 0.9003 1.0297 1.1283 -0.0315 -0.1230 -0.1915 65  ARG A CD  
413 N NE  . ARG A 54 ? 1.0848 1.2338 1.3632 -0.0205 -0.1384 -0.2389 65  ARG A NE  
414 C CZ  . ARG A 54 ? 1.0916 1.2553 1.4162 -0.0366 -0.1181 -0.2728 65  ARG A CZ  
415 N NH1 . ARG A 54 ? 0.8336 0.9850 1.1527 -0.0653 -0.0810 -0.2616 65  ARG A NH1 
416 N NH2 . ARG A 54 ? 0.6851 0.8744 1.0594 -0.0235 -0.1350 -0.3203 65  ARG A NH2 
417 N N   . LEU A 55 ? 0.4994 0.5412 0.6084 -0.1027 -0.0498 -0.0472 66  LEU A N   
418 C CA  . LEU A 55 ? 0.4976 0.5298 0.5871 -0.1128 -0.0302 -0.0328 66  LEU A CA  
419 C C   . LEU A 55 ? 0.5199 0.5602 0.5814 -0.1089 -0.0384 -0.0003 66  LEU A C   
420 O O   . LEU A 55 ? 0.5222 0.5522 0.5693 -0.1167 -0.0355 0.0200  66  LEU A O   
421 C CB  . LEU A 55 ? 0.5105 0.5153 0.5985 -0.1276 -0.0173 -0.0320 66  LEU A CB  
422 C CG  . LEU A 55 ? 0.5551 0.5524 0.6692 -0.1370 -0.0036 -0.0660 66  LEU A CG  
423 C CD1 . LEU A 55 ? 0.5650 0.5317 0.6689 -0.1518 0.0090  -0.0621 66  LEU A CD1 
424 C CD2 . LEU A 55 ? 0.5501 0.5495 0.6684 -0.1413 0.0148  -0.0887 66  LEU A CD2 
425 N N   . TYR A 56 ? 0.4550 0.5154 0.5095 -0.0977 -0.0477 0.0017  67  TYR A N   
426 C CA  . TYR A 56 ? 0.4420 0.5146 0.4706 -0.0961 -0.0541 0.0281  67  TYR A CA  
427 C C   . TYR A 56 ? 0.4786 0.5738 0.5009 -0.0846 -0.0541 0.0211  67  TYR A C   
428 O O   . TYR A 56 ? 0.4345 0.5338 0.4737 -0.0765 -0.0544 -0.0035 67  TYR A O   
429 C CB  . TYR A 56 ? 0.4294 0.4898 0.4429 -0.0969 -0.0727 0.0440  67  TYR A CB  
430 C CG  . TYR A 56 ? 0.4342 0.4865 0.4521 -0.0830 -0.0931 0.0276  67  TYR A CG  
431 C CD1 . TYR A 56 ? 0.4194 0.4830 0.4237 -0.0691 -0.1032 0.0222  67  TYR A CD1 
432 C CD2 . TYR A 56 ? 0.4533 0.4856 0.4855 -0.0819 -0.1058 0.0176  67  TYR A CD2 
433 C CE1 . TYR A 56 ? 0.4280 0.4814 0.4330 -0.0523 -0.1272 0.0052  67  TYR A CE1 
434 C CE2 . TYR A 56 ? 0.4516 0.4773 0.4892 -0.0647 -0.1295 -0.0018 67  TYR A CE2 
435 C CZ  . TYR A 56 ? 0.5775 0.6131 0.6010 -0.0491 -0.1413 -0.0083 67  TYR A CZ  
436 O OH  . TYR A 56 ? 0.6228 0.6504 0.6494 -0.0280 -0.1692 -0.0303 67  TYR A OH  
437 N N   . ASP A 57 ? 0.4463 0.5583 0.4464 -0.0850 -0.0527 0.0400  68  ASP A N   
438 C CA  . ASP A 57 ? 0.4533 0.5876 0.4425 -0.0736 -0.0539 0.0350  68  ASP A CA  
439 C C   . ASP A 57 ? 0.4475 0.5911 0.4045 -0.0776 -0.0584 0.0579  68  ASP A C   
440 O O   . ASP A 57 ? 0.4066 0.5567 0.3568 -0.0906 -0.0503 0.0751  68  ASP A O   
441 C CB  . ASP A 57 ? 0.4872 0.6371 0.4825 -0.0704 -0.0394 0.0267  68  ASP A CB  
442 C CG  . ASP A 57 ? 0.5543 0.7257 0.5441 -0.0564 -0.0405 0.0143  68  ASP A CG  
443 O OD1 . ASP A 57 ? 0.5906 0.7566 0.5955 -0.0487 -0.0426 -0.0085 68  ASP A OD1 
444 O OD2 . ASP A 57 ? 0.5979 0.7935 0.5701 -0.0543 -0.0381 0.0251  68  ASP A OD2 
445 N N   . ALA A 58 ? 0.4069 0.5494 0.3423 -0.0674 -0.0706 0.0561  69  ALA A N   
446 C CA  . ALA A 58 ? 0.4486 0.5915 0.3409 -0.0732 -0.0727 0.0769  69  ALA A CA  
447 C C   . ALA A 58 ? 0.5683 0.7481 0.4546 -0.0825 -0.0527 0.0857  69  ALA A C   
448 O O   . ALA A 58 ? 0.5780 0.7594 0.4355 -0.0983 -0.0467 0.1049  69  ALA A O   
449 C CB  . ALA A 58 ? 0.4734 0.6072 0.3396 -0.0563 -0.0890 0.0684  69  ALA A CB  
450 N N   . ALA A 59 ? 0.5450 0.7530 0.4570 -0.0732 -0.0428 0.0692  70  ALA A N   
451 C CA  . ALA A 59 ? 0.5614 0.8088 0.4752 -0.0770 -0.0269 0.0707  70  ALA A CA  
452 C C   . ALA A 59 ? 0.6009 0.8540 0.5273 -0.0936 -0.0188 0.0824  70  ALA A C   
453 O O   . ALA A 59 ? 0.6208 0.9050 0.5416 -0.1048 -0.0077 0.0891  70  ALA A O   
454 C CB  . ALA A 59 ? 0.5756 0.8392 0.5112 -0.0594 -0.0238 0.0483  70  ALA A CB  
455 N N   . GLN A 60 ? 0.5431 0.7685 0.4875 -0.0959 -0.0236 0.0820  71  GLN A N   
456 C CA  . GLN A 60 ? 0.5180 0.7456 0.4751 -0.1087 -0.0187 0.0904  71  GLN A CA  
457 C C   . GLN A 60 ? 0.5243 0.7134 0.4774 -0.1200 -0.0275 0.1027  71  GLN A C   
458 O O   . GLN A 60 ? 0.5258 0.6892 0.4940 -0.1169 -0.0317 0.0960  71  GLN A O   
459 C CB  . GLN A 60 ? 0.5315 0.7589 0.5090 -0.0965 -0.0165 0.0745  71  GLN A CB  
460 C CG  . GLN A 60 ? 0.5684 0.8306 0.5487 -0.0814 -0.0114 0.0596  71  GLN A CG  
461 C CD  . GLN A 60 ? 0.8144 1.1251 0.7976 -0.0887 -0.0038 0.0630  71  GLN A CD  
462 O OE1 . GLN A 60 ? 0.7313 1.0505 0.7228 -0.1030 -0.0016 0.0715  71  GLN A OE1 
463 N NE2 . GLN A 60 ? 0.7876 1.1350 0.7663 -0.0805 0.0017  0.0537  71  GLN A NE2 
464 N N   . GLN A 61 ? 0.5011 0.6819 0.4287 -0.1340 -0.0302 0.1200  72  GLN A N   
465 C CA  . GLN A 61 ? 0.5015 0.6387 0.4166 -0.1402 -0.0438 0.1304  72  GLN A CA  
466 C C   . GLN A 61 ? 0.5217 0.6433 0.4522 -0.1524 -0.0443 0.1374  72  GLN A C   
467 O O   . GLN A 61 ? 0.5465 0.6317 0.4705 -0.1540 -0.0571 0.1419  72  GLN A O   
468 C CB  . GLN A 61 ? 0.5125 0.6315 0.3827 -0.1511 -0.0486 0.1481  72  GLN A CB  
469 C CG  . GLN A 61 ? 0.7276 0.8475 0.5751 -0.1357 -0.0543 0.1408  72  GLN A CG  
470 C CD  . GLN A 61 ? 0.6609 0.7376 0.4553 -0.1394 -0.0686 0.1555  72  GLN A CD  
471 O OE1 . GLN A 61 ? 0.5540 0.5918 0.3300 -0.1506 -0.0782 0.1694  72  GLN A OE1 
472 N NE2 . GLN A 61 ? 0.6978 0.7745 0.4618 -0.1283 -0.0726 0.1519  72  GLN A NE2 
473 N N   . HIS A 62 ? 0.4620 0.6099 0.4114 -0.1584 -0.0335 0.1361  73  HIS A N   
474 C CA  A HIS A 62 ? 0.4549 0.5900 0.4179 -0.1692 -0.0349 0.1416  73  HIS A CA  
475 C CA  B HIS A 62 ? 0.4717 0.6089 0.4354 -0.1690 -0.0343 0.1412  73  HIS A CA  
476 C C   . HIS A 62 ? 0.5264 0.6528 0.5116 -0.1552 -0.0348 0.1255  73  HIS A C   
477 O O   . HIS A 62 ? 0.5376 0.6522 0.5315 -0.1608 -0.0363 0.1275  73  HIS A O   
478 C CB  A HIS A 62 ? 0.4419 0.6121 0.4088 -0.1872 -0.0244 0.1490  73  HIS A CB  
479 C CB  B HIS A 62 ? 0.4724 0.6485 0.4422 -0.1846 -0.0232 0.1462  73  HIS A CB  
480 C CG  A HIS A 62 ? 0.4828 0.6471 0.4226 -0.2113 -0.0211 0.1675  73  HIS A CG  
481 C CG  B HIS A 62 ? 0.4982 0.7195 0.4837 -0.1718 -0.0146 0.1302  73  HIS A CG  
482 N ND1 A HIS A 62 ? 0.4999 0.6832 0.4153 -0.2175 -0.0117 0.1712  73  HIS A ND1 
483 N ND1 B HIS A 62 ? 0.5122 0.7521 0.4877 -0.1611 -0.0102 0.1236  73  HIS A ND1 
484 C CD2 A HIS A 62 ? 0.5002 0.6366 0.4287 -0.2316 -0.0252 0.1825  73  HIS A CD2 
485 C CD2 B HIS A 62 ? 0.5054 0.7527 0.5137 -0.1652 -0.0129 0.1179  73  HIS A CD2 
486 C CE1 A HIS A 62 ? 0.4953 0.6575 0.3810 -0.2431 -0.0089 0.1891  73  HIS A CE1 
487 C CE1 B HIS A 62 ? 0.4873 0.7646 0.4808 -0.1493 -0.0052 0.1078  73  HIS A CE1 
488 N NE2 A HIS A 62 ? 0.5044 0.6378 0.3978 -0.2524 -0.0175 0.1965  73  HIS A NE2 
489 N NE2 B HIS A 62 ? 0.4878 0.7695 0.5004 -0.1499 -0.0079 0.1032  73  HIS A NE2 
490 N N   . ILE A 63 ? 0.4665 0.5927 0.4552 -0.1385 -0.0329 0.1094  74  ILE A N   
491 C CA  A ILE A 63 ? 0.4345 0.5448 0.4319 -0.1286 -0.0296 0.0947  74  ILE A CA  
492 C CA  B ILE A 63 ? 0.4404 0.5509 0.4378 -0.1283 -0.0294 0.0944  74  ILE A CA  
493 C C   . ILE A 63 ? 0.4829 0.5610 0.4842 -0.1256 -0.0314 0.0834  74  ILE A C   
494 O O   . ILE A 63 ? 0.4536 0.5371 0.4556 -0.1192 -0.0338 0.0758  74  ILE A O   
495 C CB  A ILE A 63 ? 0.4482 0.5829 0.4450 -0.1147 -0.0238 0.0826  74  ILE A CB  
496 C CB  B ILE A 63 ? 0.4618 0.5955 0.4583 -0.1138 -0.0237 0.0814  74  ILE A CB  
497 C CG1 A ILE A 63 ? 0.4315 0.6056 0.4328 -0.1171 -0.0223 0.0874  74  ILE A CG1 
498 C CG1 B ILE A 63 ? 0.4539 0.6309 0.4532 -0.1145 -0.0214 0.0855  74  ILE A CG1 
499 C CG2 A ILE A 63 ? 0.4646 0.5670 0.4574 -0.1051 -0.0209 0.0676  74  ILE A CG2 
500 C CG2 B ILE A 63 ? 0.4795 0.5820 0.4721 -0.1047 -0.0207 0.0670  74  ILE A CG2 
501 C CD1 A ILE A 63 ? 0.4539 0.6574 0.4564 -0.1011 -0.0197 0.0731  74  ILE A CD1 
502 C CD1 B ILE A 63 ? 0.5343 0.7137 0.5413 -0.1197 -0.0239 0.0885  74  ILE A CD1 
503 N N   . VAL A 64 ? 0.4326 0.4794 0.4373 -0.1304 -0.0301 0.0796  75  VAL A N   
504 C CA  . VAL A 64 ? 0.4601 0.4810 0.4731 -0.1298 -0.0268 0.0620  75  VAL A CA  
505 C C   . VAL A 64 ? 0.5074 0.5189 0.5137 -0.1237 -0.0147 0.0459  75  VAL A C   
506 O O   . VAL A 64 ? 0.4997 0.5022 0.4909 -0.1212 -0.0116 0.0494  75  VAL A O   
507 C CB  . VAL A 64 ? 0.5158 0.5082 0.5324 -0.1393 -0.0283 0.0629  75  VAL A CB  
508 C CG1 . VAL A 64 ? 0.5315 0.5048 0.5612 -0.1409 -0.0215 0.0395  75  VAL A CG1 
509 C CG2 . VAL A 64 ? 0.5127 0.5096 0.5302 -0.1447 -0.0425 0.0803  75  VAL A CG2 
510 N N   . TYR A 65 ? 0.4360 0.4481 0.4519 -0.1203 -0.0099 0.0268  76  TYR A N   
511 C CA  . TYR A 65 ? 0.4566 0.4537 0.4640 -0.1177 0.0027  0.0094  76  TYR A CA  
512 C C   . TYR A 65 ? 0.5201 0.4854 0.5326 -0.1296 0.0157  -0.0097 76  TYR A C   
513 O O   . TYR A 65 ? 0.5109 0.4879 0.5476 -0.1315 0.0167  -0.0281 76  TYR A O   
514 C CB  . TYR A 65 ? 0.4673 0.4927 0.4835 -0.1071 0.0002  -0.0011 76  TYR A CB  
515 C CG  . TYR A 65 ? 0.4535 0.5079 0.4585 -0.0966 -0.0068 0.0144  76  TYR A CG  
516 C CD1 . TYR A 65 ? 0.4679 0.5172 0.4554 -0.0889 -0.0028 0.0130  76  TYR A CD1 
517 C CD2 . TYR A 65 ? 0.4373 0.5220 0.4458 -0.0948 -0.0174 0.0287  76  TYR A CD2 
518 C CE1 . TYR A 65 ? 0.4129 0.4970 0.3964 -0.0789 -0.0086 0.0218  76  TYR A CE1 
519 C CE2 . TYR A 65 ? 0.4414 0.5566 0.4405 -0.0894 -0.0193 0.0400  76  TYR A CE2 
520 C CZ  . TYR A 65 ? 0.4573 0.5776 0.4488 -0.0811 -0.0146 0.0348  76  TYR A CZ  
521 O OH  . TYR A 65 ? 0.5263 0.6847 0.5148 -0.0757 -0.0159 0.0411  76  TYR A OH  
522 N N   . CYS A 66 ? 0.4983 0.4232 0.4870 -0.1380 0.0255  -0.0080 77  CYS A N   
523 C CA  . CYS A 66 ? 0.4930 0.3866 0.4833 -0.1539 0.0399  -0.0235 77  CYS A CA  
524 C C   . CYS A 66 ? 0.6115 0.4592 0.5708 -0.1636 0.0607  -0.0388 77  CYS A C   
525 O O   . CYS A 66 ? 0.6125 0.4250 0.5606 -0.1800 0.0769  -0.0501 77  CYS A O   
526 C CB  . CYS A 66 ? 0.5029 0.3818 0.4869 -0.1587 0.0341  -0.0086 77  CYS A CB  
527 S SG  . CYS A 66 ? 0.5502 0.4076 0.4955 -0.1504 0.0253  0.0150  77  CYS A SG  
528 N N   . SER A 67 ? 0.5797 0.4233 0.5210 -0.1546 0.0613  -0.0404 78  SER A N   
529 C CA  . SER A 67 ? 0.6278 0.4163 0.5293 -0.1643 0.0798  -0.0537 78  SER A CA  
530 C C   . SER A 67 ? 0.6915 0.4825 0.6186 -0.1834 0.1004  -0.0835 78  SER A C   
531 O O   . SER A 67 ? 0.6532 0.4956 0.6293 -0.1800 0.0938  -0.0946 78  SER A O   
532 C CB  . SER A 67 ? 0.6595 0.4427 0.5361 -0.1473 0.0717  -0.0497 78  SER A CB  
533 O OG  . SER A 67 ? 0.7635 0.5909 0.6735 -0.1413 0.0693  -0.0613 78  SER A OG  
534 N N   . ASN A 68 ? 0.7032 0.4379 0.5961 -0.2039 0.1248  -0.0987 79  ASN A N   
535 C CA  . ASN A 68 ? 0.7214 0.4634 0.6443 -0.2270 0.1485  -0.1326 79  ASN A CA  
536 C C   . ASN A 68 ? 0.7167 0.5041 0.6945 -0.2323 0.1466  -0.1444 79  ASN A C   
537 O O   . ASN A 68 ? 0.6940 0.5233 0.7225 -0.2369 0.1502  -0.1725 79  ASN A O   
538 C CB  . ASN A 68 ? 0.7793 0.5547 0.7280 -0.2189 0.1448  -0.1482 79  ASN A CB  
539 C CG  . ASN A 68 ? 0.9761 0.7287 0.9253 -0.2447 0.1736  -0.1823 79  ASN A CG  
540 O OD1 . ASN A 68 ? 0.9257 0.6395 0.8590 -0.2737 0.2018  -0.1992 79  ASN A OD1 
541 N ND2 . ASN A 68 ? 0.9688 0.7448 0.9350 -0.2364 0.1687  -0.1947 79  ASN A ND2 
542 N N   . ASP A 69 ? 0.6684 0.4474 0.6367 -0.2293 0.1378  -0.1252 80  ASP A N   
543 C CA  . ASP A 69 ? 0.6296 0.4427 0.6432 -0.2327 0.1341  -0.1366 80  ASP A CA  
544 C C   . ASP A 69 ? 0.7164 0.4851 0.6960 -0.2452 0.1444  -0.1275 80  ASP A C   
545 O O   . ASP A 69 ? 0.7411 0.4642 0.6671 -0.2414 0.1417  -0.1034 80  ASP A O   
546 C CB  . ASP A 69 ? 0.6134 0.4797 0.6623 -0.2077 0.1010  -0.1201 80  ASP A CB  
547 C CG  . ASP A 69 ? 0.6473 0.5498 0.7452 -0.2060 0.0912  -0.1369 80  ASP A CG  
548 O OD1 . ASP A 69 ? 0.6385 0.5297 0.7311 -0.2072 0.0854  -0.1251 80  ASP A OD1 
549 O OD2 . ASP A 69 ? 0.6844 0.6251 0.8251 -0.2015 0.0866  -0.1634 80  ASP A OD2 
550 N N   . LEU A 70 ? 0.6760 0.4576 0.6863 -0.2587 0.1552  -0.1499 81  LEU A N   
551 C CA  . LEU A 70 ? 0.6888 0.4350 0.6726 -0.2691 0.1629  -0.1431 81  LEU A CA  
552 C C   . LEU A 70 ? 0.7094 0.4516 0.6735 -0.2473 0.1329  -0.1037 81  LEU A C   
553 O O   . LEU A 70 ? 0.7287 0.4213 0.6427 -0.2510 0.1367  -0.0879 81  LEU A O   
554 C CB  . LEU A 70 ? 0.6705 0.4524 0.7077 -0.2786 0.1696  -0.1747 81  LEU A CB  
555 C CG  . LEU A 70 ? 0.7625 0.5204 0.7846 -0.2860 0.1734  -0.1709 81  LEU A CG  
556 C CD1 . LEU A 70 ? 0.8102 0.4975 0.7681 -0.3136 0.2091  -0.1758 81  LEU A CD1 
557 C CD2 . LEU A 70 ? 0.7682 0.5748 0.8542 -0.2873 0.1717  -0.2042 81  LEU A CD2 
558 N N   . LEU A 71 ? 0.6214 0.4127 0.6210 -0.2261 0.1040  -0.0897 82  LEU A N   
559 C CA  . LEU A 71 ? 0.5989 0.3924 0.5848 -0.2100 0.0788  -0.0558 82  LEU A CA  
560 C C   . LEU A 71 ? 0.6494 0.4078 0.5845 -0.2039 0.0776  -0.0350 82  LEU A C   
561 O O   . LEU A 71 ? 0.6281 0.3616 0.5358 -0.2007 0.0697  -0.0176 82  LEU A O   
562 C CB  . LEU A 71 ? 0.5654 0.4109 0.5880 -0.1925 0.0533  -0.0458 82  LEU A CB  
563 C CG  . LEU A 71 ? 0.5893 0.4428 0.6047 -0.1816 0.0294  -0.0140 82  LEU A CG  
564 C CD1 . LEU A 71 ? 0.5868 0.4188 0.5978 -0.1885 0.0276  -0.0107 82  LEU A CD1 
565 C CD2 . LEU A 71 ? 0.6030 0.4975 0.6461 -0.1696 0.0083  -0.0065 82  LEU A CD2 
566 N N   . GLY A 72 ? 0.6193 0.3773 0.5438 -0.2000 0.0827  -0.0392 83  GLY A N   
567 C CA  . GLY A 72 ? 0.6533 0.3736 0.5275 -0.1915 0.0805  -0.0257 83  GLY A CA  
568 C C   . GLY A 72 ? 0.7585 0.4040 0.5732 -0.2043 0.0976  -0.0294 83  GLY A C   
569 O O   . GLY A 72 ? 0.7414 0.3506 0.5114 -0.1925 0.0858  -0.0138 83  GLY A O   
570 N N   . ASP A 73 ? 0.7559 0.3766 0.5678 -0.2286 0.1252  -0.0526 84  ASP A N   
571 C CA  . ASP A 73 ? 0.8121 0.3555 0.5607 -0.2456 0.1453  -0.0563 84  ASP A CA  
572 C C   . ASP A 73 ? 0.8362 0.3688 0.5743 -0.2407 0.1325  -0.0414 84  ASP A C   
573 O O   . ASP A 73 ? 0.8950 0.3657 0.5695 -0.2366 0.1292  -0.0299 84  ASP A O   
574 C CB  . ASP A 73 ? 0.8522 0.3768 0.6027 -0.2778 0.1826  -0.0879 84  ASP A CB  
575 C CG  . ASP A 73 ? 0.9131 0.4436 0.6723 -0.2862 0.1973  -0.1061 84  ASP A CG  
576 O OD1 . ASP A 73 ? 0.9334 0.4458 0.6629 -0.2704 0.1847  -0.0929 84  ASP A OD1 
577 O OD2 . ASP A 73 ? 1.0321 0.5879 0.8303 -0.3075 0.2204  -0.1365 84  ASP A OD2 
578 N N   . LEU A 74 ? 0.7586 0.3462 0.5544 -0.2388 0.1223  -0.0418 85  LEU A N   
579 C CA  . LEU A 74 ? 0.7663 0.3471 0.5576 -0.2347 0.1088  -0.0287 85  LEU A CA  
580 C C   . LEU A 74 ? 0.7726 0.3572 0.5501 -0.2119 0.0789  -0.0016 85  LEU A C   
581 O O   . LEU A 74 ? 0.7763 0.3229 0.5167 -0.2079 0.0706  0.0085  85  LEU A O   
582 C CB  . LEU A 74 ? 0.7233 0.3609 0.5803 -0.2363 0.1018  -0.0370 85  LEU A CB  
583 C CG  . LEU A 74 ? 0.7581 0.4064 0.6441 -0.2568 0.1283  -0.0713 85  LEU A CG  
584 C CD1 . LEU A 74 ? 0.7191 0.4109 0.6584 -0.2529 0.1151  -0.0793 85  LEU A CD1 
585 C CD2 . LEU A 74 ? 0.7837 0.3687 0.6171 -0.2804 0.1605  -0.0863 85  LEU A CD2 
586 N N   . PHE A 75 ? 0.6829 0.3147 0.4905 -0.1974 0.0633  0.0071  86  PHE A N   
587 C CA  . PHE A 75 ? 0.6588 0.3166 0.4722 -0.1780 0.0361  0.0281  86  PHE A CA  
588 C C   . PHE A 75 ? 0.7430 0.3615 0.5054 -0.1643 0.0308  0.0315  86  PHE A C   
589 O O   . PHE A 75 ? 0.7378 0.3586 0.4895 -0.1483 0.0098  0.0429  86  PHE A O   
590 C CB  . PHE A 75 ? 0.6293 0.3574 0.4979 -0.1717 0.0245  0.0337  86  PHE A CB  
591 C CG  . PHE A 75 ? 0.6121 0.3752 0.5212 -0.1756 0.0136  0.0401  86  PHE A CG  
592 C CD1 . PHE A 75 ? 0.6773 0.4190 0.5876 -0.1863 0.0189  0.0333  86  PHE A CD1 
593 C CD2 . PHE A 75 ? 0.6044 0.4166 0.5447 -0.1689 -0.0021 0.0528  86  PHE A CD2 
594 C CE1 . PHE A 75 ? 0.6763 0.4440 0.6195 -0.1876 0.0049  0.0392  86  PHE A CE1 
595 C CE2 . PHE A 75 ? 0.6326 0.4645 0.5994 -0.1729 -0.0141 0.0603  86  PHE A CE2 
596 C CZ  . PHE A 75 ? 0.6120 0.4209 0.5808 -0.1809 -0.0121 0.0533  86  PHE A CZ  
597 N N   . GLY A 76 ? 0.7185 0.2992 0.4490 -0.1703 0.0487  0.0191  87  GLY A N   
598 C CA  . GLY A 76 ? 0.7616 0.2876 0.4311 -0.1569 0.0431  0.0202  87  GLY A CA  
599 C C   . GLY A 76 ? 0.7915 0.3590 0.4792 -0.1354 0.0257  0.0239  87  GLY A C   
600 O O   . GLY A 76 ? 0.8049 0.3384 0.4495 -0.1157 0.0104  0.0254  87  GLY A O   
601 N N   . VAL A 77 ? 0.6863 0.3240 0.4339 -0.1378 0.0274  0.0230  88  VAL A N   
602 C CA  . VAL A 77 ? 0.6510 0.3422 0.4252 -0.1199 0.0131  0.0262  88  VAL A CA  
603 C C   . VAL A 77 ? 0.6762 0.4016 0.4834 -0.1277 0.0264  0.0162  88  VAL A C   
604 O O   . VAL A 77 ? 0.6410 0.3761 0.4739 -0.1445 0.0397  0.0092  88  VAL A O   
605 C CB  . VAL A 77 ? 0.6455 0.3998 0.4609 -0.1107 -0.0069 0.0400  88  VAL A CB  
606 C CG1 . VAL A 77 ? 0.6405 0.3709 0.4291 -0.0979 -0.0246 0.0452  88  VAL A CG1 
607 C CG2 . VAL A 77 ? 0.6080 0.3988 0.4671 -0.1266 -0.0030 0.0463  88  VAL A CG2 
608 N N   . PRO A 78 ? 0.6251 0.3686 0.4319 -0.1133 0.0208  0.0125  89  PRO A N   
609 C CA  . PRO A 78 ? 0.6094 0.3897 0.4485 -0.1174 0.0295  0.0026  89  PRO A CA  
610 C C   . PRO A 78 ? 0.6075 0.4599 0.4991 -0.1156 0.0201  0.0112  89  PRO A C   
611 O O   . PRO A 78 ? 0.5749 0.4538 0.4946 -0.1208 0.0257  0.0023  89  PRO A O   
612 C CB  . PRO A 78 ? 0.6465 0.4172 0.4610 -0.1001 0.0240  -0.0036 89  PRO A CB  
613 C CG  . PRO A 78 ? 0.6969 0.4426 0.4772 -0.0827 0.0076  0.0034  89  PRO A CG  
614 C CD  . PRO A 78 ? 0.6566 0.3880 0.4332 -0.0901 0.0042  0.0139  89  PRO A CD  
615 N N   . SER A 79 ? 0.5244 0.4041 0.4253 -0.1087 0.0055  0.0268  90  SER A N   
616 C CA  . SER A 79 ? 0.4899 0.4255 0.4261 -0.1096 -0.0033 0.0385  90  SER A CA  
617 C C   . SER A 79 ? 0.5371 0.4812 0.4746 -0.1096 -0.0146 0.0527  90  SER A C   
618 O O   . SER A 79 ? 0.5379 0.4532 0.4512 -0.1027 -0.0192 0.0514  90  SER A O   
619 C CB  . SER A 79 ? 0.4882 0.4683 0.4348 -0.0970 -0.0079 0.0374  90  SER A CB  
620 O OG  . SER A 79 ? 0.5287 0.5168 0.4621 -0.0823 -0.0163 0.0376  90  SER A OG  
621 N N   . PHE A 80 ? 0.4731 0.4527 0.4355 -0.1173 -0.0201 0.0649  91  PHE A N   
622 C CA  . PHE A 80 ? 0.4495 0.4488 0.4197 -0.1203 -0.0298 0.0772  91  PHE A CA  
623 C C   . PHE A 80 ? 0.4658 0.5084 0.4571 -0.1298 -0.0328 0.0897  91  PHE A C   
624 O O   . PHE A 80 ? 0.4507 0.4977 0.4469 -0.1332 -0.0305 0.0907  91  PHE A O   
625 C CB  . PHE A 80 ? 0.4756 0.4365 0.4383 -0.1292 -0.0315 0.0808  91  PHE A CB  
626 C CG  . PHE A 80 ? 0.4652 0.4136 0.4390 -0.1414 -0.0276 0.0817  91  PHE A CG  
627 C CD1 . PHE A 80 ? 0.5094 0.4283 0.4769 -0.1434 -0.0165 0.0672  91  PHE A CD1 
628 C CD2 . PHE A 80 ? 0.4776 0.4403 0.4668 -0.1513 -0.0357 0.0944  91  PHE A CD2 
629 C CE1 . PHE A 80 ? 0.5234 0.4362 0.5070 -0.1521 -0.0148 0.0619  91  PHE A CE1 
630 C CE2 . PHE A 80 ? 0.5241 0.4721 0.5221 -0.1580 -0.0366 0.0921  91  PHE A CE2 
631 C CZ  . PHE A 80 ? 0.4963 0.4234 0.4950 -0.1568 -0.0270 0.0741  91  PHE A CZ  
632 N N   . SER A 81 ? 0.4677 0.5386 0.4682 -0.1345 -0.0381 0.0976  92  SER A N   
633 C CA  . SER A 81 ? 0.4498 0.5540 0.4616 -0.1494 -0.0382 0.1109  92  SER A CA  
634 C C   . SER A 81 ? 0.4986 0.5770 0.5103 -0.1651 -0.0434 0.1237  92  SER A C   
635 O O   . SER A 81 ? 0.4928 0.5510 0.5056 -0.1671 -0.0482 0.1235  92  SER A O   
636 C CB  . SER A 81 ? 0.4602 0.6109 0.4853 -0.1510 -0.0383 0.1085  92  SER A CB  
637 O OG  . SER A 81 ? 0.5393 0.7148 0.5694 -0.1719 -0.0344 0.1217  92  SER A OG  
638 N N   . VAL A 82 ? 0.5145 0.5898 0.5210 -0.1746 -0.0448 0.1340  93  VAL A N   
639 C CA  . VAL A 82 ? 0.5347 0.5823 0.5366 -0.1884 -0.0530 0.1463  93  VAL A CA  
640 C C   . VAL A 82 ? 0.5740 0.6376 0.5783 -0.2077 -0.0535 0.1589  93  VAL A C   
641 O O   . VAL A 82 ? 0.5849 0.6217 0.5846 -0.2197 -0.0612 0.1686  93  VAL A O   
642 C CB  . VAL A 82 ? 0.5884 0.6171 0.5768 -0.1882 -0.0595 0.1510  93  VAL A CB  
643 C CG1 . VAL A 82 ? 0.5885 0.6110 0.5821 -0.1708 -0.0581 0.1335  93  VAL A CG1 
644 C CG2 . VAL A 82 ? 0.5894 0.6368 0.5595 -0.1989 -0.0573 0.1643  93  VAL A CG2 
645 N N   . LYS A 83 ? 0.5196 0.6279 0.5334 -0.2110 -0.0453 0.1556  94  LYS A N   
646 C CA  . LYS A 83 ? 0.5248 0.6595 0.5487 -0.2315 -0.0422 0.1608  94  LYS A CA  
647 C C   . LYS A 83 ? 0.5916 0.7238 0.6339 -0.2270 -0.0498 0.1521  94  LYS A C   
648 O O   . LYS A 83 ? 0.5810 0.7230 0.6338 -0.2451 -0.0512 0.1558  94  LYS A O   
649 C CB  . LYS A 83 ? 0.5241 0.7160 0.5579 -0.2347 -0.0296 0.1531  94  LYS A CB  
650 C CG  . LYS A 83 ? 0.6827 0.8788 0.6927 -0.2400 -0.0209 0.1615  94  LYS A CG  
651 C CD  . LYS A 83 ? 0.7971 1.0470 0.8192 -0.2286 -0.0103 0.1458  94  LYS A CD  
652 C CE  . LYS A 83 ? 0.8852 1.1631 0.8905 -0.2461 0.0048  0.1514  94  LYS A CE  
653 N NZ  . LYS A 83 ? 1.1253 1.4286 1.1362 -0.2791 0.0170  0.1557  94  LYS A NZ  
654 N N   . GLU A 84 ? 0.5423 0.6573 0.5843 -0.2043 -0.0548 0.1398  95  GLU A N   
655 C CA  . GLU A 84 ? 0.5074 0.6164 0.5576 -0.1950 -0.0639 0.1291  95  GLU A CA  
656 C C   . GLU A 84 ? 0.5171 0.5742 0.5560 -0.1983 -0.0714 0.1356  95  GLU A C   
657 O O   . GLU A 84 ? 0.4995 0.5199 0.5230 -0.1843 -0.0724 0.1294  95  GLU A O   
658 C CB  . GLU A 84 ? 0.5259 0.6307 0.5676 -0.1689 -0.0653 0.1133  95  GLU A CB  
659 C CG  . GLU A 84 ? 0.6042 0.7587 0.6567 -0.1603 -0.0598 0.1028  95  GLU A CG  
660 C CD  . GLU A 84 ? 0.9069 1.1061 0.9814 -0.1519 -0.0672 0.0856  95  GLU A CD  
661 O OE1 . GLU A 84 ? 1.0811 1.2863 1.1701 -0.1599 -0.0752 0.0836  95  GLU A OE1 
662 O OE2 . GLU A 84 ? 0.8109 1.0411 0.8902 -0.1355 -0.0663 0.0711  95  GLU A OE2 
663 N N   . HIS A 85 ? 0.4883 0.5398 0.5328 -0.2180 -0.0756 0.1467  96  HIS A N   
664 C CA  . HIS A 85 ? 0.5039 0.5056 0.5369 -0.2201 -0.0828 0.1521  96  HIS A CA  
665 C C   . HIS A 85 ? 0.5248 0.5020 0.5534 -0.2076 -0.0900 0.1416  96  HIS A C   
666 O O   . HIS A 85 ? 0.5060 0.4427 0.5194 -0.2010 -0.0897 0.1389  96  HIS A O   
667 C CB  . HIS A 85 ? 0.5094 0.5010 0.5431 -0.2428 -0.0879 0.1667  96  HIS A CB  
668 C CG  . HIS A 85 ? 0.5787 0.5713 0.6000 -0.2537 -0.0833 0.1792  96  HIS A CG  
669 N ND1 . HIS A 85 ? 0.6186 0.5918 0.6278 -0.2752 -0.0880 0.1943  96  HIS A ND1 
670 C CD2 . HIS A 85 ? 0.6056 0.6095 0.6189 -0.2449 -0.0762 0.1781  96  HIS A CD2 
671 C CE1 . HIS A 85 ? 0.6125 0.5827 0.6020 -0.2777 -0.0843 0.2024  96  HIS A CE1 
672 N NE2 . HIS A 85 ? 0.6162 0.6075 0.6104 -0.2591 -0.0774 0.1923  96  HIS A NE2 
673 N N   . ARG A 86 ? 0.5029 0.5034 0.5428 -0.2038 -0.0967 0.1330  97  ARG A N   
674 C CA  . ARG A 86 ? 0.5014 0.4701 0.5282 -0.1899 -0.1074 0.1230  97  ARG A CA  
675 C C   . ARG A 86 ? 0.5460 0.4815 0.5436 -0.1696 -0.1027 0.1142  97  ARG A C   
676 O O   . ARG A 86 ? 0.5732 0.4588 0.5449 -0.1642 -0.1037 0.1114  97  ARG A O   
677 C CB  . ARG A 86 ? 0.4825 0.4859 0.5291 -0.1865 -0.1197 0.1114  97  ARG A CB  
678 C CG  . ARG A 86 ? 0.4980 0.4646 0.5223 -0.1655 -0.1345 0.0985  97  ARG A CG  
679 C CD  . ARG A 86 ? 0.6508 0.5638 0.6553 -0.1716 -0.1374 0.1059  97  ARG A CD  
680 N NE  . ARG A 86 ? 0.5932 0.5230 0.6240 -0.1930 -0.1428 0.1132  97  ARG A NE  
681 C CZ  . ARG A 86 ? 0.5377 0.4327 0.5615 -0.2046 -0.1441 0.1224  97  ARG A CZ  
682 N NH1 . ARG A 86 ? 0.5818 0.4901 0.6270 -0.2243 -0.1503 0.1285  97  ARG A NH1 
683 N NH2 . ARG A 86 ? 0.5499 0.3969 0.5456 -0.1977 -0.1386 0.1233  97  ARG A NH2 
684 N N   . LYS A 87 ? 0.4977 0.4577 0.4962 -0.1603 -0.0961 0.1093  98  LYS A N   
685 C CA  . LYS A 87 ? 0.4990 0.4253 0.4674 -0.1439 -0.0902 0.1010  98  LYS A CA  
686 C C   . LYS A 87 ? 0.5569 0.4479 0.5131 -0.1523 -0.0774 0.1052  98  LYS A C   
687 O O   . LYS A 87 ? 0.5709 0.4144 0.4962 -0.1460 -0.0719 0.0976  98  LYS A O   
688 C CB  . LYS A 87 ? 0.5303 0.4936 0.5054 -0.1328 -0.0866 0.0943  98  LYS A CB  
689 C CG  . LYS A 87 ? 0.7024 0.6978 0.6873 -0.1172 -0.1009 0.0810  98  LYS A CG  
690 C CD  . LYS A 87 ? 0.7531 0.7914 0.7488 -0.1060 -0.0972 0.0720  98  LYS A CD  
691 C CE  . LYS A 87 ? 0.9135 0.9855 0.9215 -0.0861 -0.1140 0.0523  98  LYS A CE  
692 N NZ  . LYS A 87 ? 1.0882 1.1874 1.0969 -0.0683 -0.1130 0.0395  98  LYS A NZ  
693 N N   . ILE A 88 ? 0.5376 0.4484 0.5152 -0.1667 -0.0730 0.1147  99  ILE A N   
694 C CA  . ILE A 88 ? 0.5444 0.4280 0.5182 -0.1725 -0.0649 0.1135  99  ILE A CA  
695 C C   . ILE A 88 ? 0.5879 0.4321 0.5517 -0.1772 -0.0684 0.1117  99  ILE A C   
696 O O   . ILE A 88 ? 0.5912 0.4035 0.5425 -0.1776 -0.0585 0.1016  99  ILE A O   
697 C CB  . ILE A 88 ? 0.5781 0.4874 0.5717 -0.1819 -0.0657 0.1225  99  ILE A CB  
698 C CG1 . ILE A 88 ? 0.5691 0.5124 0.5669 -0.1761 -0.0596 0.1218  99  ILE A CG1 
699 C CG2 . ILE A 88 ? 0.5804 0.4640 0.5758 -0.1844 -0.0634 0.1162  99  ILE A CG2 
700 C CD1 . ILE A 88 ? 0.5287 0.4929 0.5350 -0.1835 -0.0617 0.1313  99  ILE A CD1 
701 N N   . TYR A 89 ? 0.5479 0.3958 0.5183 -0.1823 -0.0810 0.1189  100 TYR A N   
702 C CA  . TYR A 89 ? 0.5482 0.3583 0.5081 -0.1859 -0.0856 0.1166  100 TYR A CA  
703 C C   . TYR A 89 ? 0.5781 0.3450 0.5017 -0.1754 -0.0805 0.1051  100 TYR A C   
704 O O   . TYR A 89 ? 0.5806 0.3094 0.4871 -0.1789 -0.0720 0.0974  100 TYR A O   
705 C CB  . TYR A 89 ? 0.5582 0.3819 0.5342 -0.1948 -0.1012 0.1262  100 TYR A CB  
706 C CG  . TYR A 89 ? 0.5721 0.3967 0.5636 -0.2081 -0.1053 0.1353  100 TYR A CG  
707 C CD1 . TYR A 89 ? 0.5851 0.4328 0.5871 -0.2132 -0.1022 0.1427  100 TYR A CD1 
708 C CD2 . TYR A 89 ? 0.5786 0.3750 0.5688 -0.2137 -0.1145 0.1357  100 TYR A CD2 
709 C CE1 . TYR A 89 ? 0.5858 0.4233 0.5921 -0.2224 -0.1102 0.1508  100 TYR A CE1 
710 C CE2 . TYR A 89 ? 0.5711 0.3606 0.5703 -0.2229 -0.1222 0.1428  100 TYR A CE2 
711 C CZ  . TYR A 89 ? 0.6514 0.4586 0.6562 -0.2266 -0.1209 0.1505  100 TYR A CZ  
712 O OH  . TYR A 89 ? 0.6775 0.4675 0.6817 -0.2322 -0.1321 0.1567  100 TYR A OH  
713 N N   . THR A 90 ? 0.5323 0.3034 0.4410 -0.1624 -0.0856 0.1021  101 THR A N   
714 C CA  . THR A 90 ? 0.5715 0.2923 0.4323 -0.1492 -0.0839 0.0922  101 THR A CA  
715 C C   . THR A 90 ? 0.6656 0.3520 0.5006 -0.1525 -0.0626 0.0843  101 THR A C   
716 O O   . THR A 90 ? 0.7251 0.3546 0.5172 -0.1534 -0.0544 0.0772  101 THR A O   
717 C CB  . THR A 90 ? 0.6620 0.4009 0.5173 -0.1311 -0.0979 0.0883  101 THR A CB  
718 O OG1 . THR A 90 ? 0.5896 0.3655 0.4754 -0.1317 -0.1162 0.0909  101 THR A OG1 
719 C CG2 . THR A 90 ? 0.6341 0.3080 0.4273 -0.1133 -0.1017 0.0781  101 THR A CG2 
720 N N   . MET A 91 ? 0.5797 0.2980 0.4378 -0.1558 -0.0522 0.0841  102 MET A N   
721 C CA  . MET A 91 ? 0.6030 0.2966 0.4459 -0.1619 -0.0310 0.0732  102 MET A CA  
722 C C   . MET A 91 ? 0.7108 0.3916 0.5648 -0.1770 -0.0189 0.0657  102 MET A C   
723 O O   . MET A 91 ? 0.7762 0.4201 0.6058 -0.1850 0.0011  0.0516  102 MET A O   
724 C CB  . MET A 91 ? 0.6161 0.3509 0.4838 -0.1593 -0.0265 0.0727  102 MET A CB  
725 C CG  . MET A 91 ? 0.6522 0.3941 0.5039 -0.1430 -0.0351 0.0739  102 MET A CG  
726 S SD  . MET A 91 ? 0.6639 0.4504 0.5386 -0.1385 -0.0286 0.0711  102 MET A SD  
727 C CE  . MET A 91 ? 0.5618 0.4090 0.4853 -0.1460 -0.0364 0.0831  102 MET A CE  
728 N N   . ILE A 92 ? 0.6451 0.3544 0.5343 -0.1816 -0.0299 0.0725  103 ILE A N   
729 C CA  . ILE A 92 ? 0.6363 0.3325 0.5365 -0.1919 -0.0240 0.0627  103 ILE A CA  
730 C C   . ILE A 92 ? 0.7263 0.3739 0.5904 -0.1940 -0.0230 0.0596  103 ILE A C   
731 O O   . ILE A 92 ? 0.7573 0.3767 0.6081 -0.2032 -0.0057 0.0438  103 ILE A O   
732 C CB  . ILE A 92 ? 0.6361 0.3701 0.5786 -0.1936 -0.0400 0.0710  103 ILE A CB  
733 C CG1 . ILE A 92 ? 0.5969 0.3689 0.5639 -0.1908 -0.0392 0.0714  103 ILE A CG1 
734 C CG2 . ILE A 92 ? 0.6785 0.3983 0.6329 -0.1998 -0.0384 0.0577  103 ILE A CG2 
735 C CD1 . ILE A 92 ? 0.6149 0.4131 0.6073 -0.1914 -0.0570 0.0834  103 ILE A CD1 
736 N N   . TYR A 93 ? 0.7172 0.3558 0.5653 -0.1860 -0.0406 0.0714  104 TYR A N   
737 C CA  . TYR A 93 ? 0.7409 0.3294 0.5486 -0.1850 -0.0427 0.0680  104 TYR A CA  
738 C C   . TYR A 93 ? 0.8732 0.4028 0.6223 -0.1863 -0.0229 0.0567  104 TYR A C   
739 O O   . TYR A 93 ? 0.9136 0.3981 0.6303 -0.1942 -0.0117 0.0475  104 TYR A O   
740 C CB  . TYR A 93 ? 0.7678 0.3627 0.5720 -0.1732 -0.0684 0.0792  104 TYR A CB  
741 C CG  . TYR A 93 ? 0.7510 0.3855 0.6010 -0.1786 -0.0853 0.0888  104 TYR A CG  
742 C CD1 . TYR A 93 ? 0.7946 0.4196 0.6570 -0.1883 -0.0845 0.0856  104 TYR A CD1 
743 C CD2 . TYR A 93 ? 0.7281 0.4080 0.6076 -0.1758 -0.1010 0.0990  104 TYR A CD2 
744 C CE1 . TYR A 93 ? 0.8212 0.4725 0.7182 -0.1940 -0.1011 0.0949  104 TYR A CE1 
745 C CE2 . TYR A 93 ? 0.7172 0.4254 0.6318 -0.1857 -0.1139 0.1080  104 TYR A CE2 
746 C CZ  . TYR A 93 ? 0.8097 0.4990 0.7297 -0.1943 -0.1151 0.1072  104 TYR A CZ  
747 O OH  . TYR A 93 ? 0.8058 0.5122 0.7527 -0.2044 -0.1288 0.1165  104 TYR A OH  
748 N N   . ARG A 94 ? 0.8272 0.3521 0.5579 -0.1801 -0.0175 0.0566  105 ARG A N   
749 C CA  . ARG A 94 ? 0.8745 0.3397 0.5475 -0.1860 0.0058  0.0453  105 ARG A CA  
750 C C   . ARG A 94 ? 0.8601 0.3173 0.5407 -0.2085 0.0368  0.0276  105 ARG A C   
751 O O   . ARG A 94 ? 0.8581 0.2550 0.4831 -0.2200 0.0597  0.0165  105 ARG A O   
752 C CB  . ARG A 94 ? 0.9180 0.3888 0.5809 -0.1758 0.0055  0.0471  105 ARG A CB  
753 C CG  . ARG A 94 ? 1.1307 0.5898 0.7659 -0.1516 -0.0216 0.0558  105 ARG A CG  
754 C CD  . ARG A 94 ? 1.2852 0.7752 0.9337 -0.1392 -0.0269 0.0568  105 ARG A CD  
755 N NE  . ARG A 94 ? 1.3195 0.8063 0.9492 -0.1135 -0.0554 0.0594  105 ARG A NE  
756 C CZ  . ARG A 94 ? 1.4409 0.9865 1.1087 -0.0986 -0.0717 0.0612  105 ARG A CZ  
757 N NH1 . ARG A 94 ? 0.9001 0.5089 0.6223 -0.1074 -0.0623 0.0642  105 ARG A NH1 
758 N NH2 . ARG A 94 ? 1.3942 0.9364 1.0456 -0.0740 -0.0981 0.0572  105 ARG A NH2 
759 N N   . ASN A 95 ? 0.7792 0.2943 0.5253 -0.2148 0.0375  0.0226  106 ASN A N   
760 C CA  . ASN A 95 ? 0.7805 0.3010 0.5466 -0.2332 0.0634  -0.0008 106 ASN A CA  
761 C C   . ASN A 95 ? 0.8482 0.3781 0.6394 -0.2384 0.0602  -0.0091 106 ASN A C   
762 O O   . ASN A 95 ? 0.8461 0.4007 0.6739 -0.2488 0.0745  -0.0312 106 ASN A O   
763 C CB  . ASN A 95 ? 0.7934 0.3695 0.6127 -0.2328 0.0655  -0.0075 106 ASN A CB  
764 C CG  . ASN A 95 ? 0.8356 0.3989 0.6289 -0.2305 0.0741  -0.0053 106 ASN A CG  
765 O OD1 . ASN A 95 ? 0.7732 0.3023 0.5371 -0.2448 0.1008  -0.0216 106 ASN A OD1 
766 N ND2 . ASN A 95 ? 0.8227 0.4120 0.6252 -0.2138 0.0530  0.0130  106 ASN A ND2 
767 N N   . LEU A 96 ? 0.8093 0.3218 0.5844 -0.2302 0.0402  0.0049  107 LEU A N   
768 C CA  . LEU A 96 ? 0.7877 0.2998 0.5782 -0.2351 0.0380  -0.0047 107 LEU A CA  
769 C C   . LEU A 96 ? 0.8958 0.3409 0.6198 -0.2420 0.0520  -0.0103 107 LEU A C   
770 O O   . LEU A 96 ? 0.9115 0.3109 0.5782 -0.2359 0.0494  0.0012  107 LEU A O   
771 C CB  . LEU A 96 ? 0.7579 0.3030 0.5850 -0.2227 0.0040  0.0135  107 LEU A CB  
772 C CG  . LEU A 96 ? 0.7626 0.3608 0.6358 -0.2156 -0.0115 0.0256  107 LEU A CG  
773 C CD1 . LEU A 96 ? 0.7461 0.3649 0.6402 -0.2083 -0.0413 0.0460  107 LEU A CD1 
774 C CD2 . LEU A 96 ? 0.7256 0.3561 0.6402 -0.2202 -0.0013 0.0065  107 LEU A CD2 
775 N N   . VAL A 97 ? 0.8717 0.3080 0.5996 -0.2535 0.0661  -0.0302 108 VAL A N   
776 C CA  . VAL A 97 ? 1.0397 0.4102 0.7010 -0.2622 0.0815  -0.0373 108 VAL A CA  
777 C C   . VAL A 97 ? 0.9617 0.3057 0.5917 -0.2439 0.0496  -0.0141 108 VAL A C   
778 O O   . VAL A 97 ? 1.0136 0.4030 0.6934 -0.2312 0.0200  -0.0005 108 VAL A O   
779 C CB  . VAL A 97 ? 1.0789 0.4585 0.7627 -0.2758 0.0990  -0.0649 108 VAL A CB  
780 C CG1 . VAL A 97 ? 1.1288 0.4387 0.7392 -0.2836 0.1123  -0.0698 108 VAL A CG1 
781 C CG2 . VAL A 97 ? 1.0627 0.4716 0.7797 -0.2949 0.1328  -0.0956 108 VAL A CG2 
# 
